data_5M1E
#
_entry.id   5M1E
#
_cell.length_a   194.520
_cell.length_b   194.520
_cell.length_c   107.410
_cell.angle_alpha   90.00
_cell.angle_beta   90.00
_cell.angle_gamma   90.00
#
_symmetry.space_group_name_H-M   'P 43 21 2'
#
loop_
_entity.id
_entity.type
_entity.pdbx_description
1 polymer '3-octaprenyl-4-hydroxybenzoate carboxy-lyase'
2 non-polymer 'MANGANESE (II) ION'
3 non-polymer '(16~{R})-11,12,14,14-tetramethyl-3,5-bis(oxidanylidene)-8-[(2~{S},3~{S},4~{R})-2,3,4-tris(oxidanyl)-5-phosphonooxy-pentyl]-1,4,6,8-tetrazatetracyclo[7.7.1.0^{2,7}.0^{13,17}]heptadeca-2(7),9(17),10,12-tetraene-16-sulfonic acid'
4 non-polymer 'SODIUM ION'
5 water water
#
_entity_poly.entity_id   1
_entity_poly.type   'polypeptide(L)'
_entity_poly.pdbx_seq_one_letter_code
;MGSSHHHHHHSSGLVPRGSHMDAMKYNDLRDFLTLLEQQGELKRITLPVDPHLEITEIADRTLRAGGPALLFENPKGYSM
PVLCNLFGTPKRVAMGMGQEDVSALREVGKLLAFLKEPEPPKGFRDLFDKLPQFKQVLNMPTKRLRGAPCQQKIVSGDDV
DLNRIPIMTCWPEDAAPLITWGLTVTRGPHKERQNLGIYRQQLIGKNKLIMRWLSHRGGALDYQEWCAAHPGERFPVSVA
LGADPATILGAVTPVPDTLSEYAFAGLLRGTKTEVVKCISNDLEVPASAEIVLEGYIEQGETAPEGPYGDHTGYYNEVDS
FPVFTVTHITQREDAIYHSTYTGRPPDEPAVLGVALNEVFVPILQKQFPEIVDFYLPPEGCSYRLAVVTIKKQYAGHAKR
VMMGVWSFLRQFMYTKFVIVCDDDVNARDWNDVIWAITTRMDPARDTVLVENTPIDYLDFASPVSGLGSKMGLDATNKWP
GETQREWGRPIKKDPDVVAHIDAIWDELAIFNNGKSA
;
_entity_poly.pdbx_strand_id   A,B,C
#
# COMPACT_ATOMS: atom_id res chain seq x y z
N TYR A 26 6.02 15.11 -37.92
CA TYR A 26 5.03 15.69 -36.92
C TYR A 26 3.63 15.05 -37.01
N ASN A 27 3.31 14.25 -35.98
CA ASN A 27 2.12 13.42 -35.97
C ASN A 27 0.96 14.20 -35.43
N ASP A 28 -0.04 14.42 -36.30
CA ASP A 28 -1.35 14.90 -35.86
C ASP A 28 -2.20 13.75 -35.33
N LEU A 29 -3.46 14.03 -34.99
CA LEU A 29 -4.34 12.99 -34.42
C LEU A 29 -4.62 11.84 -35.40
N ARG A 30 -4.84 12.18 -36.67
CA ARG A 30 -5.13 11.15 -37.68
C ARG A 30 -3.97 10.16 -37.78
N ASP A 31 -2.73 10.65 -37.69
CA ASP A 31 -1.57 9.76 -37.76
C ASP A 31 -1.59 8.80 -36.59
N PHE A 32 -2.03 9.28 -35.44
CA PHE A 32 -2.16 8.45 -34.26
C PHE A 32 -3.24 7.38 -34.46
N LEU A 33 -4.39 7.78 -35.02
CA LEU A 33 -5.46 6.81 -35.24
C LEU A 33 -5.02 5.71 -36.20
N THR A 34 -4.23 6.07 -37.21
CA THR A 34 -3.65 5.09 -38.14
C THR A 34 -2.69 4.14 -37.44
N LEU A 35 -1.84 4.67 -36.57
CA LEU A 35 -0.94 3.83 -35.77
C LEU A 35 -1.73 2.84 -34.90
N LEU A 36 -2.76 3.34 -34.23
CA LEU A 36 -3.59 2.48 -33.43
C LEU A 36 -4.26 1.42 -34.27
N GLU A 37 -4.79 1.78 -35.43
CA GLU A 37 -5.48 0.80 -36.23
C GLU A 37 -4.54 -0.33 -36.66
N GLN A 38 -3.33 0.03 -37.08
CA GLN A 38 -2.29 -0.95 -37.42
C GLN A 38 -2.03 -1.95 -36.27
N GLN A 39 -2.11 -1.48 -35.03
CA GLN A 39 -1.79 -2.30 -33.87
C GLN A 39 -3.02 -2.96 -33.22
N GLY A 40 -4.18 -2.96 -33.89
CA GLY A 40 -5.40 -3.61 -33.36
C GLY A 40 -5.94 -2.89 -32.13
N GLU A 41 -5.68 -1.59 -32.05
CA GLU A 41 -6.11 -0.76 -30.92
C GLU A 41 -7.22 0.25 -31.28
N LEU A 42 -7.80 0.12 -32.46
CA LEU A 42 -8.83 1.02 -32.90
C LEU A 42 -9.80 0.23 -33.74
N LYS A 43 -11.07 0.31 -33.35
CA LYS A 43 -12.13 -0.33 -34.07
C LYS A 43 -13.03 0.72 -34.70
N ARG A 44 -13.28 0.57 -36.01
CA ARG A 44 -14.26 1.39 -36.71
C ARG A 44 -15.61 0.74 -36.65
N ILE A 45 -16.61 1.43 -36.10
CA ILE A 45 -17.99 0.92 -36.05
C ILE A 45 -18.80 1.51 -37.18
N THR A 46 -19.30 0.64 -38.06
CA THR A 46 -20.12 1.08 -39.17
C THR A 46 -21.62 1.05 -38.90
N LEU A 47 -22.05 0.32 -37.89
CA LEU A 47 -23.46 0.33 -37.50
C LEU A 47 -23.93 1.73 -37.06
N PRO A 48 -25.21 2.05 -37.29
CA PRO A 48 -25.71 3.34 -36.80
C PRO A 48 -25.79 3.37 -35.28
N VAL A 49 -25.26 4.42 -34.66
CA VAL A 49 -25.29 4.53 -33.20
C VAL A 49 -25.61 5.94 -32.81
N ASP A 50 -26.54 6.08 -31.85
CA ASP A 50 -26.96 7.41 -31.42
C ASP A 50 -25.90 8.04 -30.49
N PRO A 51 -25.50 9.29 -30.73
CA PRO A 51 -24.72 10.02 -29.71
C PRO A 51 -25.48 10.29 -28.41
N HIS A 52 -26.82 10.28 -28.48
CA HIS A 52 -27.64 10.36 -27.32
C HIS A 52 -27.62 8.98 -26.65
N LEU A 53 -26.84 8.86 -25.58
CA LEU A 53 -26.76 7.65 -24.71
C LEU A 53 -26.10 6.38 -25.24
N GLU A 54 -26.19 6.08 -26.53
CA GLU A 54 -25.81 4.78 -27.01
C GLU A 54 -24.33 4.64 -27.10
N ILE A 55 -23.66 5.68 -27.56
CA ILE A 55 -22.19 5.65 -27.67
C ILE A 55 -21.55 5.43 -26.30
N THR A 56 -22.04 6.14 -25.29
CA THR A 56 -21.56 5.98 -23.97
C THR A 56 -21.69 4.54 -23.50
N GLU A 57 -22.83 3.93 -23.72
CA GLU A 57 -22.99 2.52 -23.30
C GLU A 57 -21.93 1.60 -23.93
N ILE A 58 -21.73 1.76 -25.22
CA ILE A 58 -20.77 0.95 -25.94
C ILE A 58 -19.36 1.21 -25.42
N ALA A 59 -19.03 2.48 -25.23
CA ALA A 59 -17.68 2.84 -24.78
C ALA A 59 -17.41 2.31 -23.37
N ASP A 60 -18.42 2.39 -22.50
CA ASP A 60 -18.34 1.91 -21.19
C ASP A 60 -18.06 0.40 -21.18
N ARG A 61 -18.81 -0.38 -21.90
CA ARG A 61 -18.49 -1.81 -21.91
C ARG A 61 -17.08 -2.07 -22.41
N THR A 62 -16.68 -1.29 -23.41
CA THR A 62 -15.41 -1.52 -24.08
C THR A 62 -14.27 -1.20 -23.15
N LEU A 63 -14.39 -0.08 -22.44
CA LEU A 63 -13.35 0.34 -21.51
C LEU A 63 -13.25 -0.66 -20.38
N ARG A 64 -14.37 -1.15 -19.90
CA ARG A 64 -14.41 -2.06 -18.78
C ARG A 64 -13.81 -3.40 -19.12
N ALA A 65 -13.76 -3.73 -20.40
CA ALA A 65 -13.12 -4.96 -20.88
C ALA A 65 -11.72 -4.71 -21.46
N GLY A 66 -11.15 -3.52 -21.24
CA GLY A 66 -9.82 -3.24 -21.75
C GLY A 66 -9.72 -3.28 -23.28
N GLY A 67 -10.78 -2.89 -23.97
CA GLY A 67 -10.82 -2.95 -25.43
C GLY A 67 -10.22 -1.73 -26.12
N PRO A 68 -10.37 -1.66 -27.44
CA PRO A 68 -9.72 -0.63 -28.23
C PRO A 68 -10.40 0.71 -28.12
N ALA A 69 -9.79 1.71 -28.74
CA ALA A 69 -10.45 2.97 -28.97
C ALA A 69 -11.52 2.78 -30.07
N LEU A 70 -12.44 3.72 -30.16
CA LEU A 70 -13.62 3.50 -30.99
C LEU A 70 -13.87 4.68 -31.90
N LEU A 71 -14.08 4.41 -33.19
CA LEU A 71 -14.44 5.42 -34.17
C LEU A 71 -15.77 5.05 -34.78
N PHE A 72 -16.78 5.84 -34.45
CA PHE A 72 -18.15 5.60 -34.90
C PHE A 72 -18.32 6.37 -36.20
N GLU A 73 -18.25 5.64 -37.31
CA GLU A 73 -18.35 6.25 -38.63
C GLU A 73 -19.79 6.60 -39.02
N ASN A 74 -20.79 6.11 -38.29
CA ASN A 74 -22.16 6.30 -38.70
C ASN A 74 -23.01 6.70 -37.53
N PRO A 75 -22.75 7.89 -37.00
CA PRO A 75 -23.60 8.37 -35.88
C PRO A 75 -25.00 8.75 -36.38
N LYS A 76 -26.03 8.27 -35.72
CA LYS A 76 -27.39 8.56 -36.19
C LYS A 76 -27.70 10.03 -36.19
N GLY A 77 -28.00 10.57 -37.37
CA GLY A 77 -28.38 11.97 -37.49
C GLY A 77 -27.26 12.98 -37.78
N TYR A 78 -26.05 12.48 -38.02
CA TYR A 78 -24.90 13.34 -38.28
C TYR A 78 -24.00 12.70 -39.33
N SER A 79 -23.12 13.50 -39.90
CA SER A 79 -22.20 13.00 -40.91
C SER A 79 -20.75 12.90 -40.40
N MET A 80 -20.49 13.55 -39.28
CA MET A 80 -19.15 13.66 -38.71
C MET A 80 -18.92 12.48 -37.77
N PRO A 81 -17.96 11.61 -38.07
CA PRO A 81 -17.65 10.48 -37.16
C PRO A 81 -17.28 10.89 -35.77
N VAL A 82 -17.54 9.99 -34.80
CA VAL A 82 -17.30 10.30 -33.40
C VAL A 82 -16.26 9.37 -32.85
N LEU A 83 -15.23 9.96 -32.26
CA LEU A 83 -14.13 9.18 -31.72
C LEU A 83 -14.21 9.21 -30.23
N CYS A 84 -14.18 8.03 -29.60
CA CYS A 84 -14.02 8.05 -28.16
C CYS A 84 -13.23 6.86 -27.65
N ASN A 85 -13.15 6.75 -26.34
CA ASN A 85 -12.33 5.78 -25.67
C ASN A 85 -10.90 5.87 -26.15
N LEU A 86 -10.45 7.07 -26.49
CA LEU A 86 -9.11 7.17 -27.12
C LEU A 86 -8.06 6.65 -26.15
N PHE A 87 -8.12 7.14 -24.93
CA PHE A 87 -7.15 6.82 -23.90
C PHE A 87 -7.73 5.88 -22.84
N GLY A 88 -8.46 4.87 -23.28
CA GLY A 88 -9.15 3.94 -22.36
C GLY A 88 -8.25 2.89 -21.76
N THR A 89 -6.99 2.89 -22.15
CA THR A 89 -6.06 1.89 -21.72
C THR A 89 -4.71 2.61 -21.44
N PRO A 90 -3.97 2.17 -20.41
CA PRO A 90 -2.65 2.75 -20.15
C PRO A 90 -1.69 2.74 -21.37
N LYS A 91 -1.69 1.64 -22.09
CA LYS A 91 -0.88 1.45 -23.28
C LYS A 91 -1.08 2.59 -24.28
N ARG A 92 -2.33 2.92 -24.54
CA ARG A 92 -2.67 3.97 -25.48
C ARG A 92 -2.29 5.34 -24.95
N VAL A 93 -2.33 5.52 -23.63
CA VAL A 93 -1.78 6.74 -23.09
C VAL A 93 -0.29 6.85 -23.42
N ALA A 94 0.43 5.77 -23.19
CA ALA A 94 1.86 5.73 -23.47
C ALA A 94 2.16 5.95 -24.94
N MET A 95 1.49 5.17 -25.79
CA MET A 95 1.62 5.36 -27.22
C MET A 95 1.37 6.81 -27.62
N GLY A 96 0.43 7.48 -26.96
CA GLY A 96 0.16 8.88 -27.21
C GLY A 96 1.30 9.85 -26.92
N MET A 97 2.31 9.40 -26.18
CA MET A 97 3.54 10.17 -25.94
C MET A 97 4.75 9.54 -26.63
N GLY A 98 4.51 8.79 -27.69
CA GLY A 98 5.60 8.11 -28.43
C GLY A 98 6.38 7.00 -27.71
N GLN A 99 5.86 6.49 -26.59
CA GLN A 99 6.53 5.46 -25.77
C GLN A 99 5.89 4.07 -25.80
N GLU A 100 6.64 3.09 -25.31
CA GLU A 100 6.17 1.70 -25.11
C GLU A 100 5.25 1.61 -23.87
N ASP A 101 5.74 2.23 -22.80
CA ASP A 101 5.16 2.17 -21.46
C ASP A 101 5.03 3.59 -20.87
N VAL A 102 4.61 3.66 -19.60
CA VAL A 102 4.11 4.88 -18.95
C VAL A 102 5.16 5.75 -18.18
N SER A 103 6.34 5.18 -17.97
CA SER A 103 7.34 5.68 -17.02
C SER A 103 8.16 6.90 -17.49
N ALA A 104 7.93 7.38 -18.70
CA ALA A 104 8.48 8.68 -19.08
C ALA A 104 7.83 9.80 -18.24
N LEU A 105 6.64 9.55 -17.74
CA LEU A 105 5.96 10.50 -16.87
C LEU A 105 6.68 10.68 -15.55
N ARG A 106 7.40 9.66 -15.11
CA ARG A 106 8.24 9.81 -13.92
C ARG A 106 9.26 10.95 -14.13
N GLU A 107 9.90 10.98 -15.31
CA GLU A 107 10.87 12.03 -15.61
C GLU A 107 10.25 13.44 -15.54
N VAL A 108 9.02 13.58 -16.02
CA VAL A 108 8.30 14.84 -15.87
C VAL A 108 8.13 15.24 -14.41
N GLY A 109 7.83 14.23 -13.58
CA GLY A 109 7.69 14.44 -12.17
C GLY A 109 8.93 15.01 -11.60
N LYS A 110 10.08 14.42 -11.96
CA LYS A 110 11.35 14.92 -11.47
C LYS A 110 11.59 16.37 -11.90
N LEU A 111 11.15 16.70 -13.11
CA LEU A 111 11.32 18.03 -13.67
C LEU A 111 10.53 19.08 -12.89
N LEU A 112 9.21 18.87 -12.83
CA LEU A 112 8.32 19.73 -12.11
C LEU A 112 8.69 19.92 -10.62
N ALA A 113 9.37 18.93 -10.04
CA ALA A 113 9.94 19.02 -8.68
C ALA A 113 11.01 20.11 -8.58
N PHE A 114 12.02 20.09 -9.46
CA PHE A 114 13.22 20.97 -9.35
C PHE A 114 12.87 22.47 -9.18
N LEU A 115 11.73 22.86 -9.76
CA LEU A 115 11.30 24.28 -9.79
C LEU A 115 10.78 24.97 -8.48
N LYS A 116 10.62 24.23 -7.38
CA LYS A 116 10.03 24.75 -6.12
C LYS A 116 10.87 24.44 -4.86
N LYS A 135 16.90 24.99 -16.19
CA LYS A 135 16.20 24.36 -17.32
C LYS A 135 15.42 25.44 -18.12
N GLN A 136 16.20 26.46 -18.53
CA GLN A 136 15.75 27.62 -19.35
C GLN A 136 15.06 27.28 -20.71
N VAL A 137 15.35 26.11 -21.28
CA VAL A 137 14.79 25.69 -22.59
C VAL A 137 13.52 24.81 -22.43
N LEU A 138 12.90 24.93 -21.24
CA LEU A 138 11.48 24.58 -20.98
C LEU A 138 10.56 25.81 -21.17
N ASN A 139 11.16 26.97 -21.51
CA ASN A 139 10.44 28.12 -22.11
C ASN A 139 10.31 27.94 -23.64
N MET A 140 10.40 26.68 -24.10
CA MET A 140 10.14 26.23 -25.47
C MET A 140 8.75 26.63 -26.01
N PRO A 141 8.72 27.59 -26.97
CA PRO A 141 7.46 28.16 -27.43
C PRO A 141 6.70 27.28 -28.43
N THR A 142 5.60 27.82 -28.94
CA THR A 142 4.86 27.19 -30.02
C THR A 142 5.49 27.56 -31.35
N LYS A 143 5.30 26.72 -32.35
CA LYS A 143 5.65 27.04 -33.70
C LYS A 143 4.39 27.37 -34.46
N ARG A 144 4.27 28.64 -34.83
CA ARG A 144 3.07 29.16 -35.47
C ARG A 144 3.10 29.09 -37.02
N LEU A 145 2.18 28.31 -37.58
CA LEU A 145 1.99 28.27 -39.02
C LEU A 145 1.04 29.42 -39.41
N ARG A 146 1.14 29.92 -40.64
CA ARG A 146 0.06 30.79 -41.14
C ARG A 146 -0.79 29.98 -42.13
N GLY A 147 -1.98 29.60 -41.67
CA GLY A 147 -2.83 28.66 -42.39
C GLY A 147 -2.59 27.23 -41.96
N ALA A 148 -3.69 26.51 -41.78
CA ALA A 148 -3.68 25.20 -41.13
C ALA A 148 -4.90 24.38 -41.50
N PRO A 149 -4.79 23.03 -41.46
CA PRO A 149 -5.95 22.20 -41.82
C PRO A 149 -7.24 22.50 -41.04
N CYS A 150 -7.09 22.87 -39.76
CA CYS A 150 -8.24 23.19 -38.91
C CYS A 150 -9.03 24.43 -39.34
N GLN A 151 -8.50 25.20 -40.31
CA GLN A 151 -9.22 26.35 -40.89
C GLN A 151 -9.60 26.13 -42.36
N GLN A 152 -9.66 24.87 -42.79
CA GLN A 152 -10.16 24.52 -44.15
C GLN A 152 -11.60 24.98 -44.41
N LYS A 153 -12.49 24.80 -43.42
CA LYS A 153 -13.90 25.19 -43.50
C LYS A 153 -14.26 26.06 -42.31
N ILE A 154 -14.89 27.19 -42.61
CA ILE A 154 -15.18 28.23 -41.65
C ILE A 154 -16.60 28.69 -41.76
N VAL A 155 -17.25 28.84 -40.62
CA VAL A 155 -18.64 29.28 -40.53
C VAL A 155 -18.63 30.34 -39.45
N SER A 156 -19.38 31.43 -39.61
CA SER A 156 -19.39 32.46 -38.56
C SER A 156 -20.71 33.19 -38.42
N GLY A 157 -20.84 33.99 -37.36
CA GLY A 157 -22.09 34.66 -36.99
C GLY A 157 -23.34 33.80 -36.87
N ASP A 158 -24.29 33.99 -37.77
CA ASP A 158 -25.57 33.36 -37.66
C ASP A 158 -25.51 32.00 -38.27
N ASP A 159 -24.49 31.71 -39.06
CA ASP A 159 -24.37 30.35 -39.63
C ASP A 159 -23.85 29.30 -38.61
N VAL A 160 -23.32 29.77 -37.47
CA VAL A 160 -22.81 28.92 -36.42
C VAL A 160 -23.99 28.13 -35.88
N ASP A 161 -23.87 26.81 -35.94
CA ASP A 161 -24.88 25.92 -35.42
C ASP A 161 -24.24 24.65 -34.82
N LEU A 162 -24.03 24.69 -33.51
CA LEU A 162 -23.46 23.58 -32.79
C LEU A 162 -24.27 22.30 -32.88
N ASN A 163 -25.58 22.40 -33.14
CA ASN A 163 -26.43 21.24 -33.35
C ASN A 163 -26.05 20.33 -34.52
N ARG A 164 -25.23 20.81 -35.43
CA ARG A 164 -24.74 20.00 -36.54
C ARG A 164 -23.64 19.02 -36.04
N ILE A 165 -23.08 19.27 -34.87
CA ILE A 165 -21.99 18.46 -34.34
C ILE A 165 -22.57 17.37 -33.44
N PRO A 166 -22.04 16.13 -33.55
CA PRO A 166 -22.58 14.98 -32.81
C PRO A 166 -22.19 14.97 -31.36
N ILE A 167 -22.50 16.06 -30.65
CA ILE A 167 -22.18 16.19 -29.24
C ILE A 167 -22.95 15.10 -28.49
N MET A 168 -22.25 14.44 -27.56
CA MET A 168 -22.84 13.29 -26.88
C MET A 168 -23.65 13.72 -25.65
N THR A 169 -24.71 12.98 -25.38
CA THR A 169 -25.40 13.04 -24.12
C THR A 169 -25.03 11.72 -23.46
N CYS A 170 -24.49 11.80 -22.27
CA CYS A 170 -23.83 10.65 -21.67
C CYS A 170 -24.79 9.83 -20.81
N TRP A 171 -25.59 10.48 -19.96
CA TRP A 171 -26.41 9.75 -19.02
C TRP A 171 -27.85 10.22 -19.05
N PRO A 172 -28.79 9.32 -18.73
CA PRO A 172 -30.21 9.66 -18.92
C PRO A 172 -30.74 10.95 -18.27
N GLU A 173 -30.22 11.36 -17.12
CA GLU A 173 -30.74 12.60 -16.51
C GLU A 173 -29.79 13.80 -16.68
N ASP A 174 -28.82 13.68 -17.59
CA ASP A 174 -27.97 14.77 -17.90
C ASP A 174 -28.84 15.86 -18.54
N ALA A 175 -28.51 17.12 -18.30
CA ALA A 175 -29.38 18.20 -18.71
C ALA A 175 -29.40 18.42 -20.23
N ALA A 176 -28.31 18.13 -20.92
CA ALA A 176 -28.17 18.47 -22.35
C ALA A 176 -26.89 17.85 -22.91
N PRO A 177 -26.73 17.89 -24.22
CA PRO A 177 -25.46 17.36 -24.74
C PRO A 177 -24.28 18.14 -24.18
N LEU A 178 -23.15 17.45 -24.08
CA LEU A 178 -22.02 17.97 -23.35
C LEU A 178 -20.73 17.76 -24.12
N ILE A 179 -19.98 18.83 -24.31
CA ILE A 179 -18.67 18.74 -24.92
C ILE A 179 -17.62 18.45 -23.84
N THR A 180 -16.88 17.36 -24.03
CA THR A 180 -16.07 16.77 -22.98
C THR A 180 -14.59 16.68 -23.30
N TRP A 181 -14.19 16.86 -24.56
CA TRP A 181 -12.75 16.81 -24.87
C TRP A 181 -12.26 18.08 -25.54
N GLY A 182 -12.88 19.20 -25.22
CA GLY A 182 -12.41 20.51 -25.67
C GLY A 182 -11.20 20.97 -24.88
N LEU A 183 -10.12 21.30 -25.59
CA LEU A 183 -9.00 22.05 -25.04
C LEU A 183 -9.35 23.53 -25.03
N THR A 184 -9.69 24.09 -23.88
CA THR A 184 -9.97 25.51 -23.78
C THR A 184 -8.68 26.30 -23.67
N VAL A 185 -8.55 27.31 -24.52
CA VAL A 185 -7.35 28.13 -24.54
C VAL A 185 -7.67 29.53 -24.07
N THR A 186 -6.86 30.05 -23.13
CA THR A 186 -7.06 31.40 -22.58
C THR A 186 -5.75 32.08 -22.29
N ARG A 187 -5.80 33.41 -22.36
CA ARG A 187 -4.75 34.30 -21.84
C ARG A 187 -5.34 35.19 -20.76
N GLY A 188 -4.52 35.50 -19.76
CA GLY A 188 -4.88 36.48 -18.75
C GLY A 188 -4.33 37.83 -19.18
N PRO A 189 -4.71 38.90 -18.47
CA PRO A 189 -4.23 40.25 -18.82
C PRO A 189 -2.76 40.53 -18.42
N HIS A 190 -2.21 39.79 -17.45
CA HIS A 190 -0.91 40.12 -16.85
C HIS A 190 0.29 39.37 -17.44
N LYS A 191 0.11 38.13 -17.86
CA LYS A 191 1.19 37.41 -18.54
C LYS A 191 0.76 36.95 -19.92
N GLU A 192 1.73 36.47 -20.69
CA GLU A 192 1.54 36.08 -22.08
C GLU A 192 1.15 34.60 -22.18
N ARG A 193 1.58 33.80 -21.21
CA ARG A 193 1.30 32.38 -21.10
C ARG A 193 -0.14 32.03 -21.57
N GLN A 194 -0.25 31.04 -22.46
CA GLN A 194 -1.54 30.47 -22.84
C GLN A 194 -1.84 29.21 -22.05
N ASN A 195 -2.93 29.19 -21.25
CA ASN A 195 -3.34 27.97 -20.53
C ASN A 195 -4.24 27.11 -21.41
N LEU A 196 -4.09 25.80 -21.27
CA LEU A 196 -5.00 24.83 -21.83
C LEU A 196 -5.59 24.03 -20.69
N GLY A 197 -6.92 23.93 -20.67
CA GLY A 197 -7.60 23.08 -19.73
C GLY A 197 -8.78 22.41 -20.40
N ILE A 198 -9.22 21.30 -19.81
CA ILE A 198 -10.40 20.62 -20.26
C ILE A 198 -11.49 21.00 -19.27
N TYR A 199 -12.45 21.76 -19.76
CA TYR A 199 -13.60 22.15 -18.99
C TYR A 199 -14.84 21.73 -19.76
N ARG A 200 -15.67 20.99 -19.10
CA ARG A 200 -16.90 20.54 -19.63
C ARG A 200 -17.82 21.67 -20.06
N GLN A 201 -18.53 21.48 -21.17
CA GLN A 201 -19.26 22.55 -21.84
C GLN A 201 -20.64 22.10 -22.31
N GLN A 202 -21.65 22.59 -21.62
CA GLN A 202 -23.03 22.22 -21.88
C GLN A 202 -23.59 22.98 -23.05
N LEU A 203 -24.35 22.33 -23.90
CA LEU A 203 -25.00 23.00 -25.01
C LEU A 203 -26.25 23.71 -24.55
N ILE A 204 -26.34 25.02 -24.80
CA ILE A 204 -27.54 25.76 -24.47
C ILE A 204 -28.14 26.58 -25.61
N GLY A 205 -27.53 26.53 -26.80
CA GLY A 205 -28.07 27.23 -27.96
C GLY A 205 -27.26 26.98 -29.22
N LYS A 206 -27.80 27.39 -30.38
CA LYS A 206 -27.08 27.29 -31.65
C LYS A 206 -25.61 27.70 -31.51
N ASN A 207 -25.38 28.73 -30.70
CA ASN A 207 -24.05 29.29 -30.58
C ASN A 207 -23.61 29.58 -29.17
N LYS A 208 -24.14 28.84 -28.20
CA LYS A 208 -23.86 29.15 -26.81
C LYS A 208 -23.54 27.87 -26.06
N LEU A 209 -22.42 27.90 -25.33
CA LEU A 209 -22.03 26.84 -24.44
C LEU A 209 -21.87 27.42 -23.06
N ILE A 210 -22.03 26.63 -22.01
CA ILE A 210 -21.64 27.02 -20.66
C ILE A 210 -20.20 26.56 -20.45
N MET A 211 -19.38 27.41 -19.85
CA MET A 211 -17.97 27.10 -19.62
C MET A 211 -17.79 26.72 -18.14
N ARG A 212 -17.74 25.42 -17.87
CA ARG A 212 -17.62 24.97 -16.46
C ARG A 212 -16.19 24.74 -15.98
N TRP A 213 -15.44 25.83 -15.86
CA TRP A 213 -14.17 25.77 -15.17
C TRP A 213 -14.40 25.96 -13.65
N LEU A 214 -13.84 25.05 -12.85
CA LEU A 214 -13.85 25.26 -11.41
C LEU A 214 -12.87 26.41 -11.09
N SER A 215 -12.97 27.00 -9.90
CA SER A 215 -12.43 28.36 -9.66
C SER A 215 -10.90 28.47 -9.52
N HIS A 216 -10.22 27.32 -9.39
CA HIS A 216 -8.76 27.28 -9.25
C HIS A 216 -8.04 27.01 -10.59
N ARG A 217 -8.83 26.80 -11.64
CA ARG A 217 -8.32 26.56 -12.98
C ARG A 217 -7.71 27.79 -13.64
N GLY A 218 -6.78 27.54 -14.55
CA GLY A 218 -6.12 28.60 -15.29
C GLY A 218 -7.15 29.47 -16.00
N GLY A 219 -8.05 28.83 -16.75
CA GLY A 219 -9.06 29.58 -17.47
C GLY A 219 -9.86 30.49 -16.57
N ALA A 220 -10.31 29.95 -15.45
CA ALA A 220 -11.17 30.70 -14.53
C ALA A 220 -10.46 31.92 -13.93
N LEU A 221 -9.17 31.73 -13.60
CA LEU A 221 -8.35 32.78 -13.00
C LEU A 221 -8.05 33.84 -14.03
N ASP A 222 -7.84 33.42 -15.28
CA ASP A 222 -7.66 34.38 -16.36
C ASP A 222 -8.91 35.24 -16.53
N TYR A 223 -10.08 34.61 -16.59
CA TYR A 223 -11.33 35.37 -16.74
C TYR A 223 -11.55 36.33 -15.60
N GLN A 224 -11.29 35.85 -14.38
CA GLN A 224 -11.51 36.64 -13.18
C GLN A 224 -10.63 37.90 -13.19
N GLU A 225 -9.38 37.73 -13.61
CA GLU A 225 -8.44 38.82 -13.75
C GLU A 225 -8.80 39.76 -14.89
N TRP A 226 -9.24 39.21 -16.01
CA TRP A 226 -9.70 40.02 -17.12
C TRP A 226 -10.82 40.94 -16.67
N CYS A 227 -11.81 40.40 -15.98
CA CYS A 227 -12.92 41.19 -15.42
C CYS A 227 -12.45 42.37 -14.57
N ALA A 228 -11.53 42.13 -13.66
CA ALA A 228 -11.04 43.22 -12.78
C ALA A 228 -10.30 44.28 -13.59
N ALA A 229 -9.51 43.83 -14.56
CA ALA A 229 -8.62 44.70 -15.30
C ALA A 229 -9.29 45.44 -16.49
N HIS A 230 -10.43 44.94 -16.98
CA HIS A 230 -11.12 45.53 -18.15
C HIS A 230 -12.65 45.45 -17.98
N PRO A 231 -13.23 46.18 -17.02
CA PRO A 231 -14.67 46.01 -16.76
C PRO A 231 -15.53 46.07 -18.02
N GLY A 232 -16.44 45.12 -18.17
CA GLY A 232 -17.40 45.11 -19.29
C GLY A 232 -16.90 44.72 -20.68
N GLU A 233 -15.63 44.40 -20.83
CA GLU A 233 -15.11 43.98 -22.12
C GLU A 233 -15.20 42.47 -22.25
N ARG A 234 -15.48 42.04 -23.46
CA ARG A 234 -15.57 40.63 -23.77
C ARG A 234 -14.26 39.90 -23.64
N PHE A 235 -14.32 38.69 -23.08
CA PHE A 235 -13.13 37.87 -22.84
C PHE A 235 -12.97 36.87 -23.98
N PRO A 236 -11.95 37.04 -24.83
CA PRO A 236 -11.84 36.07 -25.92
C PRO A 236 -11.41 34.73 -25.39
N VAL A 237 -11.98 33.68 -26.01
CA VAL A 237 -11.63 32.31 -25.65
C VAL A 237 -11.76 31.45 -26.92
N SER A 238 -10.99 30.37 -26.97
CA SER A 238 -11.04 29.38 -28.05
C SER A 238 -10.94 27.94 -27.52
N VAL A 239 -11.62 27.02 -28.20
CA VAL A 239 -11.66 25.65 -27.82
C VAL A 239 -11.33 24.74 -28.99
N ALA A 240 -10.30 23.92 -28.82
CA ALA A 240 -9.87 23.02 -29.88
C ALA A 240 -10.29 21.59 -29.58
N LEU A 241 -10.93 20.96 -30.57
CA LEU A 241 -11.30 19.56 -30.48
C LEU A 241 -10.47 18.67 -31.43
N GLY A 242 -9.89 17.61 -30.88
CA GLY A 242 -9.13 16.65 -31.67
C GLY A 242 -7.76 17.13 -32.07
N ALA A 243 -7.05 17.76 -31.13
CA ALA A 243 -5.64 18.06 -31.35
C ALA A 243 -4.80 16.78 -31.31
N ASP A 244 -3.50 16.90 -31.56
CA ASP A 244 -2.57 15.76 -31.45
C ASP A 244 -2.48 15.26 -29.98
N PRO A 245 -2.25 13.95 -29.80
CA PRO A 245 -2.26 13.40 -28.45
C PRO A 245 -1.33 14.10 -27.43
N ALA A 246 -0.12 14.51 -27.82
CA ALA A 246 0.79 15.18 -26.86
C ALA A 246 0.19 16.47 -26.32
N THR A 247 -0.47 17.24 -27.16
CA THR A 247 -1.15 18.46 -26.71
C THR A 247 -2.27 18.13 -25.74
N ILE A 248 -3.06 17.13 -26.07
CA ILE A 248 -4.15 16.72 -25.20
C ILE A 248 -3.61 16.30 -23.83
N LEU A 249 -2.57 15.50 -23.83
CA LEU A 249 -2.00 14.98 -22.61
C LEU A 249 -1.32 16.09 -21.86
N GLY A 250 -0.62 16.96 -22.58
CA GLY A 250 -0.08 18.16 -21.97
C GLY A 250 -1.09 19.08 -21.30
N ALA A 251 -2.30 19.18 -21.88
CA ALA A 251 -3.33 20.00 -21.28
C ALA A 251 -3.72 19.52 -19.89
N VAL A 252 -3.71 18.21 -19.69
CA VAL A 252 -4.18 17.65 -18.45
C VAL A 252 -3.00 17.35 -17.50
N THR A 253 -1.75 17.53 -17.94
CA THR A 253 -0.65 17.49 -16.97
C THR A 253 -0.76 18.68 -16.04
N PRO A 254 -0.59 18.48 -14.72
CA PRO A 254 -0.69 19.60 -13.78
C PRO A 254 0.59 20.41 -13.70
N VAL A 255 0.76 21.29 -14.66
CA VAL A 255 1.91 22.14 -14.70
C VAL A 255 1.55 23.42 -13.94
N PRO A 256 2.54 24.16 -13.46
CA PRO A 256 2.15 25.38 -12.74
C PRO A 256 1.46 26.42 -13.66
N ASP A 257 0.54 27.22 -13.09
CA ASP A 257 -0.12 28.34 -13.80
C ASP A 257 0.83 29.25 -14.60
N THR A 258 2.07 29.39 -14.13
CA THR A 258 3.14 30.21 -14.76
C THR A 258 3.55 29.68 -16.18
N LEU A 259 3.28 28.41 -16.48
CA LEU A 259 3.75 27.78 -17.73
C LEU A 259 2.62 27.38 -18.65
N SER A 260 2.84 27.62 -19.94
CA SER A 260 1.92 27.13 -20.97
C SER A 260 2.01 25.62 -21.11
N GLU A 261 0.84 25.01 -21.11
CA GLU A 261 0.71 23.60 -21.30
C GLU A 261 1.29 23.22 -22.73
N TYR A 262 1.37 24.19 -23.64
CA TYR A 262 1.93 23.94 -24.97
C TYR A 262 3.43 23.60 -24.88
N ALA A 263 4.10 24.17 -23.89
CA ALA A 263 5.52 23.94 -23.69
C ALA A 263 5.74 22.50 -23.21
N PHE A 264 4.87 22.05 -22.32
CA PHE A 264 4.92 20.66 -21.82
C PHE A 264 4.64 19.61 -22.87
N ALA A 265 3.68 19.88 -23.74
CA ALA A 265 3.40 19.00 -24.87
C ALA A 265 4.62 18.88 -25.76
N GLY A 266 5.34 19.99 -25.92
CA GLY A 266 6.59 19.99 -26.67
C GLY A 266 7.62 19.01 -26.11
N LEU A 267 7.73 18.92 -24.79
CA LEU A 267 8.70 18.02 -24.15
C LEU A 267 8.32 16.57 -24.34
N LEU A 268 7.04 16.29 -24.19
CA LEU A 268 6.54 14.95 -24.48
C LEU A 268 6.76 14.55 -25.94
N ARG A 269 6.56 15.47 -26.86
CA ARG A 269 6.63 15.17 -28.27
C ARG A 269 8.07 15.02 -28.75
N GLY A 270 8.96 15.86 -28.23
CA GLY A 270 10.33 15.99 -28.73
C GLY A 270 10.49 17.19 -29.66
N THR A 271 9.40 17.88 -29.96
CA THR A 271 9.38 19.02 -30.88
C THR A 271 8.31 20.03 -30.49
N LYS A 272 8.53 21.28 -30.87
CA LYS A 272 7.59 22.36 -30.63
C LYS A 272 6.20 22.03 -31.14
N THR A 273 5.22 22.50 -30.39
CA THR A 273 3.83 22.31 -30.75
C THR A 273 3.40 23.21 -31.90
N GLU A 274 2.83 22.61 -32.93
CA GLU A 274 2.41 23.35 -34.12
C GLU A 274 1.04 23.96 -33.86
N VAL A 275 0.95 25.27 -34.02
CA VAL A 275 -0.27 26.01 -33.78
C VAL A 275 -0.59 26.97 -34.91
N VAL A 276 -1.75 27.61 -34.81
CA VAL A 276 -2.20 28.61 -35.77
C VAL A 276 -2.93 29.71 -35.00
N LYS A 277 -2.82 30.96 -35.43
CA LYS A 277 -3.59 32.03 -34.81
C LYS A 277 -5.05 31.82 -35.13
N CYS A 278 -5.92 32.09 -34.15
CA CYS A 278 -7.36 32.04 -34.40
C CYS A 278 -7.76 33.19 -35.30
N ILE A 279 -8.89 33.04 -35.95
CA ILE A 279 -9.38 34.04 -36.86
C ILE A 279 -9.86 35.32 -36.16
N SER A 280 -10.53 35.20 -35.02
CA SER A 280 -11.20 36.33 -34.38
C SER A 280 -10.51 36.77 -33.10
N ASN A 281 -9.35 36.21 -32.79
CA ASN A 281 -8.61 36.68 -31.63
C ASN A 281 -7.14 36.32 -31.76
N ASP A 282 -6.35 36.67 -30.74
CA ASP A 282 -4.90 36.45 -30.77
C ASP A 282 -4.43 35.15 -30.10
N LEU A 283 -5.38 34.29 -29.72
CA LEU A 283 -5.02 32.98 -29.17
C LEU A 283 -4.58 32.01 -30.26
N GLU A 284 -3.72 31.07 -29.89
CA GLU A 284 -3.27 30.05 -30.84
C GLU A 284 -3.86 28.69 -30.47
N VAL A 285 -4.32 27.99 -31.47
CA VAL A 285 -4.82 26.66 -31.31
C VAL A 285 -3.96 25.70 -32.14
N PRO A 286 -3.97 24.40 -31.81
CA PRO A 286 -3.20 23.41 -32.56
C PRO A 286 -3.61 23.34 -34.02
N ALA A 287 -2.61 23.26 -34.91
CA ALA A 287 -2.85 23.40 -36.34
C ALA A 287 -3.62 22.22 -36.90
N SER A 288 -3.34 21.06 -36.33
CA SER A 288 -3.94 19.81 -36.78
C SER A 288 -5.34 19.54 -36.17
N ALA A 289 -5.84 20.43 -35.29
CA ALA A 289 -7.16 20.24 -34.67
C ALA A 289 -8.24 19.93 -35.71
N GLU A 290 -9.20 19.11 -35.32
CA GLU A 290 -10.27 18.73 -36.24
C GLU A 290 -11.31 19.84 -36.28
N ILE A 291 -11.62 20.39 -35.12
CA ILE A 291 -12.62 21.44 -35.03
C ILE A 291 -12.11 22.49 -34.03
N VAL A 292 -12.34 23.76 -34.32
CA VAL A 292 -12.07 24.82 -33.38
C VAL A 292 -13.29 25.70 -33.23
N LEU A 293 -13.65 25.96 -31.97
CA LEU A 293 -14.69 26.93 -31.64
C LEU A 293 -14.00 28.21 -31.14
N GLU A 294 -14.31 29.36 -31.73
CA GLU A 294 -13.82 30.65 -31.30
C GLU A 294 -14.97 31.53 -30.85
N GLY A 295 -14.70 32.41 -29.89
CA GLY A 295 -15.73 33.27 -29.36
C GLY A 295 -15.25 34.00 -28.14
N TYR A 296 -16.18 34.25 -27.24
CA TYR A 296 -15.91 35.11 -26.11
C TYR A 296 -16.92 34.84 -25.01
N ILE A 297 -16.61 35.35 -23.82
CA ILE A 297 -17.51 35.39 -22.71
C ILE A 297 -17.96 36.83 -22.47
N GLU A 298 -19.27 37.05 -22.56
CA GLU A 298 -19.87 38.32 -22.21
C GLU A 298 -19.84 38.42 -20.69
N GLN A 299 -19.28 39.50 -20.16
CA GLN A 299 -19.19 39.64 -18.70
C GLN A 299 -20.57 39.68 -18.07
N GLY A 300 -20.71 38.95 -16.96
CA GLY A 300 -21.98 38.86 -16.26
C GLY A 300 -22.99 37.85 -16.85
N GLU A 301 -22.77 37.38 -18.09
CA GLU A 301 -23.65 36.35 -18.64
C GLU A 301 -23.31 34.97 -18.05
N THR A 302 -24.30 34.38 -17.40
CA THR A 302 -24.17 33.08 -16.75
C THR A 302 -25.40 32.25 -17.02
N ALA A 303 -25.25 30.95 -16.86
CA ALA A 303 -26.42 30.06 -17.00
C ALA A 303 -26.36 28.91 -16.00
N PRO A 304 -27.54 28.38 -15.62
CA PRO A 304 -27.59 27.15 -14.81
C PRO A 304 -26.97 25.99 -15.57
N GLU A 305 -25.97 25.35 -14.97
CA GLU A 305 -25.25 24.24 -15.59
C GLU A 305 -25.62 22.93 -14.93
N GLY A 306 -25.94 21.92 -15.74
CA GLY A 306 -26.28 20.61 -15.21
C GLY A 306 -27.74 20.47 -14.84
N PRO A 307 -28.05 19.43 -14.06
CA PRO A 307 -27.12 18.47 -13.52
C PRO A 307 -26.42 17.58 -14.59
N TYR A 308 -25.26 17.03 -14.20
CA TYR A 308 -24.51 16.10 -15.03
C TYR A 308 -23.94 15.03 -14.14
N GLY A 309 -23.90 13.82 -14.65
CA GLY A 309 -23.17 12.73 -14.02
C GLY A 309 -21.71 13.03 -14.10
N ASP A 310 -20.97 12.79 -13.01
CA ASP A 310 -19.50 13.08 -12.91
C ASP A 310 -18.67 11.81 -12.59
N HIS A 311 -17.36 11.99 -12.42
CA HIS A 311 -16.43 10.88 -12.22
C HIS A 311 -16.69 10.13 -10.91
N THR A 312 -17.45 10.72 -9.97
CA THR A 312 -17.82 10.04 -8.75
C THR A 312 -18.94 9.07 -8.93
N GLY A 313 -19.59 9.07 -10.10
CA GLY A 313 -20.80 8.22 -10.29
C GLY A 313 -22.12 8.78 -9.81
N TYR A 314 -22.15 10.05 -9.44
CA TYR A 314 -23.39 10.68 -9.01
C TYR A 314 -23.65 11.85 -9.87
N TYR A 315 -24.91 12.34 -9.84
CA TYR A 315 -25.24 13.56 -10.55
C TYR A 315 -24.84 14.75 -9.68
N ASN A 316 -24.13 15.73 -10.20
CA ASN A 316 -24.04 16.90 -9.33
C ASN A 316 -25.10 17.93 -9.67
N GLU A 317 -25.47 18.68 -8.65
CA GLU A 317 -26.62 19.56 -8.73
C GLU A 317 -26.32 20.85 -9.54
N VAL A 318 -27.40 21.47 -10.01
CA VAL A 318 -27.32 22.64 -10.84
C VAL A 318 -26.54 23.75 -10.15
N ASP A 319 -25.80 24.52 -10.96
CA ASP A 319 -24.99 25.60 -10.46
C ASP A 319 -24.70 26.54 -11.62
N SER A 320 -24.38 27.79 -11.32
CA SER A 320 -24.14 28.82 -12.36
C SER A 320 -22.70 28.96 -12.86
N PHE A 321 -22.53 28.99 -14.17
CA PHE A 321 -21.22 29.22 -14.78
C PHE A 321 -21.33 30.16 -15.98
N PRO A 322 -20.22 30.77 -16.35
CA PRO A 322 -20.25 31.69 -17.48
C PRO A 322 -20.71 31.06 -18.82
N VAL A 323 -21.29 31.88 -19.68
CA VAL A 323 -21.68 31.48 -21.00
C VAL A 323 -20.65 31.86 -22.03
N PHE A 324 -20.25 30.88 -22.82
CA PHE A 324 -19.29 31.03 -23.90
C PHE A 324 -20.12 31.20 -25.15
N THR A 325 -20.00 32.38 -25.78
CA THR A 325 -20.68 32.66 -27.06
C THR A 325 -19.75 32.34 -28.26
N VAL A 326 -20.19 31.46 -29.14
CA VAL A 326 -19.38 30.97 -30.26
C VAL A 326 -19.63 31.75 -31.54
N THR A 327 -18.62 32.47 -32.01
CA THR A 327 -18.75 33.36 -33.17
C THR A 327 -18.24 32.68 -34.42
N HIS A 328 -17.34 31.71 -34.24
CA HIS A 328 -16.75 30.97 -35.35
C HIS A 328 -16.59 29.50 -35.05
N ILE A 329 -16.76 28.68 -36.07
CA ILE A 329 -16.42 27.27 -35.98
C ILE A 329 -15.58 27.01 -37.20
N THR A 330 -14.40 26.50 -37.00
CA THR A 330 -13.49 26.18 -38.10
C THR A 330 -13.25 24.69 -38.00
N GLN A 331 -13.16 24.03 -39.14
CA GLN A 331 -12.86 22.61 -39.12
C GLN A 331 -12.13 22.09 -40.36
N ARG A 332 -11.56 20.91 -40.21
CA ARG A 332 -11.02 20.18 -41.35
C ARG A 332 -12.09 19.65 -42.29
N GLU A 333 -11.65 19.34 -43.50
CA GLU A 333 -12.40 18.53 -44.42
C GLU A 333 -12.48 17.20 -43.69
N ASP A 334 -13.68 16.60 -43.65
CA ASP A 334 -13.82 15.22 -43.21
C ASP A 334 -13.54 15.12 -41.71
N ALA A 335 -13.81 16.22 -41.01
CA ALA A 335 -13.59 16.35 -39.59
C ALA A 335 -14.17 15.20 -38.76
N ILE A 336 -13.48 14.90 -37.68
CA ILE A 336 -13.79 13.82 -36.75
C ILE A 336 -14.08 14.52 -35.42
N TYR A 337 -15.11 14.08 -34.69
CA TYR A 337 -15.41 14.69 -33.41
C TYR A 337 -14.94 13.80 -32.26
N HIS A 338 -14.08 14.36 -31.41
CA HIS A 338 -13.49 13.66 -30.28
C HIS A 338 -14.29 13.94 -29.02
N SER A 339 -14.75 12.86 -28.40
CA SER A 339 -15.58 12.95 -27.22
C SER A 339 -15.21 11.90 -26.21
N THR A 340 -15.74 12.10 -25.02
CA THR A 340 -15.70 11.12 -23.98
C THR A 340 -16.84 11.31 -22.99
N TYR A 341 -16.76 10.60 -21.90
CA TYR A 341 -17.80 10.65 -20.92
C TYR A 341 -17.09 10.42 -19.64
N THR A 342 -17.69 10.90 -18.58
CA THR A 342 -17.25 10.60 -17.25
C THR A 342 -18.45 10.00 -16.51
N GLY A 343 -18.20 9.08 -15.58
CA GLY A 343 -19.27 8.49 -14.80
C GLY A 343 -18.75 7.62 -13.70
N ARG A 344 -19.56 6.66 -13.28
CA ARG A 344 -19.10 5.64 -12.38
C ARG A 344 -17.80 5.04 -12.87
N PRO A 345 -16.75 5.05 -12.04
CA PRO A 345 -15.47 4.60 -12.57
C PRO A 345 -15.41 3.09 -12.65
N PRO A 346 -14.51 2.59 -13.48
CA PRO A 346 -13.50 3.36 -14.23
C PRO A 346 -14.09 3.96 -15.51
N ASP A 347 -13.57 5.11 -15.90
CA ASP A 347 -13.84 5.73 -17.19
C ASP A 347 -12.53 6.26 -17.77
N GLU A 348 -12.57 6.80 -18.98
CA GLU A 348 -11.34 7.22 -19.64
C GLU A 348 -10.54 8.28 -18.83
N PRO A 349 -11.19 9.32 -18.32
CA PRO A 349 -10.48 10.24 -17.44
C PRO A 349 -9.75 9.61 -16.28
N ALA A 350 -10.33 8.57 -15.70
CA ALA A 350 -9.72 7.89 -14.59
C ALA A 350 -8.50 7.07 -15.06
N VAL A 351 -8.56 6.47 -16.25
CA VAL A 351 -7.40 5.78 -16.77
C VAL A 351 -6.26 6.77 -17.08
N LEU A 352 -6.61 7.91 -17.69
CA LEU A 352 -5.69 9.04 -17.82
C LEU A 352 -5.10 9.41 -16.48
N GLY A 353 -5.95 9.64 -15.49
CA GLY A 353 -5.48 10.02 -14.17
C GLY A 353 -4.54 9.03 -13.50
N VAL A 354 -4.64 7.75 -13.85
CA VAL A 354 -3.77 6.79 -13.27
C VAL A 354 -2.40 6.97 -13.91
N ALA A 355 -2.36 7.02 -15.22
CA ALA A 355 -1.11 7.20 -15.92
C ALA A 355 -0.42 8.48 -15.45
N LEU A 356 -1.14 9.57 -15.24
CA LEU A 356 -0.54 10.81 -14.79
C LEU A 356 -0.15 10.82 -13.34
N ASN A 357 -0.64 9.88 -12.52
CA ASN A 357 -0.13 9.81 -11.15
C ASN A 357 1.33 9.38 -11.14
N GLU A 358 1.80 8.69 -12.17
CA GLU A 358 3.22 8.33 -12.24
C GLU A 358 4.13 9.56 -12.03
N VAL A 359 3.64 10.72 -12.37
CA VAL A 359 4.29 12.00 -12.07
C VAL A 359 4.67 12.23 -10.61
N PHE A 360 3.91 11.66 -9.67
CA PHE A 360 4.20 11.79 -8.21
C PHE A 360 4.90 10.59 -7.52
N VAL A 361 4.81 9.39 -8.06
CA VAL A 361 5.51 8.24 -7.47
C VAL A 361 7.00 8.53 -7.10
N PRO A 362 7.81 9.10 -8.02
CA PRO A 362 9.22 9.35 -7.71
C PRO A 362 9.40 10.34 -6.59
N ILE A 363 8.46 11.27 -6.43
CA ILE A 363 8.55 12.24 -5.33
C ILE A 363 8.22 11.57 -3.98
N LEU A 364 7.29 10.62 -4.00
CA LEU A 364 7.06 9.78 -2.84
C LEU A 364 8.23 8.87 -2.56
N GLN A 365 8.83 8.29 -3.59
CA GLN A 365 9.96 7.38 -3.40
C GLN A 365 11.23 8.08 -2.93
N LYS A 366 11.44 9.35 -3.30
CA LYS A 366 12.60 10.13 -2.78
C LYS A 366 12.42 10.19 -1.28
N GLN A 367 11.20 10.39 -0.82
CA GLN A 367 10.97 10.58 0.60
C GLN A 367 10.85 9.26 1.34
N PHE A 368 10.17 8.28 0.73
CA PHE A 368 10.00 6.98 1.32
C PHE A 368 10.56 5.92 0.36
N PRO A 369 11.88 5.70 0.40
CA PRO A 369 12.44 4.78 -0.59
C PRO A 369 12.01 3.33 -0.38
N GLU A 370 11.33 3.06 0.73
CA GLU A 370 10.79 1.73 1.00
C GLU A 370 9.63 1.42 0.10
N ILE A 371 9.04 2.44 -0.55
CA ILE A 371 7.84 2.28 -1.36
C ILE A 371 8.20 1.78 -2.73
N VAL A 372 7.71 0.59 -3.03
CA VAL A 372 7.93 -0.02 -4.32
C VAL A 372 6.91 0.43 -5.35
N ASP A 373 5.66 0.49 -4.98
CA ASP A 373 4.60 1.00 -5.84
C ASP A 373 3.54 1.76 -5.06
N PHE A 374 2.82 2.66 -5.72
CA PHE A 374 1.79 3.49 -5.11
C PHE A 374 0.72 3.73 -6.18
N TYR A 375 -0.48 3.18 -5.95
CA TYR A 375 -1.51 3.07 -6.95
C TYR A 375 -2.82 3.58 -6.39
N LEU A 376 -3.46 4.50 -7.09
CA LEU A 376 -4.83 4.92 -6.86
C LEU A 376 -5.83 4.37 -7.93
N PRO A 377 -6.51 3.28 -7.61
CA PRO A 377 -7.41 2.67 -8.53
C PRO A 377 -8.39 3.70 -9.09
N PRO A 378 -8.66 3.67 -10.39
CA PRO A 378 -9.71 4.48 -10.98
C PRO A 378 -11.04 4.28 -10.30
N GLU A 379 -11.38 3.04 -10.00
CA GLU A 379 -12.62 2.68 -9.37
C GLU A 379 -12.72 3.18 -7.98
N GLY A 380 -11.71 3.83 -7.42
CA GLY A 380 -11.84 4.59 -6.14
C GLY A 380 -12.01 6.09 -6.36
N CYS A 381 -12.70 6.48 -7.43
CA CYS A 381 -12.82 7.90 -7.85
C CYS A 381 -11.50 8.56 -7.96
N SER A 382 -10.51 7.78 -8.38
CA SER A 382 -9.22 8.29 -8.76
C SER A 382 -8.28 8.72 -7.61
N TYR A 383 -8.80 9.13 -6.45
CA TYR A 383 -7.98 9.63 -5.36
C TYR A 383 -8.39 9.12 -3.96
N ARG A 384 -9.47 8.37 -3.87
CA ARG A 384 -10.01 8.10 -2.54
C ARG A 384 -9.47 6.85 -1.91
N LEU A 385 -8.82 5.99 -2.70
CA LEU A 385 -8.23 4.80 -2.17
C LEU A 385 -6.86 4.63 -2.71
N ALA A 386 -5.87 4.32 -1.87
CA ALA A 386 -4.49 4.07 -2.34
C ALA A 386 -4.02 2.71 -1.93
N VAL A 387 -3.36 1.98 -2.83
CA VAL A 387 -2.69 0.77 -2.48
C VAL A 387 -1.20 1.03 -2.56
N VAL A 388 -0.49 0.74 -1.48
CA VAL A 388 0.94 1.05 -1.39
C VAL A 388 1.67 -0.22 -1.06
N THR A 389 2.74 -0.55 -1.79
CA THR A 389 3.52 -1.74 -1.47
C THR A 389 4.89 -1.31 -1.03
N ILE A 390 5.41 -1.96 0.00
CA ILE A 390 6.68 -1.57 0.58
C ILE A 390 7.61 -2.75 0.77
N LYS A 391 8.90 -2.47 0.94
CA LYS A 391 9.81 -3.41 1.53
C LYS A 391 9.87 -3.05 3.00
N LYS A 392 9.20 -3.84 3.80
CA LYS A 392 9.08 -3.55 5.21
C LYS A 392 10.43 -3.84 5.88
N GLN A 393 10.85 -2.94 6.76
CA GLN A 393 12.14 -2.94 7.43
C GLN A 393 12.06 -3.00 8.96
N TYR A 394 10.90 -2.79 9.55
CA TYR A 394 10.73 -2.88 11.01
C TYR A 394 9.28 -2.95 11.41
N ALA A 395 9.06 -3.45 12.62
CA ALA A 395 7.73 -3.55 13.13
C ALA A 395 7.08 -2.18 13.14
N GLY A 396 5.82 -2.16 12.72
CA GLY A 396 5.03 -0.94 12.69
C GLY A 396 5.27 -0.09 11.47
N HIS A 397 6.14 -0.54 10.55
CA HIS A 397 6.46 0.26 9.35
C HIS A 397 5.26 0.72 8.60
N ALA A 398 4.26 -0.14 8.46
CA ALA A 398 3.10 0.23 7.66
C ALA A 398 2.43 1.48 8.17
N LYS A 399 2.45 1.71 9.47
CA LYS A 399 1.79 2.90 10.02
C LYS A 399 2.48 4.20 9.63
N ARG A 400 3.81 4.17 9.55
CA ARG A 400 4.54 5.34 9.15
C ARG A 400 4.23 5.70 7.72
N VAL A 401 4.15 4.69 6.87
CA VAL A 401 3.79 4.88 5.46
C VAL A 401 2.39 5.44 5.33
N MET A 402 1.42 4.94 6.11
CA MET A 402 0.04 5.48 6.00
C MET A 402 0.08 6.95 6.32
N MET A 403 0.73 7.29 7.41
CA MET A 403 0.82 8.67 7.84
C MET A 403 1.56 9.53 6.83
N GLY A 404 2.52 8.91 6.16
CA GLY A 404 3.19 9.59 5.10
C GLY A 404 2.26 9.91 3.95
N VAL A 405 1.42 8.97 3.54
CA VAL A 405 0.53 9.21 2.46
C VAL A 405 -0.45 10.33 2.87
N TRP A 406 -0.95 10.25 4.05
CA TRP A 406 -1.89 11.24 4.48
C TRP A 406 -1.31 12.60 4.85
N SER A 407 -0.01 12.77 4.79
CA SER A 407 0.56 14.06 5.17
C SER A 407 1.55 14.65 4.21
N PHE A 408 2.25 13.85 3.42
CA PHE A 408 3.44 14.34 2.74
C PHE A 408 3.07 15.26 1.59
N LEU A 409 2.26 14.82 0.64
CA LEU A 409 1.77 15.68 -0.43
C LEU A 409 0.30 16.03 -0.33
N ARG A 410 -0.03 17.26 -0.70
CA ARG A 410 -1.42 17.70 -0.84
C ARG A 410 -2.21 16.85 -1.80
N GLN A 411 -1.59 16.23 -2.80
CA GLN A 411 -2.37 15.37 -3.72
C GLN A 411 -3.04 14.20 -3.05
N PHE A 412 -2.48 13.71 -1.95
CA PHE A 412 -3.06 12.56 -1.24
C PHE A 412 -3.58 12.79 0.16
N MET A 413 -3.64 14.02 0.59
CA MET A 413 -4.15 14.30 1.88
C MET A 413 -5.61 13.88 2.13
N TYR A 414 -6.42 13.75 1.09
CA TYR A 414 -7.87 13.49 1.21
C TYR A 414 -8.22 12.01 0.89
N THR A 415 -7.18 11.20 0.74
CA THR A 415 -7.31 9.80 0.48
C THR A 415 -7.87 9.12 1.72
N LYS A 416 -9.09 8.58 1.64
CA LYS A 416 -9.74 8.03 2.83
C LYS A 416 -9.26 6.64 3.22
N PHE A 417 -8.94 5.81 2.24
CA PHE A 417 -8.51 4.49 2.52
C PHE A 417 -7.11 4.31 2.00
N VAL A 418 -6.26 3.67 2.80
CA VAL A 418 -4.92 3.33 2.37
C VAL A 418 -4.67 1.88 2.78
N ILE A 419 -4.34 1.02 1.81
CA ILE A 419 -3.99 -0.37 2.06
C ILE A 419 -2.49 -0.50 1.86
N VAL A 420 -1.78 -0.98 2.87
CA VAL A 420 -0.33 -1.19 2.77
C VAL A 420 -0.02 -2.68 2.73
N CYS A 421 0.78 -3.09 1.76
CA CYS A 421 1.17 -4.47 1.56
C CYS A 421 2.67 -4.60 1.34
N ASP A 422 3.15 -5.83 1.34
CA ASP A 422 4.53 -6.14 1.04
C ASP A 422 4.76 -6.13 -0.49
N ASP A 423 6.03 -6.19 -0.89
CA ASP A 423 6.41 -6.08 -2.31
C ASP A 423 6.17 -7.37 -3.11
N ASP A 424 5.78 -8.47 -2.48
CA ASP A 424 5.34 -9.64 -3.27
C ASP A 424 3.91 -9.50 -3.81
N VAL A 425 3.30 -8.33 -3.62
CA VAL A 425 1.95 -8.03 -4.07
C VAL A 425 2.01 -7.04 -5.21
N ASN A 426 1.22 -7.31 -6.24
CA ASN A 426 1.04 -6.36 -7.30
C ASN A 426 -0.11 -5.46 -6.91
N ALA A 427 0.19 -4.20 -6.61
CA ALA A 427 -0.83 -3.27 -6.11
C ALA A 427 -1.96 -3.06 -7.08
N ARG A 428 -1.76 -3.44 -8.35
CA ARG A 428 -2.72 -3.16 -9.42
C ARG A 428 -3.64 -4.33 -9.77
N ASP A 429 -3.61 -5.37 -8.95
CA ASP A 429 -4.35 -6.59 -9.16
C ASP A 429 -5.09 -6.90 -7.89
N TRP A 430 -6.41 -6.76 -7.92
CA TRP A 430 -7.16 -7.02 -6.72
C TRP A 430 -7.03 -8.47 -6.25
N ASN A 431 -6.69 -9.40 -7.13
CA ASN A 431 -6.39 -10.76 -6.66
C ASN A 431 -5.24 -10.85 -5.69
N ASP A 432 -4.23 -10.01 -5.83
CA ASP A 432 -3.13 -10.05 -4.88
C ASP A 432 -3.50 -9.28 -3.62
N VAL A 433 -4.13 -8.15 -3.80
CA VAL A 433 -4.38 -7.24 -2.70
C VAL A 433 -5.40 -7.86 -1.76
N ILE A 434 -6.46 -8.47 -2.30
CA ILE A 434 -7.44 -9.12 -1.45
C ILE A 434 -6.80 -10.31 -0.77
N TRP A 435 -5.93 -11.01 -1.47
CA TRP A 435 -5.26 -12.18 -0.89
C TRP A 435 -4.47 -11.74 0.34
N ALA A 436 -3.79 -10.60 0.20
CA ALA A 436 -2.97 -10.09 1.27
C ALA A 436 -3.84 -9.66 2.44
N ILE A 437 -4.88 -8.88 2.14
CA ILE A 437 -5.79 -8.43 3.18
C ILE A 437 -6.33 -9.62 3.93
N THR A 438 -6.78 -10.66 3.22
CA THR A 438 -7.49 -11.76 3.88
C THR A 438 -6.59 -12.79 4.45
N THR A 439 -5.27 -12.76 4.17
CA THR A 439 -4.35 -13.71 4.81
C THR A 439 -3.35 -13.07 5.77
N ARG A 440 -3.18 -11.76 5.74
CA ARG A 440 -2.20 -11.10 6.61
C ARG A 440 -2.77 -10.11 7.62
N MET A 441 -4.09 -9.95 7.68
CA MET A 441 -4.71 -9.06 8.66
C MET A 441 -5.57 -9.78 9.68
N ASP A 442 -5.49 -9.31 10.93
CA ASP A 442 -6.60 -9.36 11.89
C ASP A 442 -7.23 -8.00 11.90
N PRO A 443 -8.47 -7.94 11.52
CA PRO A 443 -9.11 -6.63 11.29
C PRO A 443 -8.97 -5.67 12.44
N ALA A 444 -9.28 -6.05 13.65
CA ALA A 444 -9.20 -5.05 14.77
C ALA A 444 -7.80 -4.65 15.10
N ARG A 445 -6.86 -5.59 15.10
CA ARG A 445 -5.49 -5.24 15.33
C ARG A 445 -4.87 -4.32 14.26
N ASP A 446 -5.23 -4.49 13.00
CA ASP A 446 -4.41 -4.04 11.87
C ASP A 446 -5.06 -2.93 11.04
N THR A 447 -6.19 -2.46 11.51
CA THR A 447 -6.92 -1.39 10.91
C THR A 447 -6.69 -0.15 11.78
N VAL A 448 -6.27 0.93 11.16
CA VAL A 448 -6.12 2.19 11.84
C VAL A 448 -7.21 3.14 11.40
N LEU A 449 -7.86 3.79 12.37
CA LEU A 449 -8.87 4.81 12.11
C LEU A 449 -8.45 6.15 12.67
N VAL A 450 -8.51 7.21 11.90
CA VAL A 450 -8.31 8.52 12.44
C VAL A 450 -9.54 9.36 12.17
N GLU A 451 -10.08 9.99 13.20
CA GLU A 451 -11.28 10.82 13.09
C GLU A 451 -10.96 12.30 12.91
N ASN A 452 -11.91 13.05 12.38
CA ASN A 452 -11.81 14.49 12.29
C ASN A 452 -10.63 15.01 11.44
N THR A 453 -10.53 14.51 10.21
CA THR A 453 -9.45 14.85 9.31
C THR A 453 -10.03 15.51 8.12
N PRO A 454 -9.20 16.19 7.33
CA PRO A 454 -9.71 16.97 6.20
C PRO A 454 -10.24 16.06 5.13
N ILE A 455 -11.41 16.40 4.61
CA ILE A 455 -12.07 15.61 3.57
C ILE A 455 -12.63 16.59 2.57
N ASP A 456 -12.72 16.13 1.33
CA ASP A 456 -13.23 16.87 0.25
C ASP A 456 -14.64 17.38 0.65
N TYR A 457 -14.92 18.67 0.49
CA TYR A 457 -16.23 19.23 0.84
C TYR A 457 -17.35 18.59 0.05
N LEU A 458 -17.07 18.10 -1.16
CA LEU A 458 -18.09 17.48 -2.03
C LEU A 458 -18.38 16.02 -1.73
N ASP A 459 -17.59 15.43 -0.85
CA ASP A 459 -17.82 14.08 -0.47
C ASP A 459 -18.91 14.04 0.60
N PHE A 460 -20.10 13.65 0.18
CA PHE A 460 -21.33 13.63 1.01
C PHE A 460 -21.39 12.46 1.98
N ALA A 461 -20.42 11.58 1.91
CA ALA A 461 -20.42 10.43 2.80
C ALA A 461 -19.77 10.73 4.14
N SER A 462 -19.05 11.83 4.25
CA SER A 462 -18.50 12.22 5.55
C SER A 462 -19.60 12.83 6.36
N PRO A 463 -19.46 12.86 7.69
CA PRO A 463 -20.60 13.30 8.54
C PRO A 463 -20.81 14.78 8.45
N VAL A 464 -19.74 15.52 8.21
CA VAL A 464 -19.82 16.97 8.13
C VAL A 464 -19.00 17.42 6.95
N SER A 465 -19.49 18.42 6.25
CA SER A 465 -18.79 18.93 5.10
C SER A 465 -17.34 19.34 5.48
N GLY A 466 -16.40 18.79 4.74
CA GLY A 466 -15.01 19.09 4.95
C GLY A 466 -14.29 18.31 6.04
N LEU A 467 -14.99 17.46 6.77
CA LEU A 467 -14.39 16.78 7.91
C LEU A 467 -14.86 15.33 7.98
N GLY A 468 -13.96 14.38 8.13
CA GLY A 468 -14.38 12.97 8.21
C GLY A 468 -13.26 12.07 8.66
N SER A 469 -13.46 10.78 8.59
CA SER A 469 -12.41 9.90 9.03
C SER A 469 -11.67 9.24 7.88
N LYS A 470 -10.61 8.56 8.25
CA LYS A 470 -9.77 7.82 7.34
C LYS A 470 -9.42 6.46 7.92
N MET A 471 -9.14 5.52 7.05
CA MET A 471 -8.83 4.18 7.45
C MET A 471 -7.59 3.75 6.75
N GLY A 472 -6.67 3.16 7.47
CA GLY A 472 -5.60 2.41 6.86
C GLY A 472 -5.67 0.93 7.20
N LEU A 473 -5.37 0.07 6.23
CA LEU A 473 -5.31 -1.37 6.44
C LEU A 473 -3.88 -1.84 6.35
N ASP A 474 -3.36 -2.37 7.46
CA ASP A 474 -2.01 -2.85 7.46
C ASP A 474 -2.08 -4.28 7.07
N ALA A 475 -1.80 -4.56 5.81
CA ALA A 475 -1.85 -5.92 5.33
C ALA A 475 -0.49 -6.44 5.03
N THR A 476 0.50 -5.97 5.76
CA THR A 476 1.85 -6.50 5.58
C THR A 476 2.04 -7.77 6.42
N ASN A 477 3.08 -8.57 6.12
CA ASN A 477 3.46 -9.65 7.00
C ASN A 477 3.83 -9.10 8.36
N LYS A 478 3.34 -9.75 9.41
CA LYS A 478 3.57 -9.28 10.75
C LYS A 478 4.81 -9.91 11.33
N TRP A 479 5.59 -9.08 11.99
CA TRP A 479 6.88 -9.48 12.49
C TRP A 479 6.77 -9.81 13.96
N PRO A 480 7.82 -10.42 14.55
CA PRO A 480 7.78 -10.64 16.00
C PRO A 480 7.55 -9.32 16.73
N GLY A 481 6.71 -9.36 17.74
CA GLY A 481 6.26 -8.13 18.37
C GLY A 481 4.85 -7.76 17.91
N GLU A 482 4.59 -7.89 16.61
CA GLU A 482 3.26 -7.59 16.08
C GLU A 482 2.37 -8.80 16.24
N THR A 483 2.97 -9.98 16.28
CA THR A 483 2.27 -11.22 16.47
C THR A 483 3.16 -12.13 17.23
N GLN A 484 2.57 -13.04 17.98
CA GLN A 484 3.25 -14.14 18.67
C GLN A 484 3.08 -15.47 17.91
N ARG A 485 2.36 -15.49 16.80
CA ARG A 485 2.18 -16.72 16.06
C ARG A 485 3.32 -17.01 15.07
N GLU A 486 3.32 -18.23 14.57
CA GLU A 486 4.30 -18.63 13.59
C GLU A 486 3.63 -18.25 12.25
N TRP A 487 4.22 -17.26 11.60
CA TRP A 487 3.67 -16.65 10.42
C TRP A 487 3.82 -17.60 9.25
N GLY A 488 2.91 -17.55 8.27
CA GLY A 488 2.94 -18.48 7.20
C GLY A 488 4.07 -18.20 6.22
N ARG A 489 4.66 -19.28 5.72
CA ARG A 489 5.62 -19.27 4.62
C ARG A 489 4.81 -19.40 3.31
N PRO A 490 4.95 -18.40 2.44
CA PRO A 490 4.20 -18.48 1.18
C PRO A 490 4.74 -19.53 0.25
N ILE A 491 3.89 -20.05 -0.62
CA ILE A 491 4.26 -21.08 -1.55
C ILE A 491 5.03 -20.49 -2.71
N LYS A 492 6.31 -20.85 -2.87
CA LYS A 492 7.11 -20.42 -4.03
C LYS A 492 7.25 -21.58 -5.00
N LYS A 493 7.06 -21.30 -6.30
CA LYS A 493 7.35 -22.26 -7.37
C LYS A 493 8.83 -22.59 -7.57
N ASP A 494 9.10 -23.83 -8.05
CA ASP A 494 10.46 -24.26 -8.45
C ASP A 494 10.78 -23.62 -9.82
N PRO A 495 11.76 -22.71 -9.89
CA PRO A 495 12.08 -22.09 -11.19
C PRO A 495 12.50 -23.08 -12.29
N ASP A 496 13.09 -24.22 -11.92
CA ASP A 496 13.46 -25.23 -12.91
C ASP A 496 12.25 -25.87 -13.59
N VAL A 497 11.22 -26.13 -12.81
CA VAL A 497 9.96 -26.66 -13.32
C VAL A 497 9.24 -25.61 -14.16
N VAL A 498 9.27 -24.37 -13.73
CA VAL A 498 8.65 -23.30 -14.48
C VAL A 498 9.31 -23.19 -15.85
N ALA A 499 10.65 -23.18 -15.87
CA ALA A 499 11.39 -23.09 -17.12
C ALA A 499 11.19 -24.29 -18.02
N HIS A 500 11.14 -25.47 -17.44
CA HIS A 500 10.92 -26.66 -18.24
C HIS A 500 9.53 -26.61 -18.91
N ILE A 501 8.54 -26.15 -18.16
CA ILE A 501 7.21 -26.08 -18.71
C ILE A 501 7.12 -24.96 -19.73
N ASP A 502 7.81 -23.85 -19.52
CA ASP A 502 7.93 -22.83 -20.59
C ASP A 502 8.44 -23.47 -21.88
N ALA A 503 9.41 -24.35 -21.76
CA ALA A 503 10.07 -24.95 -22.94
C ALA A 503 9.15 -25.88 -23.73
N ILE A 504 8.28 -26.63 -23.05
CA ILE A 504 7.37 -27.52 -23.75
C ILE A 504 5.96 -26.99 -23.92
N TRP A 505 5.72 -25.76 -23.47
CA TRP A 505 4.36 -25.21 -23.48
C TRP A 505 3.66 -25.27 -24.85
N ASP A 506 4.32 -24.76 -25.89
CA ASP A 506 3.77 -24.75 -27.24
C ASP A 506 3.51 -26.19 -27.76
N GLU A 507 4.47 -27.09 -27.53
CA GLU A 507 4.31 -28.47 -27.93
C GLU A 507 3.14 -29.17 -27.19
N LEU A 508 2.97 -28.90 -25.89
CA LEU A 508 1.81 -29.42 -25.13
C LEU A 508 0.50 -29.09 -25.84
N ALA A 509 0.41 -27.87 -26.39
CA ALA A 509 -0.70 -27.49 -27.25
C ALA A 509 -2.03 -27.60 -26.56
N ILE A 510 -2.15 -27.01 -25.37
CA ILE A 510 -3.38 -27.11 -24.58
C ILE A 510 -4.53 -26.32 -25.25
N PHE A 511 -4.21 -25.28 -26.01
CA PHE A 511 -5.23 -24.42 -26.64
C PHE A 511 -5.37 -24.51 -28.20
N ASN A 512 -4.55 -25.28 -28.93
CA ASN A 512 -4.66 -25.37 -30.41
N TYR B 26 -27.05 -44.41 -16.93
CA TYR B 26 -26.23 -44.07 -15.68
C TYR B 26 -24.74 -43.75 -16.02
N ASN B 27 -24.41 -42.45 -15.92
CA ASN B 27 -23.14 -41.92 -16.39
C ASN B 27 -22.12 -42.06 -15.30
N ASP B 28 -21.10 -42.89 -15.57
CA ASP B 28 -19.90 -42.94 -14.75
C ASP B 28 -18.94 -41.79 -15.14
N LEU B 29 -17.75 -41.77 -14.53
CA LEU B 29 -16.77 -40.74 -14.84
C LEU B 29 -16.27 -40.77 -16.29
N ARG B 30 -16.05 -41.97 -16.83
CA ARG B 30 -15.58 -42.10 -18.21
C ARG B 30 -16.58 -41.49 -19.16
N ASP B 31 -17.87 -41.65 -18.90
CA ASP B 31 -18.88 -41.07 -19.79
C ASP B 31 -18.81 -39.56 -19.74
N PHE B 32 -18.52 -39.03 -18.57
CA PHE B 32 -18.34 -37.59 -18.43
C PHE B 32 -17.10 -37.10 -19.22
N LEU B 33 -15.97 -37.82 -19.14
CA LEU B 33 -14.79 -37.45 -19.87
C LEU B 33 -15.02 -37.44 -21.38
N THR B 34 -15.81 -38.40 -21.85
CA THR B 34 -16.17 -38.48 -23.26
C THR B 34 -17.02 -37.26 -23.67
N LEU B 35 -17.99 -36.89 -22.84
CA LEU B 35 -18.81 -35.71 -23.08
C LEU B 35 -17.94 -34.46 -23.16
N LEU B 36 -17.04 -34.31 -22.23
CA LEU B 36 -16.11 -33.20 -22.26
C LEU B 36 -15.25 -33.22 -23.50
N GLU B 37 -14.75 -34.37 -23.90
CA GLU B 37 -13.86 -34.39 -25.06
C GLU B 37 -14.61 -33.94 -26.32
N GLN B 38 -15.83 -34.44 -26.48
CA GLN B 38 -16.70 -34.03 -27.59
C GLN B 38 -16.88 -32.52 -27.66
N GLN B 39 -16.88 -31.83 -26.52
CA GLN B 39 -17.08 -30.39 -26.48
C GLN B 39 -15.84 -29.52 -26.38
N GLY B 40 -14.66 -30.10 -26.66
CA GLY B 40 -13.41 -29.36 -26.59
C GLY B 40 -13.05 -28.93 -25.17
N GLU B 41 -13.55 -29.67 -24.17
CA GLU B 41 -13.34 -29.38 -22.75
C GLU B 41 -12.36 -30.38 -22.06
N LEU B 42 -11.70 -31.22 -22.85
CA LEU B 42 -10.75 -32.14 -22.33
C LEU B 42 -9.62 -32.32 -23.30
N LYS B 43 -8.41 -32.12 -22.82
CA LYS B 43 -7.19 -32.32 -23.58
C LYS B 43 -6.38 -33.49 -23.05
N ARG B 44 -6.01 -34.41 -23.95
CA ARG B 44 -5.10 -35.51 -23.67
C ARG B 44 -3.66 -35.08 -23.95
N ILE B 45 -2.81 -35.14 -22.93
CA ILE B 45 -1.40 -34.83 -23.07
C ILE B 45 -0.59 -36.09 -23.22
N THR B 46 0.10 -36.22 -24.34
CA THR B 46 0.94 -37.41 -24.59
C THR B 46 2.41 -37.23 -24.23
N LEU B 47 2.87 -36.00 -24.06
CA LEU B 47 4.25 -35.78 -23.62
C LEU B 47 4.49 -36.35 -22.22
N PRO B 48 5.75 -36.69 -21.91
CA PRO B 48 6.04 -37.21 -20.57
C PRO B 48 6.01 -36.09 -19.54
N VAL B 49 5.28 -36.29 -18.45
CA VAL B 49 5.17 -35.28 -17.43
C VAL B 49 5.26 -35.91 -16.06
N ASP B 50 6.09 -35.33 -15.21
CA ASP B 50 6.30 -35.90 -13.89
C ASP B 50 5.14 -35.55 -12.97
N PRO B 51 4.63 -36.52 -12.23
CA PRO B 51 3.67 -36.17 -11.19
C PRO B 51 4.31 -35.38 -10.05
N HIS B 52 5.64 -35.46 -9.93
CA HIS B 52 6.43 -34.62 -9.02
C HIS B 52 6.57 -33.25 -9.60
N LEU B 53 5.72 -32.33 -9.13
CA LEU B 53 5.72 -30.88 -9.49
C LEU B 53 5.23 -30.46 -10.86
N GLU B 54 5.43 -31.28 -11.89
CA GLU B 54 5.26 -30.75 -13.25
C GLU B 54 3.81 -30.63 -13.63
N ILE B 55 3.02 -31.64 -13.28
CA ILE B 55 1.60 -31.65 -13.56
C ILE B 55 0.93 -30.44 -12.93
N THR B 56 1.26 -30.14 -11.68
CA THR B 56 0.70 -28.98 -11.03
C THR B 56 1.00 -27.70 -11.79
N GLU B 57 2.24 -27.51 -12.23
CA GLU B 57 2.56 -26.29 -13.00
C GLU B 57 1.70 -26.16 -14.27
N ILE B 58 1.57 -27.25 -15.01
CA ILE B 58 0.75 -27.25 -16.19
C ILE B 58 -0.74 -26.96 -15.87
N ALA B 59 -1.27 -27.62 -14.84
CA ALA B 59 -2.66 -27.45 -14.47
C ALA B 59 -2.94 -26.04 -13.99
N ASP B 60 -2.00 -25.48 -13.23
CA ASP B 60 -2.12 -24.13 -12.77
C ASP B 60 -2.19 -23.12 -13.92
N ARG B 61 -1.29 -23.21 -14.88
CA ARG B 61 -1.41 -22.29 -16.02
C ARG B 61 -2.71 -22.45 -16.80
N THR B 62 -3.17 -23.70 -16.88
CA THR B 62 -4.35 -24.01 -17.61
C THR B 62 -5.58 -23.43 -16.92
N LEU B 63 -5.65 -23.62 -15.62
CA LEU B 63 -6.81 -23.21 -14.85
C LEU B 63 -6.87 -21.72 -14.88
N ARG B 64 -5.72 -21.08 -14.77
CA ARG B 64 -5.65 -19.61 -14.75
C ARG B 64 -6.08 -18.98 -16.06
N ALA B 65 -6.03 -19.74 -17.15
CA ALA B 65 -6.50 -19.26 -18.47
C ALA B 65 -7.89 -19.85 -18.86
N GLY B 66 -8.58 -20.47 -17.94
CA GLY B 66 -9.90 -21.01 -18.22
C GLY B 66 -9.91 -22.17 -19.19
N GLY B 67 -8.83 -22.95 -19.22
CA GLY B 67 -8.67 -23.99 -20.23
C GLY B 67 -9.38 -25.27 -19.87
N PRO B 68 -9.13 -26.32 -20.62
CA PRO B 68 -9.86 -27.56 -20.42
C PRO B 68 -9.39 -28.38 -19.24
N ALA B 69 -10.11 -29.47 -18.97
CA ALA B 69 -9.60 -30.48 -18.09
C ALA B 69 -8.46 -31.24 -18.80
N LEU B 70 -7.66 -31.96 -18.03
CA LEU B 70 -6.38 -32.46 -18.53
C LEU B 70 -6.24 -33.92 -18.19
N LEU B 71 -5.91 -34.74 -19.19
CA LEU B 71 -5.66 -36.16 -18.99
C LEU B 71 -4.24 -36.45 -19.45
N PHE B 72 -3.37 -36.72 -18.50
CA PHE B 72 -1.96 -36.94 -18.78
C PHE B 72 -1.79 -38.41 -19.03
N GLU B 73 -1.67 -38.77 -20.31
CA GLU B 73 -1.60 -40.18 -20.67
C GLU B 73 -0.20 -40.76 -20.45
N ASN B 74 0.78 -39.91 -20.20
CA ASN B 74 2.15 -40.38 -20.10
C ASN B 74 2.86 -39.81 -18.88
N PRO B 75 2.37 -40.12 -17.69
CA PRO B 75 3.06 -39.70 -16.51
C PRO B 75 4.39 -40.41 -16.36
N LYS B 76 5.45 -39.66 -16.14
CA LYS B 76 6.76 -40.29 -16.11
C LYS B 76 6.86 -41.29 -15.00
N GLY B 77 7.13 -42.54 -15.36
CA GLY B 77 7.31 -43.61 -14.37
C GLY B 77 6.07 -44.44 -13.98
N TYR B 78 4.95 -44.21 -14.62
CA TYR B 78 3.71 -44.89 -14.26
C TYR B 78 2.91 -45.20 -15.52
N SER B 79 1.96 -46.11 -15.42
CA SER B 79 1.17 -46.54 -16.57
C SER B 79 -0.25 -46.02 -16.51
N MET B 80 -0.64 -45.55 -15.35
CA MET B 80 -1.98 -45.11 -15.07
C MET B 80 -2.09 -43.60 -15.36
N PRO B 81 -2.93 -43.21 -16.30
CA PRO B 81 -3.07 -41.78 -16.65
C PRO B 81 -3.56 -40.97 -15.51
N VAL B 82 -3.23 -39.68 -15.52
CA VAL B 82 -3.56 -38.78 -14.42
C VAL B 82 -4.51 -37.72 -14.90
N LEU B 83 -5.65 -37.62 -14.25
CA LEU B 83 -6.68 -36.67 -14.66
C LEU B 83 -6.72 -35.55 -13.67
N CYS B 84 -6.58 -34.34 -14.13
CA CYS B 84 -6.78 -33.24 -13.23
C CYS B 84 -7.41 -32.03 -13.93
N ASN B 85 -7.56 -30.96 -13.18
CA ASN B 85 -8.32 -29.82 -13.57
C ASN B 85 -9.74 -30.24 -14.04
N LEU B 86 -10.33 -31.24 -13.43
CA LEU B 86 -11.61 -31.71 -13.92
C LEU B 86 -12.64 -30.62 -13.80
N PHE B 87 -12.70 -29.99 -12.63
CA PHE B 87 -13.67 -28.93 -12.34
C PHE B 87 -13.02 -27.56 -12.30
N GLY B 88 -12.14 -27.29 -13.25
CA GLY B 88 -11.42 -26.02 -13.27
C GLY B 88 -12.21 -24.86 -13.83
N THR B 89 -13.41 -25.11 -14.31
CA THR B 89 -14.28 -24.01 -14.80
C THR B 89 -15.65 -24.21 -14.20
N PRO B 90 -16.38 -23.14 -13.94
CA PRO B 90 -17.77 -23.23 -13.53
C PRO B 90 -18.66 -24.08 -14.44
N LYS B 91 -18.48 -23.93 -15.74
CA LYS B 91 -19.23 -24.71 -16.74
C LYS B 91 -19.14 -26.20 -16.45
N ARG B 92 -17.92 -26.68 -16.24
CA ARG B 92 -17.67 -28.09 -16.05
C ARG B 92 -18.22 -28.56 -14.72
N VAL B 93 -18.29 -27.68 -13.74
CA VAL B 93 -19.00 -28.04 -12.53
C VAL B 93 -20.51 -28.23 -12.78
N ALA B 94 -21.12 -27.30 -13.51
CA ALA B 94 -22.53 -27.44 -13.91
C ALA B 94 -22.75 -28.72 -14.75
N MET B 95 -21.97 -28.88 -15.82
CA MET B 95 -22.05 -30.09 -16.63
C MET B 95 -21.99 -31.32 -15.73
N GLY B 96 -21.18 -31.29 -14.69
CA GLY B 96 -21.02 -32.43 -13.77
C GLY B 96 -22.24 -32.76 -12.94
N MET B 97 -23.23 -31.87 -12.92
CA MET B 97 -24.55 -32.16 -12.33
C MET B 97 -25.64 -32.25 -13.39
N GLY B 98 -25.26 -32.61 -14.62
CA GLY B 98 -26.24 -32.78 -15.70
C GLY B 98 -26.99 -31.50 -16.07
N GLN B 99 -26.43 -30.32 -15.74
CA GLN B 99 -27.01 -29.02 -16.10
C GLN B 99 -26.22 -28.29 -17.18
N GLU B 100 -26.90 -27.36 -17.85
CA GLU B 100 -26.32 -26.69 -19.01
C GLU B 100 -25.23 -25.73 -18.52
N ASP B 101 -25.58 -24.93 -17.51
CA ASP B 101 -24.75 -23.83 -17.06
C ASP B 101 -24.95 -23.51 -15.57
N VAL B 102 -24.34 -22.41 -15.14
CA VAL B 102 -24.05 -22.22 -13.73
C VAL B 102 -25.27 -21.76 -12.90
N SER B 103 -26.21 -21.07 -13.53
CA SER B 103 -27.43 -20.59 -12.85
C SER B 103 -28.50 -21.68 -12.59
N ALA B 104 -28.32 -22.90 -13.07
CA ALA B 104 -29.11 -24.05 -12.59
C ALA B 104 -28.73 -24.47 -11.14
N LEU B 105 -27.57 -24.04 -10.66
CA LEU B 105 -27.18 -24.37 -9.29
C LEU B 105 -28.10 -23.76 -8.25
N ARG B 106 -28.72 -22.64 -8.60
CA ARG B 106 -29.68 -22.06 -7.70
C ARG B 106 -30.83 -23.03 -7.41
N GLU B 107 -31.31 -23.70 -8.46
CA GLU B 107 -32.37 -24.68 -8.29
C GLU B 107 -31.95 -25.83 -7.33
N VAL B 108 -30.71 -26.25 -7.43
CA VAL B 108 -30.17 -27.25 -6.48
C VAL B 108 -30.12 -26.70 -5.04
N GLY B 109 -29.89 -25.41 -4.88
CA GLY B 109 -30.03 -24.74 -3.57
C GLY B 109 -31.43 -24.81 -3.01
N LYS B 110 -32.42 -24.54 -3.85
CA LYS B 110 -33.83 -24.61 -3.42
C LYS B 110 -34.13 -26.04 -2.93
N LEU B 111 -33.48 -27.01 -3.55
CA LEU B 111 -33.65 -28.39 -3.16
C LEU B 111 -32.99 -28.66 -1.81
N LEU B 112 -31.71 -28.30 -1.69
CA LEU B 112 -30.97 -28.41 -0.43
C LEU B 112 -31.64 -27.75 0.76
N ALA B 113 -32.51 -26.79 0.51
CA ALA B 113 -33.35 -26.21 1.54
C ALA B 113 -34.29 -27.26 2.20
N PHE B 114 -35.06 -28.03 1.41
CA PHE B 114 -36.07 -29.02 1.92
C PHE B 114 -35.47 -30.05 2.90
N LEU B 115 -34.20 -30.41 2.71
CA LEU B 115 -33.48 -31.36 3.55
C LEU B 115 -32.98 -30.70 4.85
N LYS B 116 -33.38 -29.45 5.06
CA LYS B 116 -33.37 -28.78 6.37
C LYS B 116 -34.75 -28.17 6.75
N LEU B 138 -38.82 -39.16 2.08
CA LEU B 138 -38.00 -40.37 1.90
C LEU B 138 -36.69 -40.13 1.15
N ASN B 139 -35.65 -39.72 1.87
CA ASN B 139 -34.31 -39.47 1.27
C ASN B 139 -33.60 -40.74 0.70
N MET B 140 -33.60 -40.80 -0.63
CA MET B 140 -33.27 -42.02 -1.41
C MET B 140 -31.94 -42.73 -1.04
N PRO B 141 -32.00 -44.06 -0.81
CA PRO B 141 -30.78 -44.81 -0.47
C PRO B 141 -29.85 -45.07 -1.68
N THR B 142 -28.81 -45.87 -1.46
CA THR B 142 -27.97 -46.36 -2.53
C THR B 142 -28.57 -47.62 -3.14
N LYS B 143 -28.22 -47.87 -4.40
CA LYS B 143 -28.58 -49.11 -5.09
C LYS B 143 -27.34 -49.97 -5.18
N ARG B 144 -27.36 -51.06 -4.43
CA ARG B 144 -26.21 -51.93 -4.32
C ARG B 144 -26.18 -53.00 -5.40
N LEU B 145 -25.14 -52.98 -6.24
CA LEU B 145 -24.92 -54.02 -7.26
C LEU B 145 -24.16 -55.17 -6.69
N ARG B 146 -24.27 -56.27 -7.41
CA ARG B 146 -23.74 -57.50 -6.93
C ARG B 146 -22.24 -57.50 -7.17
N GLY B 147 -21.79 -57.11 -8.36
CA GLY B 147 -20.34 -56.89 -8.63
C GLY B 147 -20.08 -55.57 -9.36
N ALA B 148 -18.83 -55.13 -9.52
CA ALA B 148 -18.64 -53.78 -10.07
C ALA B 148 -17.31 -53.56 -10.76
N PRO B 149 -17.27 -52.63 -11.74
CA PRO B 149 -15.99 -52.45 -12.46
C PRO B 149 -14.81 -52.10 -11.54
N CYS B 150 -15.07 -51.36 -10.47
CA CYS B 150 -14.03 -50.97 -9.55
C CYS B 150 -13.39 -52.13 -8.77
N GLN B 151 -13.95 -53.35 -8.88
CA GLN B 151 -13.31 -54.55 -8.30
C GLN B 151 -12.82 -55.54 -9.38
N GLN B 152 -12.58 -55.05 -10.60
CA GLN B 152 -11.96 -55.86 -11.65
C GLN B 152 -10.56 -56.38 -11.27
N LYS B 153 -9.71 -55.54 -10.68
CA LYS B 153 -8.34 -55.91 -10.28
C LYS B 153 -8.17 -55.58 -8.81
N ILE B 154 -7.70 -56.57 -8.08
CA ILE B 154 -7.61 -56.51 -6.66
C ILE B 154 -6.23 -56.95 -6.21
N VAL B 155 -5.69 -56.23 -5.26
CA VAL B 155 -4.43 -56.57 -4.63
C VAL B 155 -4.68 -56.42 -3.13
N SER B 156 -4.15 -57.32 -2.29
CA SER B 156 -4.33 -57.17 -0.83
C SER B 156 -3.16 -57.63 0.00
N GLY B 157 -3.18 -57.33 1.29
CA GLY B 157 -2.06 -57.60 2.17
C GLY B 157 -0.72 -57.04 1.73
N ASP B 158 0.23 -57.91 1.43
CA ASP B 158 1.63 -57.51 1.25
C ASP B 158 1.80 -57.03 -0.14
N ASP B 159 0.85 -57.36 -1.02
CA ASP B 159 0.96 -56.90 -2.41
C ASP B 159 0.55 -55.43 -2.60
N VAL B 160 -0.09 -54.84 -1.58
CA VAL B 160 -0.51 -53.43 -1.60
C VAL B 160 0.71 -52.55 -1.71
N ASP B 161 0.77 -51.74 -2.75
CA ASP B 161 1.85 -50.82 -2.98
C ASP B 161 1.34 -49.53 -3.62
N LEU B 162 1.15 -48.53 -2.79
CA LEU B 162 0.66 -47.23 -3.23
C LEU B 162 1.64 -46.54 -4.13
N ASN B 163 2.92 -46.88 -4.03
CA ASN B 163 3.92 -46.36 -4.97
C ASN B 163 3.70 -46.63 -6.47
N ARG B 164 2.85 -47.58 -6.79
CA ARG B 164 2.51 -47.89 -8.18
C ARG B 164 1.56 -46.86 -8.75
N ILE B 165 0.95 -46.06 -7.88
CA ILE B 165 -0.01 -45.07 -8.31
C ILE B 165 0.71 -43.74 -8.47
N PRO B 166 0.36 -42.97 -9.53
CA PRO B 166 1.01 -41.67 -9.84
C PRO B 166 0.53 -40.53 -8.95
N ILE B 167 0.63 -40.75 -7.65
CA ILE B 167 0.26 -39.73 -6.68
C ILE B 167 1.12 -38.47 -6.92
N MET B 168 0.49 -37.30 -6.90
CA MET B 168 1.17 -36.07 -7.21
C MET B 168 1.85 -35.42 -5.99
N THR B 169 2.98 -34.75 -6.25
CA THR B 169 3.61 -33.85 -5.29
C THR B 169 3.44 -32.48 -5.88
N CYS B 170 2.80 -31.60 -5.12
CA CYS B 170 2.26 -30.37 -5.73
C CYS B 170 3.22 -29.23 -5.69
N TRP B 171 3.85 -29.02 -4.53
CA TRP B 171 4.71 -27.84 -4.37
C TRP B 171 6.09 -28.21 -3.83
N PRO B 172 7.10 -27.42 -4.16
CA PRO B 172 8.48 -27.83 -3.88
C PRO B 172 8.80 -28.18 -2.44
N GLU B 173 8.14 -27.59 -1.46
CA GLU B 173 8.45 -27.91 -0.07
C GLU B 173 7.37 -28.75 0.59
N ASP B 174 6.49 -29.33 -0.20
CA ASP B 174 5.55 -30.31 0.32
C ASP B 174 6.35 -31.53 0.81
N ALA B 175 5.87 -32.17 1.84
CA ALA B 175 6.62 -33.26 2.48
C ALA B 175 6.71 -34.54 1.67
N ALA B 176 5.68 -34.87 0.91
CA ALA B 176 5.58 -36.21 0.26
C ALA B 176 4.41 -36.18 -0.72
N PRO B 177 4.29 -37.21 -1.57
CA PRO B 177 3.16 -37.21 -2.47
C PRO B 177 1.86 -37.25 -1.69
N LEU B 178 0.83 -36.69 -2.28
CA LEU B 178 -0.41 -36.41 -1.58
C LEU B 178 -1.62 -36.78 -2.40
N ILE B 179 -2.51 -37.55 -1.81
CA ILE B 179 -3.75 -37.90 -2.48
C ILE B 179 -4.74 -36.82 -2.19
N THR B 180 -5.32 -36.24 -3.22
CA THR B 180 -6.16 -35.04 -3.09
C THR B 180 -7.62 -35.17 -3.53
N TRP B 181 -8.01 -36.23 -4.23
CA TRP B 181 -9.39 -36.35 -4.68
C TRP B 181 -10.07 -37.63 -4.20
N GLY B 182 -9.64 -38.11 -3.04
CA GLY B 182 -10.22 -39.30 -2.48
C GLY B 182 -11.53 -38.98 -1.79
N LEU B 183 -12.60 -39.73 -2.14
CA LEU B 183 -13.84 -39.71 -1.38
C LEU B 183 -13.73 -40.67 -0.22
N THR B 184 -13.49 -40.15 0.98
CA THR B 184 -13.40 -40.99 2.12
C THR B 184 -14.80 -41.40 2.63
N VAL B 185 -15.04 -42.69 2.83
CA VAL B 185 -16.35 -43.19 3.25
C VAL B 185 -16.26 -43.74 4.66
N THR B 186 -17.15 -43.29 5.54
CA THR B 186 -17.15 -43.72 6.92
C THR B 186 -18.56 -43.90 7.45
N ARG B 187 -18.70 -44.80 8.42
CA ARG B 187 -19.85 -44.91 9.28
C ARG B 187 -19.45 -44.65 10.73
N GLY B 188 -20.35 -44.01 11.48
CA GLY B 188 -20.18 -43.88 12.92
C GLY B 188 -20.91 -45.02 13.62
N PRO B 189 -20.71 -45.17 14.93
CA PRO B 189 -21.37 -46.25 15.66
C PRO B 189 -22.88 -46.02 15.97
N HIS B 190 -23.34 -44.78 15.94
CA HIS B 190 -24.69 -44.46 16.43
C HIS B 190 -25.75 -44.37 15.34
N LYS B 191 -25.37 -43.94 14.13
CA LYS B 191 -26.31 -43.94 12.99
C LYS B 191 -25.74 -44.73 11.81
N GLU B 192 -26.58 -44.98 10.83
CA GLU B 192 -26.24 -45.83 9.73
C GLU B 192 -25.68 -45.02 8.56
N ARG B 193 -26.05 -43.76 8.49
CA ARG B 193 -25.57 -42.78 7.49
C ARG B 193 -24.11 -43.00 7.11
N GLN B 194 -23.81 -43.10 5.81
CA GLN B 194 -22.44 -43.14 5.29
C GLN B 194 -22.00 -41.77 4.85
N ASN B 195 -20.98 -41.20 5.52
CA ASN B 195 -20.47 -39.87 5.15
C ASN B 195 -19.40 -39.99 4.07
N LEU B 196 -19.39 -39.01 3.16
CA LEU B 196 -18.34 -38.88 2.19
C LEU B 196 -17.68 -37.51 2.34
N GLY B 197 -16.36 -37.50 2.47
CA GLY B 197 -15.61 -36.26 2.53
C GLY B 197 -14.29 -36.37 1.79
N ILE B 198 -13.74 -35.21 1.41
CA ILE B 198 -12.47 -35.16 0.76
C ILE B 198 -11.47 -34.68 1.80
N TYR B 199 -10.59 -35.60 2.19
CA TYR B 199 -9.56 -35.31 3.15
C TYR B 199 -8.20 -35.68 2.51
N ARG B 200 -7.32 -34.73 2.49
CA ARG B 200 -6.01 -34.93 1.96
C ARG B 200 -5.23 -36.03 2.70
N GLN B 201 -4.46 -36.81 1.95
CA GLN B 201 -3.88 -38.03 2.44
C GLN B 201 -2.41 -38.17 1.98
N GLN B 202 -1.51 -38.00 2.94
CA GLN B 202 -0.07 -38.02 2.68
C GLN B 202 0.42 -39.45 2.57
N LEU B 203 1.30 -39.72 1.62
CA LEU B 203 1.93 -41.05 1.51
C LEU B 203 3.08 -41.23 2.48
N ILE B 204 2.97 -42.24 3.33
CA ILE B 204 4.06 -42.51 4.29
C ILE B 204 4.59 -43.94 4.25
N GLY B 205 4.08 -44.76 3.33
CA GLY B 205 4.59 -46.13 3.16
C GLY B 205 3.87 -46.90 2.04
N LYS B 206 4.38 -48.09 1.69
CA LYS B 206 3.71 -48.97 0.73
C LYS B 206 2.21 -49.06 0.99
N ASN B 207 1.81 -49.08 2.26
CA ASN B 207 0.42 -49.29 2.59
C ASN B 207 -0.12 -48.38 3.68
N LYS B 208 0.45 -47.18 3.82
CA LYS B 208 0.04 -46.29 4.88
C LYS B 208 -0.15 -44.88 4.36
N LEU B 209 -1.29 -44.29 4.70
CA LEU B 209 -1.58 -42.91 4.38
C LEU B 209 -1.94 -42.20 5.69
N ILE B 210 -1.74 -40.90 5.77
CA ILE B 210 -2.22 -40.10 6.87
C ILE B 210 -3.56 -39.57 6.47
N MET B 211 -4.53 -39.62 7.37
CA MET B 211 -5.90 -39.19 7.07
C MET B 211 -6.10 -37.79 7.69
N ARG B 212 -5.98 -36.76 6.88
CA ARG B 212 -6.11 -35.42 7.42
C ARG B 212 -7.52 -34.83 7.37
N TRP B 213 -8.40 -35.39 8.18
CA TRP B 213 -9.70 -34.75 8.41
C TRP B 213 -9.62 -33.74 9.53
N LEU B 214 -10.11 -32.53 9.29
CA LEU B 214 -10.18 -31.54 10.36
C LEU B 214 -11.30 -31.97 11.29
N SER B 215 -11.34 -31.42 12.50
CA SER B 215 -12.08 -32.08 13.59
C SER B 215 -13.63 -31.99 13.55
N HIS B 216 -14.15 -31.16 12.68
CA HIS B 216 -15.60 -30.96 12.58
C HIS B 216 -16.20 -31.80 11.41
N ARG B 217 -15.34 -32.50 10.69
CA ARG B 217 -15.75 -33.34 9.56
C ARG B 217 -16.48 -34.59 9.98
N GLY B 218 -17.32 -35.10 9.08
CA GLY B 218 -18.07 -36.32 9.30
C GLY B 218 -17.15 -37.46 9.64
N GLY B 219 -16.13 -37.66 8.83
CA GLY B 219 -15.17 -38.73 9.08
C GLY B 219 -14.54 -38.64 10.44
N ALA B 220 -14.09 -37.45 10.82
CA ALA B 220 -13.40 -37.26 12.10
C ALA B 220 -14.30 -37.52 13.33
N LEU B 221 -15.55 -37.08 13.22
CA LEU B 221 -16.53 -37.29 14.27
C LEU B 221 -16.90 -38.75 14.37
N ASP B 222 -16.99 -39.42 13.22
CA ASP B 222 -17.26 -40.87 13.22
C ASP B 222 -16.14 -41.64 13.92
N TYR B 223 -14.89 -41.37 13.56
CA TYR B 223 -13.77 -42.00 14.23
C TYR B 223 -13.77 -41.72 15.74
N GLN B 224 -14.01 -40.48 16.13
CA GLN B 224 -13.96 -40.08 17.52
C GLN B 224 -14.99 -40.84 18.34
N GLU B 225 -16.19 -40.96 17.78
CA GLU B 225 -17.25 -41.71 18.41
C GLU B 225 -16.98 -43.20 18.44
N TRP B 226 -16.39 -43.72 17.37
CA TRP B 226 -15.99 -45.13 17.32
C TRP B 226 -15.03 -45.46 18.44
N CYS B 227 -14.01 -44.63 18.59
CA CYS B 227 -13.06 -44.75 19.72
C CYS B 227 -13.70 -44.79 21.12
N ALA B 228 -14.62 -43.90 21.40
CA ALA B 228 -15.33 -43.90 22.69
C ALA B 228 -16.17 -45.19 22.86
N ALA B 229 -16.84 -45.60 21.79
CA ALA B 229 -17.81 -46.69 21.88
C ALA B 229 -17.20 -48.08 21.76
N HIS B 230 -15.98 -48.19 21.22
CA HIS B 230 -15.31 -49.49 21.02
C HIS B 230 -13.82 -49.35 21.24
N PRO B 231 -13.39 -49.11 22.49
CA PRO B 231 -11.97 -48.90 22.71
C PRO B 231 -11.09 -49.96 22.04
N GLY B 232 -10.03 -49.52 21.35
CA GLY B 232 -9.00 -50.43 20.80
C GLY B 232 -9.39 -51.22 19.57
N GLU B 233 -10.60 -51.03 19.07
CA GLU B 233 -11.08 -51.74 17.90
C GLU B 233 -10.77 -50.89 16.65
N ARG B 234 -10.32 -51.55 15.59
CA ARG B 234 -9.97 -50.89 14.34
C ARG B 234 -11.17 -50.26 13.70
N PHE B 235 -10.96 -49.06 13.13
CA PHE B 235 -12.02 -48.30 12.48
C PHE B 235 -11.99 -48.50 10.97
N PRO B 236 -12.97 -49.25 10.42
CA PRO B 236 -12.89 -49.50 8.98
C PRO B 236 -13.18 -48.23 8.21
N VAL B 237 -12.45 -48.04 7.13
CA VAL B 237 -12.56 -46.88 6.27
C VAL B 237 -12.29 -47.32 4.82
N SER B 238 -12.91 -46.61 3.89
CA SER B 238 -12.66 -46.81 2.47
C SER B 238 -12.64 -45.49 1.70
N VAL B 239 -11.83 -45.46 0.65
CA VAL B 239 -11.62 -44.28 -0.13
C VAL B 239 -11.78 -44.60 -1.59
N ALA B 240 -12.68 -43.88 -2.24
CA ALA B 240 -12.92 -44.04 -3.66
C ALA B 240 -12.31 -42.89 -4.48
N LEU B 241 -11.54 -43.24 -5.50
CA LEU B 241 -10.97 -42.28 -6.45
C LEU B 241 -11.61 -42.40 -7.84
N GLY B 242 -12.07 -41.28 -8.38
CA GLY B 242 -12.66 -41.23 -9.69
C GLY B 242 -14.08 -41.78 -9.78
N ALA B 243 -14.90 -41.49 -8.80
CA ALA B 243 -16.32 -41.81 -8.89
C ALA B 243 -16.99 -40.90 -9.93
N ASP B 244 -18.28 -41.12 -10.18
CA ASP B 244 -19.03 -40.24 -11.08
C ASP B 244 -19.13 -38.81 -10.52
N PRO B 245 -19.14 -37.80 -11.41
CA PRO B 245 -19.19 -36.44 -10.95
C PRO B 245 -20.28 -36.09 -9.89
N ALA B 246 -21.49 -36.62 -10.01
CA ALA B 246 -22.52 -36.30 -9.03
C ALA B 246 -22.12 -36.75 -7.63
N THR B 247 -21.51 -37.92 -7.50
CA THR B 247 -21.06 -38.41 -6.21
C THR B 247 -19.94 -37.53 -5.69
N ILE B 248 -19.02 -37.16 -6.56
CA ILE B 248 -17.92 -36.26 -6.17
C ILE B 248 -18.41 -34.92 -5.68
N LEU B 249 -19.34 -34.32 -6.42
CA LEU B 249 -19.87 -33.02 -6.06
C LEU B 249 -20.71 -33.17 -4.82
N GLY B 250 -21.54 -34.22 -4.76
CA GLY B 250 -22.29 -34.50 -3.53
C GLY B 250 -21.39 -34.56 -2.28
N ALA B 251 -20.19 -35.13 -2.42
CA ALA B 251 -19.29 -35.27 -1.28
C ALA B 251 -18.84 -33.90 -0.71
N VAL B 252 -18.69 -32.94 -1.58
CA VAL B 252 -18.12 -31.68 -1.24
C VAL B 252 -19.18 -30.69 -0.81
N THR B 253 -20.41 -30.93 -1.19
CA THR B 253 -21.52 -30.07 -0.78
C THR B 253 -21.80 -30.24 0.73
N PRO B 254 -21.96 -29.12 1.48
CA PRO B 254 -22.15 -29.28 2.93
C PRO B 254 -23.57 -29.62 3.23
N VAL B 255 -23.86 -30.90 3.20
CA VAL B 255 -25.16 -31.39 3.57
C VAL B 255 -25.09 -31.67 5.06
N PRO B 256 -26.23 -31.74 5.73
CA PRO B 256 -26.09 -31.93 7.19
C PRO B 256 -25.50 -33.31 7.55
N ASP B 257 -24.72 -33.39 8.64
CA ASP B 257 -24.16 -34.64 9.15
C ASP B 257 -25.16 -35.81 9.19
N THR B 258 -26.43 -35.48 9.40
CA THR B 258 -27.51 -36.48 9.47
C THR B 258 -27.77 -37.26 8.17
N LEU B 259 -27.33 -36.70 7.05
CA LEU B 259 -27.68 -37.18 5.75
C LEU B 259 -26.45 -37.71 4.99
N SER B 260 -26.60 -38.90 4.39
CA SER B 260 -25.55 -39.42 3.52
C SER B 260 -25.40 -38.57 2.27
N GLU B 261 -24.17 -38.24 1.98
CA GLU B 261 -23.84 -37.52 0.79
C GLU B 261 -24.29 -38.34 -0.47
N TYR B 262 -24.48 -39.64 -0.32
CA TYR B 262 -24.95 -40.49 -1.42
C TYR B 262 -26.36 -40.12 -1.82
N ALA B 263 -27.14 -39.69 -0.84
CA ALA B 263 -28.54 -39.36 -1.06
C ALA B 263 -28.64 -38.10 -1.87
N PHE B 264 -27.81 -37.13 -1.54
CA PHE B 264 -27.75 -35.88 -2.29
C PHE B 264 -27.28 -36.06 -3.72
N ALA B 265 -26.27 -36.89 -3.92
CA ALA B 265 -25.79 -37.20 -5.25
C ALA B 265 -26.94 -37.78 -6.08
N GLY B 266 -27.76 -38.61 -5.45
CA GLY B 266 -28.96 -39.15 -6.08
C GLY B 266 -29.91 -38.10 -6.60
N LEU B 267 -30.09 -37.02 -5.84
CA LEU B 267 -30.98 -35.95 -6.26
C LEU B 267 -30.39 -35.18 -7.41
N LEU B 268 -29.10 -34.89 -7.34
CA LEU B 268 -28.40 -34.23 -8.45
C LEU B 268 -28.50 -35.07 -9.73
N ARG B 269 -28.40 -36.40 -9.59
CA ARG B 269 -28.31 -37.28 -10.73
C ARG B 269 -29.68 -37.51 -11.35
N GLY B 270 -30.70 -37.63 -10.50
CA GLY B 270 -32.04 -38.03 -10.92
C GLY B 270 -32.32 -39.48 -10.58
N THR B 271 -31.30 -40.19 -10.12
CA THR B 271 -31.41 -41.62 -9.92
C THR B 271 -30.47 -42.06 -8.77
N LYS B 272 -30.85 -43.14 -8.09
CA LYS B 272 -30.06 -43.68 -6.97
C LYS B 272 -28.60 -43.94 -7.35
N THR B 273 -27.72 -43.67 -6.38
CA THR B 273 -26.30 -43.84 -6.57
C THR B 273 -25.96 -45.33 -6.57
N GLU B 274 -25.29 -45.78 -7.62
CA GLU B 274 -24.93 -47.18 -7.76
C GLU B 274 -23.66 -47.44 -7.00
N VAL B 275 -23.73 -48.39 -6.08
CA VAL B 275 -22.60 -48.71 -5.21
C VAL B 275 -22.35 -50.22 -5.15
N VAL B 276 -21.27 -50.60 -4.45
CA VAL B 276 -20.89 -51.97 -4.25
C VAL B 276 -20.32 -52.12 -2.85
N LYS B 277 -20.55 -53.24 -2.19
CA LYS B 277 -20.02 -53.45 -0.87
C LYS B 277 -18.53 -53.63 -1.00
N CYS B 278 -17.79 -53.06 -0.05
CA CYS B 278 -16.34 -53.24 -0.05
C CYS B 278 -16.04 -54.69 0.29
N ILE B 279 -14.84 -55.12 -0.07
CA ILE B 279 -14.43 -56.49 0.15
C ILE B 279 -14.19 -56.79 1.62
N SER B 280 -13.58 -55.88 2.35
CA SER B 280 -13.10 -56.14 3.74
C SER B 280 -13.90 -55.39 4.78
N ASN B 281 -14.96 -54.69 4.38
CA ASN B 281 -15.85 -54.07 5.40
C ASN B 281 -17.26 -53.90 4.85
N ASP B 282 -18.15 -53.32 5.67
CA ASP B 282 -19.56 -53.16 5.28
C ASP B 282 -19.87 -51.81 4.65
N LEU B 283 -18.84 -51.02 4.35
CA LEU B 283 -19.03 -49.75 3.65
C LEU B 283 -19.32 -49.98 2.17
N GLU B 284 -20.06 -49.08 1.55
CA GLU B 284 -20.31 -49.16 0.13
C GLU B 284 -19.56 -48.02 -0.55
N VAL B 285 -18.95 -48.36 -1.69
CA VAL B 285 -18.30 -47.37 -2.54
C VAL B 285 -18.96 -47.36 -3.91
N PRO B 286 -18.80 -46.26 -4.64
CA PRO B 286 -19.41 -46.17 -5.97
C PRO B 286 -18.94 -47.25 -6.89
N ALA B 287 -19.85 -47.82 -7.66
CA ALA B 287 -19.54 -49.01 -8.48
C ALA B 287 -18.63 -48.68 -9.64
N SER B 288 -18.78 -47.48 -10.19
CA SER B 288 -17.98 -47.00 -11.31
C SER B 288 -16.61 -46.41 -10.92
N ALA B 289 -16.27 -46.37 -9.62
CA ALA B 289 -14.97 -45.79 -9.19
C ALA B 289 -13.78 -46.40 -9.92
N GLU B 290 -12.76 -45.58 -10.16
CA GLU B 290 -11.58 -46.05 -10.88
C GLU B 290 -10.66 -46.84 -9.97
N ILE B 291 -10.47 -46.32 -8.76
CA ILE B 291 -9.64 -47.01 -7.75
C ILE B 291 -10.33 -46.89 -6.41
N VAL B 292 -10.25 -47.96 -5.62
CA VAL B 292 -10.75 -47.91 -4.25
C VAL B 292 -9.67 -48.43 -3.31
N LEU B 293 -9.43 -47.68 -2.26
CA LEU B 293 -8.55 -48.11 -1.19
C LEU B 293 -9.41 -48.52 -0.01
N GLU B 294 -9.20 -49.73 0.53
CA GLU B 294 -9.90 -50.20 1.75
C GLU B 294 -8.89 -50.50 2.84
N GLY B 295 -9.32 -50.31 4.08
CA GLY B 295 -8.44 -50.48 5.18
C GLY B 295 -9.07 -50.06 6.48
N TYR B 296 -8.21 -49.56 7.38
CA TYR B 296 -8.68 -49.22 8.69
C TYR B 296 -7.72 -48.26 9.32
N ILE B 297 -8.19 -47.66 10.42
CA ILE B 297 -7.35 -46.86 11.30
C ILE B 297 -7.13 -47.62 12.59
N GLU B 298 -5.86 -47.89 12.89
CA GLU B 298 -5.47 -48.44 14.17
C GLU B 298 -5.59 -47.32 15.24
N GLN B 299 -6.30 -47.58 16.33
CA GLN B 299 -6.50 -46.55 17.37
C GLN B 299 -5.20 -46.16 18.03
N GLY B 300 -5.01 -44.85 18.19
CA GLY B 300 -3.76 -44.29 18.68
C GLY B 300 -2.60 -44.13 17.67
N GLU B 301 -2.66 -44.78 16.50
CA GLU B 301 -1.59 -44.61 15.49
C GLU B 301 -1.80 -43.26 14.79
N THR B 302 -0.77 -42.42 14.89
CA THR B 302 -0.74 -41.10 14.32
C THR B 302 0.62 -40.83 13.70
N ALA B 303 0.67 -39.85 12.80
CA ALA B 303 1.93 -39.46 12.19
C ALA B 303 1.97 -37.96 11.94
N PRO B 304 3.18 -37.38 11.96
CA PRO B 304 3.36 -35.98 11.58
C PRO B 304 2.99 -35.79 10.11
N GLU B 305 2.06 -34.85 9.84
CA GLU B 305 1.55 -34.61 8.53
C GLU B 305 2.06 -33.29 8.01
N GLY B 306 2.55 -33.28 6.78
CA GLY B 306 3.02 -32.07 6.16
C GLY B 306 4.49 -31.75 6.42
N PRO B 307 4.90 -30.51 6.10
CA PRO B 307 4.06 -29.42 5.65
C PRO B 307 3.51 -29.64 4.26
N TYR B 308 2.42 -28.94 3.96
CA TYR B 308 1.81 -28.93 2.64
C TYR B 308 1.28 -27.55 2.34
N GLY B 309 1.39 -27.15 1.09
CA GLY B 309 0.79 -25.95 0.64
C GLY B 309 -0.71 -26.15 0.63
N ASP B 310 -1.42 -25.09 0.96
CA ASP B 310 -2.84 -24.98 1.19
C ASP B 310 -3.50 -24.06 0.19
N HIS B 311 -4.82 -24.04 0.26
CA HIS B 311 -5.66 -23.19 -0.51
C HIS B 311 -5.45 -21.72 -0.16
N THR B 312 -4.84 -21.42 0.97
CA THR B 312 -4.53 -20.03 1.34
C THR B 312 -3.31 -19.50 0.65
N GLY B 313 -2.57 -20.35 -0.07
CA GLY B 313 -1.29 -19.92 -0.67
C GLY B 313 -0.05 -19.97 0.27
N TYR B 314 -0.19 -20.57 1.44
CA TYR B 314 0.91 -20.76 2.35
C TYR B 314 1.05 -22.22 2.68
N TYR B 315 2.19 -22.57 3.28
CA TYR B 315 2.40 -23.91 3.76
C TYR B 315 1.73 -24.04 5.14
N ASN B 316 1.01 -25.14 5.39
CA ASN B 316 0.61 -25.52 6.76
C ASN B 316 1.79 -26.12 7.47
N GLU B 317 1.99 -25.79 8.74
CA GLU B 317 3.05 -26.45 9.50
C GLU B 317 2.65 -27.87 9.90
N VAL B 318 3.66 -28.66 10.29
CA VAL B 318 3.47 -30.05 10.66
C VAL B 318 2.46 -30.19 11.77
N ASP B 319 1.69 -31.25 11.74
CA ASP B 319 0.73 -31.52 12.78
C ASP B 319 0.40 -33.00 12.71
N SER B 320 -0.14 -33.54 13.79
CA SER B 320 -0.46 -34.97 13.87
C SER B 320 -1.87 -35.37 13.44
N PHE B 321 -1.97 -36.40 12.60
CA PHE B 321 -3.25 -36.97 12.24
C PHE B 321 -3.20 -38.50 12.20
N PRO B 322 -4.35 -39.13 12.20
CA PRO B 322 -4.40 -40.59 12.18
C PRO B 322 -3.79 -41.23 10.93
N VAL B 323 -3.29 -42.44 11.09
CA VAL B 323 -2.76 -43.23 10.02
C VAL B 323 -3.79 -44.20 9.52
N PHE B 324 -3.98 -44.20 8.22
CA PHE B 324 -4.90 -45.08 7.49
C PHE B 324 -4.07 -46.19 6.90
N THR B 325 -4.30 -47.43 7.37
CA THR B 325 -3.57 -48.62 6.90
C THR B 325 -4.37 -49.27 5.77
N VAL B 326 -3.77 -49.39 4.59
CA VAL B 326 -4.48 -49.88 3.39
C VAL B 326 -4.30 -51.38 3.21
N THR B 327 -5.38 -52.13 3.33
CA THR B 327 -5.30 -53.59 3.25
C THR B 327 -5.67 -54.08 1.87
N HIS B 328 -6.41 -53.26 1.10
CA HIS B 328 -6.80 -53.62 -0.24
C HIS B 328 -6.76 -52.43 -1.15
N ILE B 329 -6.44 -52.69 -2.42
CA ILE B 329 -6.59 -51.70 -3.47
C ILE B 329 -7.28 -52.37 -4.65
N THR B 330 -8.40 -51.80 -5.06
CA THR B 330 -9.21 -52.43 -6.10
C THR B 330 -9.27 -51.38 -7.18
N GLN B 331 -9.21 -51.79 -8.43
CA GLN B 331 -9.34 -50.86 -9.52
C GLN B 331 -9.97 -51.45 -10.78
N ARG B 332 -10.41 -50.56 -11.65
CA ARG B 332 -10.77 -50.92 -12.99
C ARG B 332 -9.60 -51.29 -13.87
N GLU B 333 -9.95 -52.01 -14.93
CA GLU B 333 -9.05 -52.27 -16.01
C GLU B 333 -8.83 -50.83 -16.54
N ASP B 334 -7.57 -50.46 -16.77
CA ASP B 334 -7.26 -49.24 -17.51
C ASP B 334 -7.62 -48.01 -16.68
N ALA B 335 -7.52 -48.20 -15.39
CA ALA B 335 -7.80 -47.19 -14.41
C ALA B 335 -7.10 -45.87 -14.68
N ILE B 336 -7.80 -44.81 -14.28
CA ILE B 336 -7.39 -43.43 -14.43
C ILE B 336 -7.28 -42.86 -13.02
N TYR B 337 -6.23 -42.10 -12.75
CA TYR B 337 -6.06 -41.57 -11.43
C TYR B 337 -6.46 -40.14 -11.40
N HIS B 338 -7.42 -39.83 -10.56
CA HIS B 338 -7.96 -38.46 -10.45
C HIS B 338 -7.26 -37.72 -9.35
N SER B 339 -6.66 -36.57 -9.69
CA SER B 339 -5.94 -35.76 -8.73
C SER B 339 -6.20 -34.28 -8.92
N THR B 340 -5.76 -33.51 -7.94
CA THR B 340 -5.75 -32.08 -8.02
C THR B 340 -4.70 -31.47 -7.09
N TYR B 341 -4.74 -30.16 -6.95
CA TYR B 341 -3.78 -29.47 -6.11
C TYR B 341 -4.57 -28.31 -5.53
N THR B 342 -4.12 -27.84 -4.38
CA THR B 342 -4.52 -26.54 -3.83
C THR B 342 -3.32 -25.66 -3.69
N GLY B 343 -3.52 -24.36 -3.84
CA GLY B 343 -2.45 -23.40 -3.65
C GLY B 343 -3.02 -22.01 -3.62
N ARG B 344 -2.19 -21.02 -3.95
CA ARG B 344 -2.68 -19.69 -4.06
C ARG B 344 -3.86 -19.71 -4.99
N PRO B 345 -4.91 -19.03 -4.63
CA PRO B 345 -6.08 -19.07 -5.54
C PRO B 345 -5.90 -18.14 -6.75
N PRO B 346 -6.58 -18.43 -7.84
CA PRO B 346 -7.56 -19.50 -7.89
C PRO B 346 -6.96 -20.89 -8.16
N ASP B 347 -7.59 -21.93 -7.61
CA ASP B 347 -7.33 -23.30 -7.95
C ASP B 347 -8.65 -24.03 -8.09
N GLU B 348 -8.62 -25.32 -8.42
CA GLU B 348 -9.83 -26.06 -8.71
C GLU B 348 -10.78 -26.04 -7.51
N PRO B 349 -10.28 -26.22 -6.31
CA PRO B 349 -11.21 -26.17 -5.17
C PRO B 349 -11.96 -24.87 -5.03
N ALA B 350 -11.30 -23.79 -5.42
CA ALA B 350 -11.88 -22.51 -5.30
C ALA B 350 -12.92 -22.31 -6.37
N VAL B 351 -12.69 -22.84 -7.56
CA VAL B 351 -13.71 -22.77 -8.57
C VAL B 351 -14.94 -23.59 -8.14
N LEU B 352 -14.71 -24.78 -7.62
CA LEU B 352 -15.76 -25.54 -6.99
C LEU B 352 -16.49 -24.69 -5.98
N GLY B 353 -15.77 -24.08 -5.07
CA GLY B 353 -16.39 -23.23 -4.04
C GLY B 353 -17.17 -22.02 -4.54
N VAL B 354 -16.86 -21.47 -5.72
CA VAL B 354 -17.68 -20.38 -6.24
C VAL B 354 -18.99 -20.97 -6.75
N ALA B 355 -18.93 -22.06 -7.51
CA ALA B 355 -20.15 -22.72 -7.96
C ALA B 355 -21.04 -23.14 -6.80
N LEU B 356 -20.47 -23.64 -5.73
CA LEU B 356 -21.30 -24.05 -4.59
C LEU B 356 -21.82 -22.88 -3.79
N ASN B 357 -21.31 -21.67 -3.97
CA ASN B 357 -21.91 -20.51 -3.35
C ASN B 357 -23.27 -20.25 -4.03
N GLU B 358 -23.38 -20.49 -5.34
CA GLU B 358 -24.65 -20.27 -6.02
C GLU B 358 -25.73 -21.13 -5.41
N VAL B 359 -25.36 -22.31 -4.98
CA VAL B 359 -26.25 -23.13 -4.22
C VAL B 359 -26.74 -22.46 -2.95
N PHE B 360 -25.91 -21.67 -2.28
CA PHE B 360 -26.35 -21.10 -0.99
C PHE B 360 -27.21 -19.85 -1.13
N VAL B 361 -27.03 -19.09 -2.21
CA VAL B 361 -27.77 -17.87 -2.39
C VAL B 361 -29.28 -18.03 -2.07
N PRO B 362 -29.96 -19.03 -2.65
CA PRO B 362 -31.38 -19.21 -2.34
C PRO B 362 -31.67 -19.50 -0.90
N ILE B 363 -30.76 -20.18 -0.21
CA ILE B 363 -31.01 -20.53 1.20
C ILE B 363 -30.86 -19.27 2.05
N LEU B 364 -29.95 -18.40 1.64
CA LEU B 364 -29.83 -17.13 2.28
C LEU B 364 -31.03 -16.23 1.98
N GLN B 365 -31.49 -16.25 0.74
CA GLN B 365 -32.63 -15.44 0.36
C GLN B 365 -33.95 -15.88 0.99
N LYS B 366 -34.10 -17.16 1.27
CA LYS B 366 -35.27 -17.65 2.03
C LYS B 366 -35.30 -16.91 3.36
N GLN B 367 -34.14 -16.83 3.99
CA GLN B 367 -34.08 -16.28 5.33
C GLN B 367 -33.99 -14.76 5.32
N PHE B 368 -33.27 -14.19 4.35
CA PHE B 368 -33.16 -12.75 4.21
C PHE B 368 -33.59 -12.33 2.81
N PRO B 369 -34.88 -12.13 2.63
CA PRO B 369 -35.33 -11.86 1.24
C PRO B 369 -34.88 -10.52 0.72
N GLU B 370 -34.29 -9.70 1.56
CA GLU B 370 -33.69 -8.44 1.14
C GLU B 370 -32.37 -8.61 0.36
N ILE B 371 -31.78 -9.80 0.40
CA ILE B 371 -30.51 -10.05 -0.23
C ILE B 371 -30.68 -10.33 -1.71
N VAL B 372 -30.08 -9.50 -2.54
CA VAL B 372 -30.15 -9.68 -3.99
C VAL B 372 -29.04 -10.56 -4.50
N ASP B 373 -27.84 -10.39 -3.98
CA ASP B 373 -26.70 -11.26 -4.30
C ASP B 373 -25.73 -11.43 -3.13
N PHE B 374 -24.96 -12.49 -3.17
CA PHE B 374 -24.08 -12.87 -2.10
C PHE B 374 -22.91 -13.63 -2.73
N TYR B 375 -21.71 -13.12 -2.54
CA TYR B 375 -20.55 -13.58 -3.29
C TYR B 375 -19.33 -13.66 -2.41
N LEU B 376 -18.64 -14.80 -2.46
CA LEU B 376 -17.38 -15.02 -1.80
C LEU B 376 -16.27 -15.12 -2.87
N PRO B 377 -15.54 -14.02 -3.10
CA PRO B 377 -14.46 -14.01 -4.07
C PRO B 377 -13.46 -15.13 -3.85
N PRO B 378 -13.08 -15.85 -4.89
CA PRO B 378 -12.01 -16.84 -4.79
C PRO B 378 -10.71 -16.25 -4.24
N GLU B 379 -10.37 -15.01 -4.64
CA GLU B 379 -9.19 -14.29 -4.09
C GLU B 379 -9.14 -14.17 -2.58
N GLY B 380 -10.30 -14.21 -1.92
CA GLY B 380 -10.34 -14.11 -0.46
C GLY B 380 -10.16 -15.46 0.20
N CYS B 381 -9.45 -16.39 -0.47
CA CYS B 381 -9.36 -17.79 0.00
C CYS B 381 -10.71 -18.44 0.15
N SER B 382 -11.64 -18.03 -0.70
CA SER B 382 -12.90 -18.70 -0.89
C SER B 382 -13.94 -18.51 0.20
N TYR B 383 -13.53 -18.25 1.44
CA TYR B 383 -14.48 -18.10 2.56
C TYR B 383 -14.21 -16.87 3.46
N ARG B 384 -13.15 -16.11 3.21
CA ARG B 384 -12.76 -15.13 4.21
C ARG B 384 -13.38 -13.78 4.00
N LEU B 385 -13.93 -13.57 2.81
CA LEU B 385 -14.52 -12.29 2.50
C LEU B 385 -15.81 -12.49 1.75
N ALA B 386 -16.85 -11.78 2.13
CA ALA B 386 -18.12 -11.88 1.43
C ALA B 386 -18.56 -10.51 1.02
N VAL B 387 -19.16 -10.40 -0.16
CA VAL B 387 -19.84 -9.19 -0.58
C VAL B 387 -21.30 -9.51 -0.70
N VAL B 388 -22.12 -8.71 -0.06
CA VAL B 388 -23.58 -8.92 -0.03
C VAL B 388 -24.27 -7.67 -0.51
N THR B 389 -25.23 -7.81 -1.45
CA THR B 389 -25.99 -6.65 -1.89
C THR B 389 -27.43 -6.78 -1.49
N ILE B 390 -28.05 -5.69 -1.09
CA ILE B 390 -29.42 -5.75 -0.53
C ILE B 390 -30.30 -4.68 -1.11
N LYS B 391 -31.62 -4.86 -0.97
CA LYS B 391 -32.57 -3.73 -1.11
C LYS B 391 -32.81 -3.25 0.28
N LYS B 392 -32.21 -2.13 0.62
CA LYS B 392 -32.24 -1.65 1.99
C LYS B 392 -33.60 -1.05 2.22
N GLN B 393 -34.17 -1.36 3.37
CA GLN B 393 -35.55 -1.02 3.72
C GLN B 393 -35.65 -0.13 4.97
N TYR B 394 -34.58 0.02 5.75
CA TYR B 394 -34.58 0.90 6.93
C TYR B 394 -33.19 1.21 7.39
N ALA B 395 -33.09 2.29 8.14
CA ALA B 395 -31.84 2.70 8.71
C ALA B 395 -31.26 1.59 9.54
N GLY B 396 -29.97 1.34 9.36
CA GLY B 396 -29.23 0.29 10.08
C GLY B 396 -29.38 -1.10 9.52
N HIS B 397 -30.10 -1.24 8.42
CA HIS B 397 -30.30 -2.55 7.80
C HIS B 397 -28.99 -3.33 7.55
N ALA B 398 -27.97 -2.67 7.08
CA ALA B 398 -26.76 -3.40 6.75
C ALA B 398 -26.24 -4.19 7.95
N LYS B 399 -26.41 -3.67 9.17
CA LYS B 399 -25.84 -4.37 10.33
C LYS B 399 -26.56 -5.68 10.63
N ARG B 400 -27.87 -5.73 10.38
CA ARG B 400 -28.61 -6.98 10.53
C ARG B 400 -28.10 -8.03 9.54
N VAL B 401 -27.87 -7.61 8.31
CA VAL B 401 -27.36 -8.52 7.27
C VAL B 401 -25.94 -9.04 7.59
N MET B 402 -25.05 -8.17 8.08
CA MET B 402 -23.72 -8.64 8.49
C MET B 402 -23.88 -9.71 9.53
N MET B 403 -24.70 -9.45 10.54
CA MET B 403 -24.85 -10.43 11.62
C MET B 403 -25.45 -11.73 11.13
N GLY B 404 -26.32 -11.62 10.14
CA GLY B 404 -26.87 -12.79 9.53
C GLY B 404 -25.86 -13.63 8.81
N VAL B 405 -24.95 -13.01 8.07
CA VAL B 405 -23.91 -13.78 7.40
C VAL B 405 -23.01 -14.45 8.45
N TRP B 406 -22.63 -13.71 9.48
CA TRP B 406 -21.81 -14.31 10.51
C TRP B 406 -22.51 -15.34 11.40
N SER B 407 -23.83 -15.53 11.30
CA SER B 407 -24.50 -16.45 12.22
C SER B 407 -25.39 -17.48 11.60
N PHE B 408 -25.88 -17.27 10.38
CA PHE B 408 -26.98 -18.10 9.91
C PHE B 408 -26.47 -19.47 9.49
N LEU B 409 -25.52 -19.53 8.56
CA LEU B 409 -24.92 -20.79 8.14
C LEU B 409 -23.48 -20.95 8.64
N ARG B 410 -23.16 -22.14 9.09
CA ARG B 410 -21.84 -22.43 9.61
C ARG B 410 -20.74 -22.22 8.61
N GLN B 411 -20.99 -22.41 7.31
CA GLN B 411 -19.88 -22.26 6.37
C GLN B 411 -19.39 -20.84 6.39
N PHE B 412 -20.19 -19.86 6.81
CA PHE B 412 -19.74 -18.45 6.88
C PHE B 412 -19.36 -17.95 8.26
N MET B 413 -19.33 -18.83 9.25
CA MET B 413 -18.97 -18.45 10.61
C MET B 413 -17.57 -17.84 10.75
N TYR B 414 -16.63 -18.17 9.87
CA TYR B 414 -15.24 -17.69 9.97
C TYR B 414 -14.92 -16.58 8.98
N THR B 415 -15.93 -16.06 8.31
CA THR B 415 -15.77 -14.99 7.34
C THR B 415 -15.34 -13.70 8.08
N LYS B 416 -14.13 -13.24 7.84
CA LYS B 416 -13.61 -12.12 8.57
C LYS B 416 -14.06 -10.78 8.04
N PHE B 417 -14.29 -10.67 6.74
CA PHE B 417 -14.72 -9.39 6.18
C PHE B 417 -16.03 -9.56 5.47
N VAL B 418 -16.96 -8.63 5.73
CA VAL B 418 -18.27 -8.63 5.05
C VAL B 418 -18.53 -7.26 4.59
N ILE B 419 -18.71 -7.09 3.27
CA ILE B 419 -19.00 -5.80 2.69
C ILE B 419 -20.45 -5.80 2.27
N VAL B 420 -21.23 -4.82 2.73
CA VAL B 420 -22.64 -4.74 2.37
C VAL B 420 -22.91 -3.55 1.52
N CYS B 421 -23.62 -3.75 0.41
CA CYS B 421 -23.89 -2.73 -0.57
C CYS B 421 -25.36 -2.77 -1.02
N ASP B 422 -25.76 -1.73 -1.73
CA ASP B 422 -27.08 -1.68 -2.31
C ASP B 422 -27.15 -2.49 -3.58
N ASP B 423 -28.35 -2.63 -4.11
CA ASP B 423 -28.57 -3.45 -5.34
C ASP B 423 -28.13 -2.82 -6.67
N ASP B 424 -27.74 -1.56 -6.67
CA ASP B 424 -27.13 -0.98 -7.89
C ASP B 424 -25.66 -1.34 -8.04
N VAL B 425 -25.16 -2.24 -7.20
CA VAL B 425 -23.79 -2.73 -7.25
C VAL B 425 -23.77 -4.19 -7.66
N ASN B 426 -22.84 -4.51 -8.53
CA ASN B 426 -22.61 -5.88 -8.86
C ASN B 426 -21.55 -6.40 -7.92
N ALA B 427 -21.94 -7.32 -7.07
CA ALA B 427 -21.02 -7.84 -6.05
C ALA B 427 -19.84 -8.54 -6.58
N ARG B 428 -19.87 -8.89 -7.87
CA ARG B 428 -18.82 -9.69 -8.47
C ARG B 428 -17.75 -8.89 -9.23
N ASP B 429 -17.86 -7.56 -9.15
CA ASP B 429 -17.03 -6.65 -9.88
C ASP B 429 -16.41 -5.67 -8.90
N TRP B 430 -15.10 -5.77 -8.71
CA TRP B 430 -14.43 -4.89 -7.78
C TRP B 430 -14.57 -3.43 -8.14
N ASN B 431 -14.76 -3.11 -9.43
CA ASN B 431 -15.02 -1.75 -9.79
C ASN B 431 -16.26 -1.17 -9.10
N ASP B 432 -17.31 -1.94 -8.95
CA ASP B 432 -18.53 -1.43 -8.34
C ASP B 432 -18.35 -1.44 -6.81
N VAL B 433 -17.70 -2.46 -6.30
CA VAL B 433 -17.62 -2.62 -4.86
C VAL B 433 -16.72 -1.56 -4.28
N ILE B 434 -15.56 -1.32 -4.90
CA ILE B 434 -14.67 -0.26 -4.41
C ILE B 434 -15.34 1.09 -4.59
N TRP B 435 -16.11 1.25 -5.65
CA TRP B 435 -16.77 2.50 -5.86
C TRP B 435 -17.71 2.76 -4.72
N ALA B 436 -18.39 1.71 -4.30
CA ALA B 436 -19.41 1.84 -3.25
C ALA B 436 -18.77 2.12 -1.91
N ILE B 437 -17.73 1.38 -1.62
CA ILE B 437 -16.95 1.64 -0.44
C ILE B 437 -16.45 3.09 -0.37
N THR B 438 -15.90 3.61 -1.45
CA THR B 438 -15.24 4.90 -1.40
C THR B 438 -16.20 6.03 -1.59
N THR B 439 -17.45 5.79 -1.98
CA THR B 439 -18.40 6.91 -2.10
C THR B 439 -19.53 6.84 -1.12
N ARG B 440 -19.74 5.72 -0.45
CA ARG B 440 -20.85 5.63 0.49
C ARG B 440 -20.45 5.38 1.91
N MET B 441 -19.16 5.32 2.20
CA MET B 441 -18.69 5.12 3.61
C MET B 441 -17.91 6.30 4.14
N ASP B 442 -18.20 6.65 5.40
CA ASP B 442 -17.18 7.25 6.31
C ASP B 442 -16.61 6.13 7.15
N PRO B 443 -15.34 5.82 6.96
CA PRO B 443 -14.73 4.64 7.59
C PRO B 443 -15.02 4.47 9.06
N ALA B 444 -14.83 5.48 9.88
CA ALA B 444 -15.10 5.28 11.32
C ALA B 444 -16.57 5.10 11.64
N ARG B 445 -17.45 5.88 11.00
CA ARG B 445 -18.86 5.69 11.24
C ARG B 445 -19.43 4.30 10.78
N ASP B 446 -18.94 3.74 9.68
CA ASP B 446 -19.65 2.67 8.93
C ASP B 446 -18.96 1.34 8.94
N THR B 447 -17.92 1.24 9.76
CA THR B 447 -17.16 0.04 9.89
C THR B 447 -17.51 -0.54 11.25
N VAL B 448 -17.89 -1.81 11.26
CA VAL B 448 -18.17 -2.49 12.47
C VAL B 448 -17.02 -3.48 12.73
N LEU B 449 -16.48 -3.44 13.95
CA LEU B 449 -15.49 -4.36 14.39
C LEU B 449 -16.01 -5.19 15.54
N VAL B 450 -15.86 -6.50 15.49
CA VAL B 450 -16.21 -7.34 16.62
C VAL B 450 -15.02 -8.16 17.00
N GLU B 451 -14.63 -8.10 18.26
CA GLU B 451 -13.48 -8.83 18.74
C GLU B 451 -13.83 -10.16 19.34
N ASN B 452 -12.83 -11.04 19.42
CA ASN B 452 -12.94 -12.29 20.11
C ASN B 452 -14.05 -13.16 19.57
N THR B 453 -14.00 -13.42 18.27
CA THR B 453 -14.94 -14.29 17.58
C THR B 453 -14.23 -15.52 16.99
N PRO B 454 -14.98 -16.53 16.57
CA PRO B 454 -14.34 -17.79 16.23
C PRO B 454 -13.61 -17.61 14.93
N ILE B 455 -12.41 -18.17 14.83
CA ILE B 455 -11.61 -18.09 13.64
C ILE B 455 -10.94 -19.46 13.48
N ASP B 456 -10.70 -19.80 12.23
CA ASP B 456 -10.01 -21.03 11.83
C ASP B 456 -8.66 -21.09 12.56
N TYR B 457 -8.36 -22.21 13.18
CA TYR B 457 -7.14 -22.28 13.98
C TYR B 457 -5.88 -22.19 13.11
N LEU B 458 -5.97 -22.51 11.83
CA LEU B 458 -4.86 -22.37 10.85
C LEU B 458 -4.65 -20.97 10.31
N ASP B 459 -5.54 -20.05 10.66
CA ASP B 459 -5.34 -18.71 10.20
C ASP B 459 -4.36 -18.02 11.15
N PHE B 460 -3.13 -17.92 10.71
CA PHE B 460 -2.04 -17.42 11.49
C PHE B 460 -2.07 -15.91 11.67
N ALA B 461 -3.00 -15.25 11.04
CA ALA B 461 -3.06 -13.80 11.15
C ALA B 461 -3.82 -13.34 12.35
N SER B 462 -4.61 -14.21 12.95
CA SER B 462 -5.37 -13.85 14.18
C SER B 462 -4.39 -13.88 15.33
N PRO B 463 -4.65 -13.07 16.36
CA PRO B 463 -3.68 -12.91 17.45
C PRO B 463 -3.52 -14.14 18.29
N VAL B 464 -4.54 -14.97 18.36
CA VAL B 464 -4.45 -16.19 19.08
C VAL B 464 -5.11 -17.27 18.29
N SER B 465 -4.58 -18.47 18.36
CA SER B 465 -5.15 -19.58 17.66
C SER B 465 -6.67 -19.77 18.01
N GLY B 466 -7.49 -19.82 16.99
CA GLY B 466 -8.93 -20.03 17.17
C GLY B 466 -9.75 -18.82 17.54
N LEU B 467 -9.13 -17.65 17.70
CA LEU B 467 -9.87 -16.46 18.12
C LEU B 467 -9.35 -15.23 17.43
N GLY B 468 -10.25 -14.43 16.88
CA GLY B 468 -9.85 -13.18 16.20
C GLY B 468 -11.02 -12.25 15.98
N SER B 469 -10.80 -11.17 15.24
CA SER B 469 -11.85 -10.23 15.01
C SER B 469 -12.41 -10.32 13.62
N LYS B 470 -13.53 -9.61 13.44
CA LYS B 470 -14.27 -9.52 12.22
C LYS B 470 -14.59 -8.09 11.92
N MET B 471 -14.66 -7.78 10.65
CA MET B 471 -14.92 -6.45 10.22
C MET B 471 -16.07 -6.46 9.20
N GLY B 472 -17.08 -5.62 9.39
CA GLY B 472 -18.10 -5.41 8.39
C GLY B 472 -18.03 -3.99 7.89
N LEU B 473 -18.15 -3.80 6.60
CA LEU B 473 -18.18 -2.50 5.98
C LEU B 473 -19.59 -2.22 5.49
N ASP B 474 -20.24 -1.21 6.08
CA ASP B 474 -21.54 -0.80 5.65
C ASP B 474 -21.39 0.20 4.55
N ALA B 475 -21.50 -0.24 3.31
CA ALA B 475 -21.28 0.63 2.21
C ALA B 475 -22.57 0.89 1.51
N THR B 476 -23.66 0.86 2.26
CA THR B 476 -24.96 1.19 1.69
C THR B 476 -25.21 2.68 1.69
N ASN B 477 -26.17 3.14 0.88
CA ASN B 477 -26.59 4.52 0.94
C ASN B 477 -27.13 4.81 2.27
N LYS B 478 -26.75 5.93 2.83
CA LYS B 478 -27.15 6.27 4.17
C LYS B 478 -28.39 7.12 4.18
N TRP B 479 -29.32 6.76 5.05
CA TRP B 479 -30.64 7.37 5.06
C TRP B 479 -30.67 8.46 6.09
N PRO B 480 -31.71 9.29 6.09
CA PRO B 480 -31.84 10.27 7.19
C PRO B 480 -31.83 9.61 8.54
N GLY B 481 -31.08 10.19 9.46
CA GLY B 481 -30.78 9.52 10.71
C GLY B 481 -29.34 8.99 10.73
N GLU B 482 -28.92 8.36 9.64
CA GLU B 482 -27.57 7.81 9.50
C GLU B 482 -26.60 8.92 9.05
N THR B 483 -27.15 9.96 8.44
CA THR B 483 -26.40 11.11 8.00
C THR B 483 -27.35 12.29 7.97
N GLN B 484 -26.83 13.47 8.16
CA GLN B 484 -27.56 14.72 8.10
C GLN B 484 -27.22 15.44 6.81
N ARG B 485 -26.36 14.88 5.96
CA ARG B 485 -26.06 15.51 4.66
C ARG B 485 -27.07 15.12 3.56
N GLU B 486 -26.93 15.79 2.43
CA GLU B 486 -27.70 15.46 1.26
C GLU B 486 -26.90 14.42 0.52
N TRP B 487 -27.49 13.24 0.44
CA TRP B 487 -26.83 12.11 -0.15
C TRP B 487 -26.88 12.24 -1.67
N GLY B 488 -25.91 11.72 -2.37
CA GLY B 488 -25.85 11.89 -3.82
C GLY B 488 -26.88 11.03 -4.52
N ARG B 489 -27.35 11.49 -5.69
CA ARG B 489 -28.20 10.75 -6.58
C ARG B 489 -27.34 9.99 -7.60
N PRO B 490 -27.36 8.67 -7.52
CA PRO B 490 -26.44 7.94 -8.39
C PRO B 490 -26.88 7.93 -9.83
N ILE B 491 -25.95 7.72 -10.72
CA ILE B 491 -26.22 7.58 -12.15
C ILE B 491 -26.78 6.19 -12.43
N LYS B 492 -28.03 6.09 -12.86
CA LYS B 492 -28.60 4.84 -13.35
C LYS B 492 -28.62 4.90 -14.87
N LYS B 493 -28.22 3.79 -15.50
CA LYS B 493 -28.38 3.57 -16.95
C LYS B 493 -29.82 3.44 -17.41
N ASP B 494 -30.07 3.80 -18.66
CA ASP B 494 -31.37 3.59 -19.30
C ASP B 494 -31.47 2.11 -19.69
N PRO B 495 -32.39 1.34 -19.06
CA PRO B 495 -32.53 -0.10 -19.47
C PRO B 495 -32.84 -0.36 -20.97
N ASP B 496 -33.50 0.57 -21.64
CA ASP B 496 -33.76 0.44 -23.09
C ASP B 496 -32.50 0.51 -23.96
N VAL B 497 -31.60 1.41 -23.60
CA VAL B 497 -30.31 1.53 -24.22
C VAL B 497 -29.46 0.27 -23.93
N VAL B 498 -29.52 -0.21 -22.68
CA VAL B 498 -28.76 -1.39 -22.32
C VAL B 498 -29.22 -2.56 -23.20
N ALA B 499 -30.53 -2.75 -23.28
CA ALA B 499 -31.09 -3.85 -24.04
C ALA B 499 -30.80 -3.70 -25.53
N HIS B 500 -30.87 -2.49 -26.04
CA HIS B 500 -30.58 -2.31 -27.44
C HIS B 500 -29.11 -2.66 -27.77
N ILE B 501 -28.20 -2.27 -26.88
CA ILE B 501 -26.80 -2.54 -27.11
C ILE B 501 -26.54 -4.03 -26.90
N ASP B 502 -27.23 -4.67 -25.97
CA ASP B 502 -27.17 -6.16 -25.89
C ASP B 502 -27.51 -6.76 -27.25
N ALA B 503 -28.52 -6.20 -27.92
CA ALA B 503 -29.02 -6.80 -29.14
C ALA B 503 -28.01 -6.68 -30.26
N ILE B 504 -27.29 -5.57 -30.34
CA ILE B 504 -26.34 -5.40 -31.44
C ILE B 504 -24.90 -5.71 -31.05
N TRP B 505 -24.68 -6.15 -29.82
CA TRP B 505 -23.32 -6.35 -29.32
C TRP B 505 -22.46 -7.24 -30.22
N ASP B 506 -22.94 -8.44 -30.55
CA ASP B 506 -22.19 -9.38 -31.38
C ASP B 506 -21.90 -8.80 -32.77
N GLU B 507 -22.92 -8.16 -33.37
CA GLU B 507 -22.77 -7.54 -34.68
C GLU B 507 -21.74 -6.42 -34.69
N LEU B 508 -21.72 -5.59 -33.65
CA LEU B 508 -20.69 -4.55 -33.50
C LEU B 508 -19.28 -5.09 -33.57
N ALA B 509 -19.08 -6.27 -33.00
CA ALA B 509 -17.84 -7.05 -33.21
C ALA B 509 -16.59 -6.32 -32.75
N ILE B 510 -16.60 -5.81 -31.54
CA ILE B 510 -15.43 -5.07 -31.05
C ILE B 510 -14.24 -5.96 -30.67
N PHE B 511 -14.48 -7.24 -30.38
CA PHE B 511 -13.43 -8.13 -29.86
C PHE B 511 -12.98 -9.35 -30.70
N ASN C 27 40.27 27.89 13.89
CA ASN C 27 40.95 26.78 13.13
C ASN C 27 40.83 25.41 13.82
N ASP C 28 41.61 25.12 14.89
CA ASP C 28 41.45 23.89 15.75
C ASP C 28 40.70 24.05 17.10
N LEU C 29 40.63 22.98 17.90
CA LEU C 29 39.93 23.03 19.19
C LEU C 29 40.56 24.00 20.18
N ARG C 30 41.89 24.00 20.22
CA ARG C 30 42.59 24.87 21.17
C ARG C 30 42.28 26.34 20.89
N ASP C 31 42.15 26.71 19.61
CA ASP C 31 41.80 28.10 19.25
C ASP C 31 40.43 28.43 19.75
N PHE C 32 39.53 27.45 19.71
CA PHE C 32 38.18 27.63 20.25
C PHE C 32 38.20 27.80 21.79
N LEU C 33 38.98 26.98 22.49
CA LEU C 33 39.08 27.13 23.94
C LEU C 33 39.60 28.49 24.34
N THR C 34 40.58 29.00 23.60
CA THR C 34 41.18 30.31 23.87
C THR C 34 40.12 31.40 23.64
N LEU C 35 39.33 31.28 22.58
CA LEU C 35 38.22 32.23 22.33
C LEU C 35 37.23 32.22 23.50
N LEU C 36 36.83 31.02 23.93
CA LEU C 36 35.93 30.90 25.06
C LEU C 36 36.53 31.49 26.31
N GLU C 37 37.81 31.23 26.57
CA GLU C 37 38.40 31.77 27.79
C GLU C 37 38.39 33.29 27.81
N GLN C 38 38.73 33.90 26.67
CA GLN C 38 38.68 35.36 26.52
C GLN C 38 37.31 35.92 26.85
N GLN C 39 36.24 35.18 26.54
CA GLN C 39 34.88 35.66 26.80
C GLN C 39 34.21 35.21 28.10
N GLY C 40 34.99 34.67 29.05
CA GLY C 40 34.44 34.20 30.31
C GLY C 40 33.53 32.98 30.16
N GLU C 41 33.78 32.16 29.14
CA GLU C 41 32.99 30.98 28.84
C GLU C 41 33.76 29.67 29.05
N LEU C 42 34.95 29.76 29.67
CA LEU C 42 35.76 28.59 29.98
C LEU C 42 36.45 28.81 31.31
N LYS C 43 36.26 27.87 32.23
CA LYS C 43 36.89 27.92 33.55
C LYS C 43 37.87 26.78 33.70
N ARG C 44 39.09 27.11 34.14
CA ARG C 44 40.10 26.10 34.47
C ARG C 44 40.00 25.75 35.93
N ILE C 45 39.81 24.47 36.22
CA ILE C 45 39.76 23.97 37.59
C ILE C 45 41.13 23.35 37.96
N THR C 46 41.78 23.91 38.97
CA THR C 46 43.06 23.38 39.42
C THR C 46 42.97 22.40 40.59
N LEU C 47 41.84 22.40 41.30
CA LEU C 47 41.67 21.42 42.38
C LEU C 47 41.69 19.97 41.84
N PRO C 48 42.11 19.02 42.67
CA PRO C 48 42.06 17.62 42.22
C PRO C 48 40.63 17.12 42.13
N VAL C 49 40.27 16.51 41.01
CA VAL C 49 38.93 15.99 40.81
C VAL C 49 38.97 14.64 40.14
N ASP C 50 38.21 13.68 40.69
CA ASP C 50 38.24 12.31 40.20
C ASP C 50 37.40 12.21 38.92
N PRO C 51 37.94 11.58 37.87
CA PRO C 51 37.10 11.27 36.74
C PRO C 51 36.04 10.23 37.07
N HIS C 52 36.26 9.46 38.12
CA HIS C 52 35.22 8.56 38.68
C HIS C 52 34.19 9.38 39.47
N LEU C 53 33.08 9.69 38.81
CA LEU C 53 31.91 10.36 39.39
C LEU C 53 31.97 11.85 39.66
N GLU C 54 33.13 12.39 40.01
CA GLU C 54 33.15 13.73 40.56
C GLU C 54 32.99 14.75 39.49
N ILE C 55 33.68 14.54 38.37
CA ILE C 55 33.61 15.49 37.30
C ILE C 55 32.17 15.64 36.83
N THR C 56 31.48 14.51 36.69
CA THR C 56 30.09 14.53 36.29
C THR C 56 29.24 15.38 37.22
N GLU C 57 29.41 15.24 38.52
CA GLU C 57 28.68 16.06 39.45
C GLU C 57 28.90 17.56 39.27
N ILE C 58 30.15 17.94 39.13
CA ILE C 58 30.50 19.34 38.89
C ILE C 58 29.92 19.86 37.57
N ALA C 59 30.02 19.06 36.52
CA ALA C 59 29.54 19.47 35.20
C ALA C 59 28.04 19.61 35.18
N ASP C 60 27.36 18.69 35.84
CA ASP C 60 25.93 18.71 35.94
C ASP C 60 25.46 19.96 36.67
N ARG C 61 26.01 20.28 37.81
CA ARG C 61 25.62 21.53 38.44
C ARG C 61 25.86 22.75 37.55
N THR C 62 27.00 22.74 36.84
CA THR C 62 27.41 23.87 36.06
C THR C 62 26.45 24.05 34.90
N LEU C 63 26.11 22.95 34.25
CA LEU C 63 25.22 23.01 33.12
C LEU C 63 23.88 23.50 33.52
N ARG C 64 23.40 23.01 34.65
CA ARG C 64 22.06 23.32 35.12
C ARG C 64 21.90 24.79 35.44
N ALA C 65 23.01 25.46 35.73
CA ALA C 65 23.02 26.89 36.04
C ALA C 65 23.60 27.73 34.87
N GLY C 66 23.68 27.13 33.69
CA GLY C 66 24.08 27.89 32.52
C GLY C 66 25.51 28.39 32.56
N GLY C 67 26.39 27.67 33.22
CA GLY C 67 27.77 28.12 33.41
C GLY C 67 28.69 27.79 32.26
N PRO C 68 29.98 28.02 32.45
CA PRO C 68 30.93 27.88 31.36
C PRO C 68 31.29 26.46 31.07
N ALA C 69 32.09 26.29 30.04
CA ALA C 69 32.76 25.02 29.80
C ALA C 69 33.88 24.85 30.81
N LEU C 70 34.36 23.61 30.97
CA LEU C 70 35.20 23.28 32.12
C LEU C 70 36.42 22.52 31.70
N LEU C 71 37.58 22.96 32.17
CA LEU C 71 38.83 22.28 31.88
C LEU C 71 39.49 21.90 33.19
N PHE C 72 39.53 20.60 33.44
CA PHE C 72 40.04 20.08 34.69
C PHE C 72 41.53 19.79 34.51
N GLU C 73 42.36 20.69 35.03
CA GLU C 73 43.79 20.57 34.84
C GLU C 73 44.44 19.56 35.80
N ASN C 74 43.74 19.12 36.85
CA ASN C 74 44.36 18.22 37.85
C ASN C 74 43.44 17.02 38.14
N PRO C 75 43.23 16.17 37.14
CA PRO C 75 42.39 15.00 37.38
C PRO C 75 43.11 14.01 38.28
N LYS C 76 42.46 13.54 39.32
CA LYS C 76 43.08 12.68 40.27
C LYS C 76 43.56 11.35 39.62
N GLY C 77 44.89 11.14 39.62
CA GLY C 77 45.48 9.93 39.06
C GLY C 77 45.94 9.98 37.60
N TYR C 78 45.89 11.16 36.97
CA TYR C 78 46.23 11.33 35.54
C TYR C 78 46.93 12.66 35.34
N SER C 79 47.60 12.83 34.19
CA SER C 79 48.28 14.09 33.89
C SER C 79 47.58 14.86 32.77
N MET C 80 46.71 14.18 32.04
CA MET C 80 46.07 14.73 30.86
C MET C 80 44.78 15.46 31.30
N PRO C 81 44.69 16.78 31.05
CA PRO C 81 43.51 17.53 31.45
C PRO C 81 42.23 17.03 30.82
N VAL C 82 41.10 17.24 31.51
CA VAL C 82 39.83 16.74 31.04
C VAL C 82 38.93 17.92 30.73
N LEU C 83 38.43 17.96 29.50
CA LEU C 83 37.55 19.04 29.08
C LEU C 83 36.14 18.53 29.00
N CYS C 84 35.21 19.22 29.64
CA CYS C 84 33.84 18.86 29.43
C CYS C 84 32.88 20.05 29.54
N ASN C 85 31.59 19.78 29.39
CA ASN C 85 30.58 20.81 29.25
C ASN C 85 30.95 21.78 28.14
N LEU C 86 31.58 21.29 27.09
CA LEU C 86 32.00 22.18 26.03
C LEU C 86 30.79 22.90 25.42
N PHE C 87 29.75 22.14 25.10
CA PHE C 87 28.55 22.68 24.46
C PHE C 87 27.37 22.72 25.41
N GLY C 88 27.60 23.16 26.63
CA GLY C 88 26.55 23.16 27.64
C GLY C 88 25.56 24.29 27.54
N THR C 89 25.75 25.16 26.58
CA THR C 89 24.95 26.35 26.45
C THR C 89 24.72 26.55 24.96
N PRO C 90 23.53 27.05 24.56
CA PRO C 90 23.23 27.27 23.14
C PRO C 90 24.23 28.21 22.46
N LYS C 91 24.61 29.25 23.18
CA LYS C 91 25.59 30.21 22.73
C LYS C 91 26.86 29.52 22.23
N ARG C 92 27.39 28.62 23.04
CA ARG C 92 28.64 27.95 22.76
C ARG C 92 28.47 27.01 21.59
N VAL C 93 27.29 26.48 21.41
CA VAL C 93 27.05 25.69 20.19
C VAL C 93 27.16 26.61 18.97
N ALA C 94 26.52 27.77 19.03
CA ALA C 94 26.58 28.73 17.93
C ALA C 94 28.03 29.18 17.70
N MET C 95 28.70 29.63 18.76
CA MET C 95 30.10 30.01 18.66
C MET C 95 30.88 28.92 17.96
N GLY C 96 30.57 27.66 18.24
CA GLY C 96 31.28 26.54 17.64
C GLY C 96 31.13 26.40 16.14
N MET C 97 30.15 27.10 15.56
CA MET C 97 29.99 27.19 14.10
C MET C 97 30.29 28.60 13.61
N GLY C 98 31.17 29.32 14.34
CA GLY C 98 31.63 30.65 13.95
C GLY C 98 30.63 31.78 14.12
N GLN C 99 29.41 31.49 14.57
CA GLN C 99 28.33 32.49 14.54
C GLN C 99 28.09 33.13 15.90
N GLU C 100 27.45 34.29 15.83
CA GLU C 100 27.24 35.17 16.96
C GLU C 100 25.96 34.84 17.71
N ASP C 101 25.12 33.95 17.16
CA ASP C 101 23.76 33.78 17.64
C ASP C 101 23.17 32.40 17.36
N VAL C 102 22.21 31.98 18.18
CA VAL C 102 21.56 30.68 18.00
C VAL C 102 20.62 30.72 16.75
N SER C 103 20.11 31.89 16.41
CA SER C 103 19.21 32.05 15.26
C SER C 103 19.92 32.02 13.89
N ALA C 104 21.24 31.97 13.86
CA ALA C 104 21.96 31.68 12.61
C ALA C 104 21.82 30.21 12.20
N LEU C 105 21.45 29.36 13.15
CA LEU C 105 21.29 27.93 12.84
C LEU C 105 20.16 27.67 11.82
N ARG C 106 19.16 28.54 11.78
CA ARG C 106 18.13 28.43 10.76
C ARG C 106 18.73 28.50 9.35
N GLU C 107 19.67 29.44 9.14
CA GLU C 107 20.32 29.56 7.81
C GLU C 107 21.08 28.29 7.42
N VAL C 108 21.69 27.66 8.40
CA VAL C 108 22.28 26.34 8.16
C VAL C 108 21.25 25.30 7.71
N GLY C 109 20.09 25.34 8.33
CA GLY C 109 19.00 24.47 7.94
C GLY C 109 18.60 24.67 6.50
N LYS C 110 18.49 25.92 6.06
CA LYS C 110 18.17 26.22 4.66
C LYS C 110 19.22 25.61 3.74
N LEU C 111 20.46 25.57 4.19
CA LEU C 111 21.50 24.97 3.37
C LEU C 111 21.37 23.44 3.37
N LEU C 112 21.25 22.85 4.55
CA LEU C 112 21.02 21.38 4.68
C LEU C 112 19.83 20.87 3.88
N ALA C 113 18.90 21.75 3.54
CA ALA C 113 17.81 21.41 2.63
C ALA C 113 18.31 21.00 1.23
N PHE C 114 19.12 21.82 0.56
CA PHE C 114 19.45 21.53 -0.86
C PHE C 114 19.60 20.00 -1.12
N LEU C 115 18.64 19.40 -1.88
CA LEU C 115 18.46 17.89 -2.01
C LEU C 115 17.94 17.22 -3.34
N LYS C 116 17.25 17.91 -4.26
CA LYS C 116 16.65 17.22 -5.46
C LYS C 116 17.77 16.82 -6.47
N GLU C 117 17.53 16.83 -7.80
CA GLU C 117 18.60 16.56 -8.80
C GLU C 117 18.24 16.99 -10.29
N PRO C 118 17.82 16.06 -11.14
CA PRO C 118 17.43 16.38 -12.52
C PRO C 118 16.63 15.26 -13.16
N MET C 140 32.10 18.95 -1.57
CA MET C 140 33.30 19.55 -0.99
C MET C 140 34.11 18.55 -0.14
N PRO C 141 35.27 18.11 -0.65
CA PRO C 141 36.04 17.05 0.02
C PRO C 141 36.88 17.53 1.22
N THR C 142 37.65 16.59 1.77
CA THR C 142 38.62 16.90 2.82
C THR C 142 39.91 17.39 2.19
N LYS C 143 40.68 18.17 2.95
CA LYS C 143 42.03 18.56 2.58
C LYS C 143 43.02 17.76 3.42
N ARG C 144 43.75 16.86 2.75
CA ARG C 144 44.64 15.94 3.43
C ARG C 144 46.09 16.44 3.57
N LEU C 145 46.54 16.61 4.82
CA LEU C 145 47.94 17.01 5.12
C LEU C 145 48.87 15.80 5.19
N GLN C 151 49.18 18.92 14.16
CA GLN C 151 49.31 17.49 13.88
C GLN C 151 49.28 16.73 15.22
N GLN C 152 49.59 15.44 15.18
CA GLN C 152 49.64 14.61 16.36
C GLN C 152 50.99 13.91 16.37
N LYS C 153 51.69 13.98 17.49
CA LYS C 153 53.08 13.59 17.54
C LYS C 153 53.19 12.12 17.96
N ILE C 154 53.04 11.80 19.26
CA ILE C 154 53.52 10.48 19.79
C ILE C 154 52.44 9.35 19.64
N VAL C 155 52.88 8.10 19.73
CA VAL C 155 52.23 6.94 19.11
C VAL C 155 52.47 5.66 19.98
N SER C 156 51.54 4.69 20.05
CA SER C 156 51.83 3.34 20.66
C SER C 156 51.55 2.06 19.80
N GLY C 157 51.80 0.86 20.36
CA GLY C 157 51.88 -0.42 19.56
C GLY C 157 51.31 -1.66 20.27
N ASP C 158 52.13 -2.22 21.16
CA ASP C 158 51.78 -3.27 22.15
C ASP C 158 51.66 -2.70 23.57
N ASP C 159 52.15 -1.47 23.78
CA ASP C 159 52.07 -0.77 25.06
C ASP C 159 50.90 0.21 24.98
N VAL C 160 49.93 -0.07 24.10
CA VAL C 160 48.64 0.59 24.12
C VAL C 160 48.07 0.30 25.47
N ASP C 161 47.73 1.37 26.18
CA ASP C 161 47.13 1.26 27.50
C ASP C 161 46.13 2.40 27.73
N LEU C 162 44.87 2.11 27.46
CA LEU C 162 43.79 3.06 27.64
C LEU C 162 43.64 3.54 29.10
N ASN C 163 44.06 2.72 30.07
CA ASN C 163 44.06 3.11 31.48
C ASN C 163 44.86 4.38 31.83
N ARG C 164 45.76 4.80 30.94
CA ARG C 164 46.54 6.03 31.14
C ARG C 164 45.67 7.27 30.82
N ILE C 165 44.53 7.07 30.15
CA ILE C 165 43.65 8.18 29.78
C ILE C 165 42.58 8.35 30.85
N PRO C 166 42.26 9.61 31.22
CA PRO C 166 41.27 9.91 32.26
C PRO C 166 39.82 9.73 31.81
N ILE C 167 39.50 8.54 31.33
CA ILE C 167 38.16 8.20 30.93
C ILE C 167 37.20 8.32 32.13
N MET C 168 36.05 8.92 31.92
CA MET C 168 35.13 9.21 33.02
C MET C 168 34.20 8.06 33.31
N THR C 169 33.87 7.89 34.59
CA THR C 169 32.77 7.05 34.98
C THR C 169 31.72 8.06 35.45
N CYS C 170 30.52 7.98 34.83
CA CYS C 170 29.50 9.05 35.01
C CYS C 170 28.57 8.84 36.20
N TRP C 171 28.05 7.63 36.37
CA TRP C 171 27.05 7.41 37.40
C TRP C 171 27.38 6.19 38.26
N PRO C 172 26.88 6.15 39.48
CA PRO C 172 27.36 5.15 40.45
C PRO C 172 27.18 3.70 40.05
N GLU C 173 26.17 3.36 39.28
CA GLU C 173 25.99 1.97 38.90
C GLU C 173 26.38 1.70 37.45
N ASP C 174 27.10 2.63 36.82
CA ASP C 174 27.65 2.41 35.50
C ASP C 174 28.71 1.27 35.58
N ALA C 175 28.80 0.45 34.55
CA ALA C 175 29.64 -0.76 34.61
C ALA C 175 31.14 -0.49 34.62
N ALA C 176 31.58 0.58 33.96
CA ALA C 176 33.01 0.82 33.77
C ALA C 176 33.21 2.23 33.20
N PRO C 177 34.46 2.71 33.15
CA PRO C 177 34.65 4.00 32.48
C PRO C 177 34.20 3.97 31.04
N LEU C 178 33.75 5.13 30.57
CA LEU C 178 33.08 5.22 29.30
C LEU C 178 33.60 6.37 28.47
N ILE C 179 33.94 6.11 27.22
CA ILE C 179 34.34 7.19 26.30
C ILE C 179 33.13 7.73 25.62
N THR C 180 32.92 9.05 25.70
CA THR C 180 31.64 9.69 25.34
C THR C 180 31.69 10.75 24.27
N TRP C 181 32.87 11.21 23.87
CA TRP C 181 32.96 12.20 22.79
C TRP C 181 33.85 11.75 21.66
N GLY C 182 33.92 10.44 21.45
CA GLY C 182 34.72 9.91 20.32
C GLY C 182 33.97 10.04 19.01
N LEU C 183 34.61 10.68 18.02
CA LEU C 183 34.13 10.69 16.62
C LEU C 183 34.60 9.42 15.97
N THR C 184 33.70 8.46 15.84
CA THR C 184 34.06 7.19 15.18
C THR C 184 34.01 7.37 13.67
N VAL C 185 35.08 6.97 12.98
CA VAL C 185 35.19 7.12 11.52
C VAL C 185 35.15 5.76 10.88
N THR C 186 34.26 5.59 9.89
CA THR C 186 34.12 4.32 9.17
C THR C 186 33.87 4.53 7.68
N ARG C 187 34.30 3.53 6.92
CA ARG C 187 33.91 3.37 5.52
C ARG C 187 33.17 2.06 5.37
N GLY C 188 32.17 2.05 4.49
CA GLY C 188 31.54 0.81 4.08
C GLY C 188 32.24 0.28 2.83
N PRO C 189 31.89 -0.94 2.42
CA PRO C 189 32.53 -1.52 1.22
C PRO C 189 32.01 -0.96 -0.13
N HIS C 190 30.81 -0.38 -0.15
CA HIS C 190 30.14 -0.03 -1.42
C HIS C 190 30.31 1.43 -1.86
N LYS C 191 30.41 2.36 -0.92
CA LYS C 191 30.71 3.75 -1.25
C LYS C 191 31.96 4.23 -0.54
N GLU C 192 32.46 5.39 -0.97
CA GLU C 192 33.72 5.92 -0.47
C GLU C 192 33.50 6.84 0.73
N ARG C 193 32.29 7.42 0.82
CA ARG C 193 31.87 8.25 1.94
C ARG C 193 32.43 7.76 3.28
N GLN C 194 33.04 8.67 4.05
CA GLN C 194 33.45 8.42 5.45
C GLN C 194 32.42 8.95 6.41
N ASN C 195 31.82 8.07 7.21
CA ASN C 195 30.83 8.50 8.21
C ASN C 195 31.52 8.83 9.53
N LEU C 196 30.99 9.85 10.19
CA LEU C 196 31.40 10.18 11.55
C LEU C 196 30.18 10.12 12.47
N GLY C 197 30.29 9.37 13.56
CA GLY C 197 29.23 9.28 14.56
C GLY C 197 29.78 9.20 15.97
N ILE C 198 28.94 9.52 16.94
CA ILE C 198 29.34 9.44 18.33
C ILE C 198 28.68 8.26 18.96
N TYR C 199 29.49 7.27 19.30
CA TYR C 199 29.01 6.02 19.85
C TYR C 199 29.78 5.76 21.12
N ARG C 200 29.03 5.58 22.18
CA ARG C 200 29.60 5.37 23.48
C ARG C 200 30.41 4.07 23.53
N GLN C 201 31.52 4.10 24.26
CA GLN C 201 32.54 3.09 24.20
C GLN C 201 33.07 2.72 25.58
N GLN C 202 32.67 1.53 26.02
CA GLN C 202 32.99 1.05 27.37
C GLN C 202 34.39 0.51 27.42
N LEU C 203 35.13 0.79 28.49
CA LEU C 203 36.48 0.23 28.68
C LEU C 203 36.42 -1.20 29.22
N ILE C 204 36.96 -2.14 28.46
CA ILE C 204 37.00 -3.52 28.93
C ILE C 204 38.39 -4.11 29.04
N GLY C 205 39.44 -3.35 28.68
CA GLY C 205 40.81 -3.85 28.72
C GLY C 205 41.84 -2.80 28.31
N LYS C 206 43.13 -3.09 28.55
CA LYS C 206 44.21 -2.21 28.13
C LYS C 206 43.99 -1.67 26.71
N ASN C 207 43.45 -2.53 25.84
CA ASN C 207 43.35 -2.19 24.44
C ASN C 207 42.01 -2.58 23.80
N LYS C 208 40.96 -2.65 24.60
CA LYS C 208 39.67 -3.08 24.09
C LYS C 208 38.55 -2.17 24.57
N LEU C 209 37.72 -1.74 23.63
CA LEU C 209 36.56 -0.95 23.90
C LEU C 209 35.37 -1.64 23.27
N ILE C 210 34.17 -1.45 23.81
CA ILE C 210 32.97 -1.95 23.17
C ILE C 210 32.45 -0.82 22.34
N MET C 211 31.99 -1.12 21.13
CA MET C 211 31.52 -0.10 20.18
C MET C 211 29.99 -0.12 20.17
N ARG C 212 29.37 0.80 20.91
CA ARG C 212 27.94 0.79 20.96
C ARG C 212 27.29 1.72 19.97
N TRP C 213 27.34 1.33 18.71
CA TRP C 213 26.47 1.94 17.72
C TRP C 213 25.11 1.20 17.66
N LEU C 214 24.02 1.97 17.71
CA LEU C 214 22.70 1.40 17.50
C LEU C 214 22.58 1.06 16.01
N SER C 215 21.61 0.22 15.65
CA SER C 215 21.67 -0.50 14.35
C SER C 215 21.39 0.32 13.07
N HIS C 216 20.88 1.53 13.24
CA HIS C 216 20.53 2.41 12.12
C HIS C 216 21.65 3.43 11.82
N ARG C 217 22.69 3.43 12.66
CA ARG C 217 23.84 4.33 12.49
C ARG C 217 24.72 3.98 11.30
N GLY C 218 25.40 4.99 10.78
CA GLY C 218 26.34 4.83 9.68
C GLY C 218 27.38 3.78 9.99
N GLY C 219 28.03 3.91 11.13
CA GLY C 219 29.05 2.94 11.53
C GLY C 219 28.53 1.52 11.55
N ALA C 220 27.36 1.31 12.14
CA ALA C 220 26.80 -0.04 12.28
C ALA C 220 26.46 -0.67 10.94
N LEU C 221 25.95 0.16 10.03
CA LEU C 221 25.56 -0.29 8.69
C LEU C 221 26.80 -0.61 7.88
N ASP C 222 27.83 0.20 8.05
CA ASP C 222 29.10 -0.08 7.38
C ASP C 222 29.66 -1.42 7.83
N TYR C 223 29.72 -1.64 9.14
CA TYR C 223 30.23 -2.91 9.67
C TYR C 223 29.40 -4.09 9.18
N GLN C 224 28.09 -3.94 9.19
CA GLN C 224 27.17 -5.00 8.76
C GLN C 224 27.39 -5.39 7.29
N GLU C 225 27.57 -4.39 6.45
CA GLU C 225 27.88 -4.60 5.03
C GLU C 225 29.27 -5.16 4.80
N TRP C 226 30.25 -4.69 5.57
CA TRP C 226 31.61 -5.23 5.51
C TRP C 226 31.61 -6.72 5.80
N CYS C 227 30.94 -7.10 6.89
CA CYS C 227 30.67 -8.48 7.21
C CYS C 227 29.69 -8.76 6.10
N ALA C 228 29.75 -9.89 5.41
CA ALA C 228 28.87 -10.17 4.28
C ALA C 228 29.62 -9.91 2.98
N ALA C 229 30.21 -8.74 2.76
CA ALA C 229 31.07 -8.54 1.57
C ALA C 229 32.50 -9.10 1.73
N HIS C 230 32.97 -9.30 2.97
CA HIS C 230 34.32 -9.82 3.25
C HIS C 230 34.32 -10.73 4.49
N PRO C 231 33.68 -11.91 4.40
CA PRO C 231 33.55 -12.74 5.62
C PRO C 231 34.88 -12.95 6.35
N GLY C 232 34.87 -12.77 7.67
CA GLY C 232 36.04 -13.05 8.51
C GLY C 232 37.21 -12.08 8.46
N GLU C 233 37.09 -11.01 7.67
CA GLU C 233 38.14 -9.99 7.64
C GLU C 233 37.85 -8.88 8.67
N ARG C 234 38.92 -8.40 9.28
CA ARG C 234 38.86 -7.33 10.23
C ARG C 234 38.37 -6.04 9.64
N PHE C 235 37.52 -5.34 10.42
CA PHE C 235 36.92 -4.07 9.98
C PHE C 235 37.70 -2.91 10.57
N PRO C 236 38.44 -2.16 9.72
CA PRO C 236 39.20 -1.06 10.29
C PRO C 236 38.27 0.05 10.76
N VAL C 237 38.64 0.64 11.89
CA VAL C 237 37.92 1.75 12.48
C VAL C 237 38.90 2.68 13.17
N SER C 238 38.54 3.96 13.23
CA SER C 238 39.30 4.94 13.97
C SER C 238 38.39 5.89 14.74
N VAL C 239 38.85 6.34 15.92
CA VAL C 239 38.09 7.27 16.76
C VAL C 239 38.95 8.48 17.12
N ALA C 240 38.44 9.66 16.77
CA ALA C 240 39.13 10.90 17.07
C ALA C 240 38.49 11.62 18.28
N LEU C 241 39.33 12.00 19.25
CA LEU C 241 38.89 12.77 20.42
C LEU C 241 39.44 14.19 20.39
N GLY C 242 38.55 15.15 20.55
CA GLY C 242 38.94 16.56 20.57
C GLY C 242 39.25 17.16 19.20
N ALA C 243 38.45 16.85 18.19
CA ALA C 243 38.57 17.54 16.93
C ALA C 243 38.05 18.98 17.03
N ASP C 244 38.16 19.75 15.94
CA ASP C 244 37.64 21.13 15.92
C ASP C 244 36.11 21.12 16.02
N PRO C 245 35.52 22.18 16.58
CA PRO C 245 34.08 22.17 16.85
C PRO C 245 33.18 21.93 15.63
N ALA C 246 33.52 22.48 14.48
CA ALA C 246 32.71 22.25 13.29
C ALA C 246 32.64 20.76 12.96
N THR C 247 33.76 20.06 13.05
CA THR C 247 33.76 18.64 12.76
C THR C 247 32.87 17.92 13.77
N ILE C 248 33.00 18.29 15.04
CA ILE C 248 32.23 17.64 16.07
C ILE C 248 30.75 17.85 15.82
N LEU C 249 30.38 19.08 15.52
CA LEU C 249 28.98 19.39 15.32
C LEU C 249 28.53 18.72 14.06
N GLY C 250 29.35 18.76 13.03
CA GLY C 250 29.01 18.04 11.81
C GLY C 250 28.71 16.56 12.08
N ALA C 251 29.44 15.95 13.01
CA ALA C 251 29.30 14.52 13.26
C ALA C 251 27.94 14.19 13.82
N VAL C 252 27.41 15.08 14.65
CA VAL C 252 26.15 14.78 15.33
C VAL C 252 24.96 15.26 14.53
N THR C 253 25.16 16.14 13.57
CA THR C 253 24.07 16.57 12.70
C THR C 253 23.63 15.39 11.83
N PRO C 254 22.31 15.11 11.79
CA PRO C 254 21.89 13.96 10.99
C PRO C 254 21.85 14.33 9.51
N VAL C 255 22.98 14.19 8.85
CA VAL C 255 23.07 14.39 7.41
C VAL C 255 22.74 13.04 6.78
N PRO C 256 22.32 13.04 5.51
CA PRO C 256 21.99 11.71 4.98
C PRO C 256 23.22 10.76 4.91
N ASP C 257 22.98 9.46 5.10
CA ASP C 257 24.01 8.41 5.01
C ASP C 257 24.90 8.53 3.75
N THR C 258 24.35 9.06 2.67
CA THR C 258 25.07 9.27 1.41
C THR C 258 26.26 10.27 1.47
N LEU C 259 26.23 11.14 2.47
CA LEU C 259 27.13 12.28 2.54
C LEU C 259 28.10 12.15 3.73
N SER C 260 29.38 12.40 3.49
CA SER C 260 30.35 12.46 4.60
C SER C 260 30.08 13.66 5.48
N GLU C 261 30.06 13.38 6.78
CA GLU C 261 29.90 14.39 7.80
C GLU C 261 31.10 15.42 7.71
N TYR C 262 32.22 15.03 7.08
CA TYR C 262 33.34 15.96 6.81
C TYR C 262 32.99 17.08 5.84
N ALA C 263 32.12 16.77 4.88
CA ALA C 263 31.69 17.73 3.91
C ALA C 263 30.83 18.81 4.58
N PHE C 264 29.92 18.37 5.42
CA PHE C 264 29.06 19.30 6.12
C PHE C 264 29.82 20.20 7.06
N ALA C 265 30.79 19.64 7.78
CA ALA C 265 31.62 20.45 8.66
C ALA C 265 32.32 21.55 7.85
N GLY C 266 32.74 21.20 6.63
CA GLY C 266 33.30 22.19 5.72
C GLY C 266 32.39 23.38 5.45
N LEU C 267 31.09 23.12 5.29
CA LEU C 267 30.14 24.20 5.01
C LEU C 267 29.94 25.08 6.22
N LEU C 268 29.85 24.47 7.39
CA LEU C 268 29.77 25.22 8.65
C LEU C 268 30.98 26.09 8.88
N ARG C 269 32.15 25.55 8.55
CA ARG C 269 33.41 26.24 8.83
C ARG C 269 33.68 27.37 7.82
N GLY C 270 33.33 27.15 6.56
CA GLY C 270 33.66 28.05 5.46
C GLY C 270 34.85 27.55 4.67
N THR C 271 35.46 26.46 5.13
CA THR C 271 36.67 25.91 4.51
C THR C 271 36.72 24.39 4.66
N LYS C 272 37.39 23.73 3.73
CA LYS C 272 37.59 22.28 3.75
C LYS C 272 38.16 21.80 5.09
N THR C 273 37.69 20.63 5.52
CA THR C 273 38.14 20.03 6.76
C THR C 273 39.54 19.46 6.60
N GLU C 274 40.43 19.89 7.49
CA GLU C 274 41.80 19.42 7.44
C GLU C 274 41.91 18.07 8.13
N VAL C 275 42.45 17.10 7.39
CA VAL C 275 42.49 15.73 7.84
C VAL C 275 43.88 15.10 7.58
N VAL C 276 44.12 13.89 8.12
CA VAL C 276 45.38 13.16 7.95
C VAL C 276 45.06 11.67 7.82
N LYS C 277 45.79 10.94 7.01
CA LYS C 277 45.61 9.50 6.88
C LYS C 277 46.00 8.85 8.22
N CYS C 278 45.26 7.84 8.65
CA CYS C 278 45.63 7.08 9.83
C CYS C 278 46.85 6.24 9.54
N ILE C 279 47.55 5.86 10.59
CA ILE C 279 48.77 5.10 10.49
C ILE C 279 48.51 3.65 10.02
N SER C 280 47.46 3.01 10.51
CA SER C 280 47.23 1.58 10.27
C SER C 280 46.04 1.30 9.38
N ASN C 281 45.44 2.32 8.78
CA ASN C 281 44.38 2.09 7.80
C ASN C 281 44.24 3.28 6.86
N ASP C 282 43.29 3.20 5.93
CA ASP C 282 43.10 4.27 4.94
C ASP C 282 42.03 5.29 5.31
N LEU C 283 41.56 5.26 6.56
CA LEU C 283 40.63 6.27 7.05
C LEU C 283 41.38 7.56 7.37
N GLU C 284 40.71 8.68 7.25
CA GLU C 284 41.32 9.94 7.60
C GLU C 284 40.61 10.53 8.84
N VAL C 285 41.43 11.08 9.73
CA VAL C 285 40.95 11.72 10.94
C VAL C 285 41.39 13.19 10.95
N PRO C 286 40.68 14.03 11.72
CA PRO C 286 40.99 15.47 11.74
C PRO C 286 42.40 15.71 12.20
N ALA C 287 43.08 16.64 11.55
CA ALA C 287 44.52 16.84 11.77
C ALA C 287 44.82 17.43 13.14
N SER C 288 43.91 18.28 13.59
CA SER C 288 44.03 18.94 14.88
C SER C 288 43.53 18.11 16.10
N ALA C 289 43.03 16.90 15.88
CA ALA C 289 42.56 16.04 16.99
C ALA C 289 43.58 15.92 18.12
N GLU C 290 43.09 15.82 19.34
CA GLU C 290 43.97 15.72 20.49
C GLU C 290 44.46 14.29 20.66
N ILE C 291 43.55 13.34 20.48
CA ILE C 291 43.89 11.92 20.60
C ILE C 291 43.18 11.17 19.49
N VAL C 292 43.85 10.17 18.93
CA VAL C 292 43.23 9.29 17.98
C VAL C 292 43.48 7.84 18.36
N LEU C 293 42.42 7.05 18.35
CA LEU C 293 42.52 5.62 18.58
C LEU C 293 42.31 4.94 17.25
N GLU C 294 43.23 4.06 16.86
CA GLU C 294 43.09 3.26 15.62
C GLU C 294 43.05 1.78 15.97
N GLY C 295 42.34 1.03 15.13
CA GLY C 295 42.20 -0.38 15.37
C GLY C 295 41.18 -1.00 14.45
N TYR C 296 40.52 -2.03 14.95
CA TYR C 296 39.63 -2.80 14.11
C TYR C 296 38.65 -3.56 14.97
N ILE C 297 37.62 -4.06 14.31
CA ILE C 297 36.67 -4.96 14.91
C ILE C 297 36.87 -6.37 14.36
N GLU C 298 37.18 -7.30 15.25
CA GLU C 298 37.26 -8.69 14.90
C GLU C 298 35.81 -9.18 14.69
N GLN C 299 35.53 -9.79 13.53
CA GLN C 299 34.18 -10.27 13.26
C GLN C 299 33.73 -11.34 14.25
N GLY C 300 32.49 -11.20 14.72
CA GLY C 300 31.94 -12.08 15.74
C GLY C 300 32.35 -11.79 17.19
N GLU C 301 33.39 -10.97 17.43
CA GLU C 301 33.77 -10.63 18.80
C GLU C 301 32.77 -9.58 19.33
N THR C 302 32.12 -9.96 20.41
CA THR C 302 31.17 -9.11 21.08
C THR C 302 31.38 -9.18 22.61
N ALA C 303 30.86 -8.19 23.32
CA ALA C 303 30.90 -8.21 24.78
C ALA C 303 29.63 -7.63 25.37
N PRO C 304 29.27 -8.09 26.58
CA PRO C 304 28.18 -7.45 27.33
C PRO C 304 28.52 -5.99 27.63
N GLU C 305 27.63 -5.08 27.24
CA GLU C 305 27.85 -3.65 27.41
C GLU C 305 26.90 -3.12 28.47
N GLY C 306 27.43 -2.34 29.39
CA GLY C 306 26.62 -1.72 30.42
C GLY C 306 26.40 -2.60 31.64
N PRO C 307 25.43 -2.23 32.48
CA PRO C 307 24.53 -1.09 32.32
C PRO C 307 25.18 0.30 32.35
N TYR C 308 24.51 1.26 31.72
CA TYR C 308 24.93 2.65 31.70
C TYR C 308 23.73 3.53 31.78
N GLY C 309 23.85 4.61 32.54
CA GLY C 309 22.86 5.65 32.55
C GLY C 309 22.85 6.33 31.20
N ASP C 310 21.65 6.70 30.76
CA ASP C 310 21.27 7.23 29.46
C ASP C 310 20.70 8.63 29.53
N HIS C 311 20.51 9.23 28.36
CA HIS C 311 19.91 10.52 28.22
C HIS C 311 18.45 10.51 28.67
N THR C 312 17.86 9.33 28.86
CA THR C 312 16.51 9.24 29.38
C THR C 312 16.42 9.37 30.88
N GLY C 313 17.57 9.38 31.57
CA GLY C 313 17.57 9.35 33.05
C GLY C 313 17.43 7.98 33.70
N TYR C 314 17.58 6.92 32.93
CA TYR C 314 17.51 5.58 33.45
C TYR C 314 18.69 4.79 33.00
N TYR C 315 18.95 3.67 33.67
CA TYR C 315 20.02 2.80 33.25
C TYR C 315 19.51 1.92 32.13
N ASN C 316 20.26 1.80 31.05
CA ASN C 316 20.07 0.74 30.04
C ASN C 316 20.53 -0.59 30.62
N GLU C 317 19.76 -1.64 30.42
CA GLU C 317 20.20 -2.95 30.83
C GLU C 317 21.30 -3.47 29.88
N VAL C 318 22.04 -4.47 30.38
CA VAL C 318 23.16 -5.08 29.67
C VAL C 318 22.73 -5.62 28.32
N ASP C 319 23.59 -5.48 27.33
CA ASP C 319 23.29 -5.90 25.97
C ASP C 319 24.60 -6.08 25.22
N SER C 320 24.59 -6.87 24.15
CA SER C 320 25.83 -7.22 23.44
C SER C 320 26.19 -6.33 22.23
N PHE C 321 27.44 -5.88 22.17
CA PHE C 321 27.91 -5.07 21.05
C PHE C 321 29.32 -5.45 20.66
N PRO C 322 29.73 -5.09 19.46
CA PRO C 322 31.04 -5.45 18.98
C PRO C 322 32.18 -4.91 19.82
N VAL C 323 33.30 -5.62 19.81
CA VAL C 323 34.50 -5.18 20.47
C VAL C 323 35.43 -4.50 19.48
N PHE C 324 35.89 -3.32 19.84
CA PHE C 324 36.85 -2.53 19.09
C PHE C 324 38.20 -2.77 19.72
N THR C 325 39.10 -3.38 18.96
CA THR C 325 40.47 -3.63 19.45
C THR C 325 41.39 -2.48 19.03
N VAL C 326 42.03 -1.83 19.99
CA VAL C 326 42.87 -0.64 19.71
C VAL C 326 44.35 -1.01 19.51
N THR C 327 44.84 -0.80 18.29
CA THR C 327 46.21 -1.16 17.95
C THR C 327 47.14 0.03 18.07
N HIS C 328 46.59 1.23 17.95
CA HIS C 328 47.39 2.45 18.02
C HIS C 328 46.68 3.55 18.76
N ILE C 329 47.46 4.37 19.47
CA ILE C 329 46.94 5.59 20.06
C ILE C 329 47.92 6.68 19.70
N THR C 330 47.39 7.72 19.11
CA THR C 330 48.15 8.84 18.65
C THR C 330 47.68 10.04 19.39
N GLN C 331 48.57 10.95 19.77
CA GLN C 331 48.14 12.18 20.42
C GLN C 331 49.06 13.37 20.23
N ARG C 332 48.52 14.56 20.50
CA ARG C 332 49.31 15.76 20.63
C ARG C 332 50.15 15.79 21.89
N GLU C 333 51.17 16.65 21.88
CA GLU C 333 52.09 16.71 23.02
C GLU C 333 51.50 16.94 24.41
N ASP C 334 50.54 17.87 24.50
CA ASP C 334 50.02 18.28 25.81
C ASP C 334 48.54 18.09 25.68
N ALA C 335 48.23 16.89 25.19
CA ALA C 335 46.90 16.45 24.87
C ALA C 335 45.86 16.68 25.97
N ILE C 336 44.66 16.99 25.53
CA ILE C 336 43.52 17.31 26.34
C ILE C 336 42.47 16.26 26.04
N TYR C 337 41.80 15.75 27.06
CA TYR C 337 40.81 14.69 26.85
C TYR C 337 39.42 15.26 26.92
N HIS C 338 38.67 15.09 25.86
CA HIS C 338 37.33 15.66 25.74
C HIS C 338 36.28 14.59 26.10
N SER C 339 35.47 14.91 27.08
CA SER C 339 34.47 14.00 27.59
C SER C 339 33.18 14.70 27.91
N THR C 340 32.17 13.89 28.13
CA THR C 340 30.89 14.36 28.59
C THR C 340 30.14 13.25 29.33
N TYR C 341 28.87 13.49 29.59
CA TYR C 341 28.06 12.51 30.27
C TYR C 341 26.69 12.73 29.72
N THR C 342 25.88 11.69 29.76
CA THR C 342 24.42 11.80 29.58
C THR C 342 23.71 11.33 30.83
N GLY C 343 22.55 11.90 31.09
CA GLY C 343 21.75 11.49 32.20
C GLY C 343 20.39 12.12 32.10
N ARG C 344 19.75 12.21 33.23
CA ARG C 344 18.51 12.89 33.29
C ARG C 344 18.70 14.25 32.64
N PRO C 345 17.79 14.65 31.78
CA PRO C 345 18.01 15.98 31.17
C PRO C 345 17.62 17.15 32.08
N PRO C 346 18.19 18.33 31.84
CA PRO C 346 19.08 18.56 30.72
C PRO C 346 20.53 18.13 30.94
N ASP C 347 21.18 17.70 29.87
CA ASP C 347 22.62 17.46 29.82
C ASP C 347 23.17 18.06 28.52
N GLU C 348 24.47 17.99 28.33
CA GLU C 348 25.08 18.59 27.14
C GLU C 348 24.48 18.06 25.82
N PRO C 349 24.31 16.77 25.69
CA PRO C 349 23.65 16.28 24.46
C PRO C 349 22.28 16.88 24.18
N ALA C 350 21.53 17.14 25.23
CA ALA C 350 20.22 17.71 25.08
C ALA C 350 20.28 19.17 24.68
N VAL C 351 21.27 19.89 25.18
CA VAL C 351 21.46 21.27 24.72
C VAL C 351 21.88 21.28 23.25
N LEU C 352 22.76 20.36 22.88
CA LEU C 352 23.08 20.14 21.49
C LEU C 352 21.83 19.90 20.71
N GLY C 353 21.03 18.95 21.14
CA GLY C 353 19.81 18.60 20.44
C GLY C 353 18.80 19.73 20.30
N VAL C 354 18.82 20.71 21.19
CA VAL C 354 17.92 21.83 21.07
C VAL C 354 18.40 22.74 19.98
N ALA C 355 19.68 23.08 20.00
CA ALA C 355 20.26 23.90 18.93
C ALA C 355 20.09 23.25 17.56
N LEU C 356 20.24 21.94 17.46
CA LEU C 356 20.06 21.29 16.18
C LEU C 356 18.63 21.19 15.74
N ASN C 357 17.67 21.41 16.62
CA ASN C 357 16.31 21.53 16.17
C ASN C 357 16.11 22.79 15.35
N GLU C 358 16.79 23.87 15.71
CA GLU C 358 16.65 25.10 14.95
C GLU C 358 17.05 24.86 13.52
N VAL C 359 18.01 24.00 13.31
CA VAL C 359 18.36 23.57 11.99
C VAL C 359 17.19 22.92 11.27
N PHE C 360 16.34 22.17 11.97
CA PHE C 360 15.28 21.42 11.26
C PHE C 360 14.05 22.25 10.93
N VAL C 361 13.77 23.28 11.73
CA VAL C 361 12.57 24.07 11.53
C VAL C 361 12.38 24.49 10.04
N PRO C 362 13.39 25.11 9.40
CA PRO C 362 13.26 25.43 7.98
C PRO C 362 12.98 24.27 7.07
N ILE C 363 13.50 23.08 7.40
CA ILE C 363 13.27 21.91 6.53
C ILE C 363 11.84 21.43 6.67
N LEU C 364 11.32 21.52 7.90
CA LEU C 364 9.92 21.27 8.12
C LEU C 364 9.03 22.31 7.47
N GLN C 365 9.44 23.58 7.54
CA GLN C 365 8.66 24.64 6.92
C GLN C 365 8.63 24.59 5.41
N LYS C 366 9.70 24.15 4.78
CA LYS C 366 9.68 24.03 3.35
C LYS C 366 8.59 23.06 2.98
N GLN C 367 8.45 22.00 3.76
CA GLN C 367 7.50 20.96 3.44
C GLN C 367 6.10 21.29 3.91
N PHE C 368 6.00 21.87 5.10
CA PHE C 368 4.73 22.31 5.67
C PHE C 368 4.80 23.82 5.96
N PRO C 369 4.51 24.63 4.96
CA PRO C 369 4.67 26.08 5.19
C PRO C 369 3.67 26.70 6.16
N GLU C 370 2.72 25.90 6.60
CA GLU C 370 1.82 26.31 7.65
C GLU C 370 2.42 26.30 9.05
N ILE C 371 3.57 25.67 9.22
CA ILE C 371 4.23 25.58 10.50
C ILE C 371 4.96 26.84 10.80
N VAL C 372 4.61 27.47 11.91
CA VAL C 372 5.30 28.68 12.39
C VAL C 372 6.47 28.34 13.30
N ASP C 373 6.27 27.42 14.23
CA ASP C 373 7.37 26.95 15.10
C ASP C 373 7.25 25.46 15.42
N PHE C 374 8.35 24.85 15.78
CA PHE C 374 8.45 23.42 16.02
C PHE C 374 9.51 23.20 17.08
N TYR C 375 9.13 22.67 18.23
CA TYR C 375 10.00 22.64 19.41
C TYR C 375 9.94 21.30 20.08
N LEU C 376 11.10 20.75 20.36
CA LEU C 376 11.22 19.52 21.16
C LEU C 376 11.88 19.83 22.50
N PRO C 377 11.07 19.96 23.53
CA PRO C 377 11.57 20.25 24.86
C PRO C 377 12.65 19.28 25.32
N PRO C 378 13.75 19.78 25.83
CA PRO C 378 14.80 18.90 26.40
C PRO C 378 14.24 17.96 27.46
N GLU C 379 13.33 18.46 28.29
CA GLU C 379 12.71 17.65 29.35
C GLU C 379 11.95 16.43 28.82
N GLY C 380 11.60 16.42 27.52
CA GLY C 380 10.98 15.22 26.91
C GLY C 380 11.98 14.17 26.38
N CYS C 381 13.14 14.08 27.01
CA CYS C 381 14.26 13.31 26.48
C CYS C 381 14.58 13.67 25.05
N SER C 382 14.44 14.97 24.75
CA SER C 382 14.93 15.56 23.52
C SER C 382 14.16 15.21 22.24
N TYR C 383 13.52 14.03 22.17
CA TYR C 383 12.84 13.61 20.95
C TYR C 383 11.39 13.05 21.18
N ARG C 384 10.96 12.91 22.41
CA ARG C 384 9.75 12.16 22.64
C ARG C 384 8.49 13.01 22.63
N LEU C 385 8.64 14.31 22.76
CA LEU C 385 7.52 15.19 22.75
C LEU C 385 7.80 16.39 21.85
N ALA C 386 6.86 16.75 20.98
CA ALA C 386 7.04 17.90 20.11
C ALA C 386 5.88 18.85 20.28
N VAL C 387 6.17 20.14 20.28
CA VAL C 387 5.12 21.13 20.21
C VAL C 387 5.24 21.84 18.87
N VAL C 388 4.13 21.93 18.15
CA VAL C 388 4.11 22.52 16.83
C VAL C 388 3.04 23.57 16.78
N THR C 389 3.37 24.77 16.27
CA THR C 389 2.38 25.82 16.11
C THR C 389 2.15 26.09 14.64
N ILE C 390 0.90 26.28 14.24
CA ILE C 390 0.56 26.45 12.86
C ILE C 390 -0.37 27.59 12.65
N LYS C 391 -0.41 28.03 11.41
CA LYS C 391 -1.42 28.95 10.95
C LYS C 391 -2.46 28.06 10.29
N LYS C 392 -3.53 27.79 11.02
CA LYS C 392 -4.52 26.82 10.60
C LYS C 392 -5.32 27.44 9.48
N GLN C 393 -5.57 26.65 8.44
CA GLN C 393 -6.20 27.08 7.20
C GLN C 393 -7.51 26.33 6.91
N TYR C 394 -7.76 25.21 7.56
CA TYR C 394 -8.99 24.47 7.35
C TYR C 394 -9.28 23.50 8.49
N ALA C 395 -10.53 23.10 8.57
CA ALA C 395 -10.93 22.11 9.56
C ALA C 395 -10.13 20.83 9.41
N GLY C 396 -9.68 20.31 10.54
CA GLY C 396 -8.87 19.10 10.60
C GLY C 396 -7.40 19.31 10.30
N HIS C 397 -6.97 20.53 10.03
CA HIS C 397 -5.56 20.76 9.70
C HIS C 397 -4.56 20.15 10.70
N ALA C 398 -4.84 20.23 11.95
CA ALA C 398 -3.86 19.74 12.93
C ALA C 398 -3.50 18.30 12.66
N LYS C 399 -4.42 17.53 12.15
CA LYS C 399 -4.15 16.10 11.99
C LYS C 399 -3.13 15.85 10.92
N ARG C 400 -3.17 16.66 9.88
CA ARG C 400 -2.19 16.50 8.82
C ARG C 400 -0.81 16.79 9.35
N VAL C 401 -0.71 17.83 10.16
CA VAL C 401 0.57 18.21 10.73
C VAL C 401 1.10 17.14 11.67
N MET C 402 0.25 16.55 12.51
CA MET C 402 0.71 15.46 13.37
C MET C 402 1.28 14.32 12.53
N MET C 403 0.54 13.91 11.51
CA MET C 403 1.01 12.84 10.65
C MET C 403 2.27 13.20 9.90
N GLY C 404 2.42 14.46 9.56
CA GLY C 404 3.66 14.91 8.98
C GLY C 404 4.84 14.79 9.91
N VAL C 405 4.67 15.16 11.16
CA VAL C 405 5.77 15.04 12.10
C VAL C 405 6.14 13.55 12.22
N TRP C 406 5.14 12.71 12.37
CA TRP C 406 5.44 11.32 12.57
C TRP C 406 6.00 10.61 11.31
N SER C 407 5.99 11.26 10.14
CA SER C 407 6.39 10.57 8.92
C SER C 407 7.46 11.23 8.08
N PHE C 408 7.70 12.53 8.23
CA PHE C 408 8.53 13.26 7.30
C PHE C 408 10.00 13.00 7.55
N LEU C 409 10.53 13.33 8.71
CA LEU C 409 11.92 13.09 9.01
C LEU C 409 12.11 11.97 10.01
N ARG C 410 13.15 11.16 9.80
CA ARG C 410 13.39 9.99 10.61
C ARG C 410 13.69 10.33 12.03
N GLN C 411 14.25 11.51 12.30
CA GLN C 411 14.55 11.82 13.71
C GLN C 411 13.29 11.94 14.52
N PHE C 412 12.13 12.23 13.90
CA PHE C 412 10.85 12.30 14.63
C PHE C 412 9.94 11.10 14.52
N MET C 413 10.44 10.01 13.96
CA MET C 413 9.64 8.79 13.80
C MET C 413 9.18 8.14 15.10
N TYR C 414 9.89 8.38 16.19
CA TYR C 414 9.59 7.77 17.47
C TYR C 414 8.95 8.75 18.48
N THR C 415 8.61 9.95 18.02
CA THR C 415 8.05 11.00 18.87
C THR C 415 6.67 10.55 19.33
N LYS C 416 6.49 10.29 20.63
CA LYS C 416 5.24 9.70 21.07
C LYS C 416 4.14 10.69 21.39
N PHE C 417 4.48 11.93 21.71
CA PHE C 417 3.47 12.96 21.90
C PHE C 417 3.72 14.12 20.99
N VAL C 418 2.66 14.60 20.37
CA VAL C 418 2.75 15.79 19.52
C VAL C 418 1.59 16.68 19.91
N ILE C 419 1.90 17.90 20.30
CA ILE C 419 0.87 18.88 20.63
C ILE C 419 0.82 19.91 19.50
N VAL C 420 -0.34 20.13 18.89
CA VAL C 420 -0.48 21.13 17.88
C VAL C 420 -1.32 22.31 18.36
N CYS C 421 -0.84 23.52 18.09
CA CYS C 421 -1.48 24.74 18.53
C CYS C 421 -1.47 25.78 17.44
N ASP C 422 -2.22 26.85 17.66
CA ASP C 422 -2.26 27.99 16.77
C ASP C 422 -1.01 28.89 17.01
N ASP C 423 -0.82 29.85 16.12
CA ASP C 423 0.35 30.73 16.13
C ASP C 423 0.33 31.82 17.21
N ASP C 424 -0.77 32.02 17.92
CA ASP C 424 -0.72 32.92 19.09
C ASP C 424 -0.08 32.29 20.32
N VAL C 425 0.44 31.07 20.19
CA VAL C 425 1.06 30.32 21.27
C VAL C 425 2.54 30.27 21.04
N ASN C 426 3.29 30.51 22.11
CA ASN C 426 4.70 30.33 22.06
C ASN C 426 4.99 28.92 22.46
N ALA C 427 5.45 28.13 21.51
CA ALA C 427 5.67 26.69 21.74
C ALA C 427 6.68 26.40 22.81
N ARG C 428 7.45 27.42 23.19
CA ARG C 428 8.57 27.23 24.11
C ARG C 428 8.26 27.58 25.55
N ASP C 429 7.00 27.90 25.82
CA ASP C 429 6.54 28.35 27.12
C ASP C 429 5.38 27.45 27.51
N TRP C 430 5.60 26.63 28.51
CA TRP C 430 4.53 25.80 28.99
C TRP C 430 3.29 26.55 29.44
N ASN C 431 3.44 27.77 29.91
CA ASN C 431 2.26 28.57 30.24
C ASN C 431 1.34 28.77 29.06
N ASP C 432 1.86 28.92 27.86
CA ASP C 432 0.98 29.11 26.71
C ASP C 432 0.43 27.77 26.24
N VAL C 433 1.28 26.76 26.26
CA VAL C 433 0.91 25.51 25.73
C VAL C 433 -0.16 24.90 26.61
N ILE C 434 0.01 24.94 27.92
CA ILE C 434 -1.00 24.35 28.81
C ILE C 434 -2.27 25.16 28.70
N TRP C 435 -2.15 26.46 28.53
CA TRP C 435 -3.33 27.32 28.40
C TRP C 435 -4.12 26.90 27.17
N ALA C 436 -3.40 26.64 26.09
CA ALA C 436 -4.05 26.19 24.87
C ALA C 436 -4.70 24.81 25.02
N ILE C 437 -3.96 23.86 25.56
CA ILE C 437 -4.52 22.55 25.83
C ILE C 437 -5.80 22.62 26.67
N THR C 438 -5.78 23.39 27.75
CA THR C 438 -6.90 23.37 28.66
C THR C 438 -8.03 24.29 28.27
N THR C 439 -7.84 25.17 27.28
CA THR C 439 -8.96 26.00 26.83
C THR C 439 -9.41 25.67 25.40
N ARG C 440 -8.62 24.92 24.64
CA ARG C 440 -9.03 24.59 23.27
C ARG C 440 -9.30 23.15 22.95
N MET C 441 -9.17 22.26 23.93
CA MET C 441 -9.42 20.83 23.73
C MET C 441 -10.59 20.27 24.53
N ASP C 442 -11.38 19.43 23.85
CA ASP C 442 -12.15 18.35 24.52
C ASP C 442 -11.35 17.10 24.37
N PRO C 443 -10.84 16.57 25.46
CA PRO C 443 -9.89 15.46 25.38
C PRO C 443 -10.31 14.35 24.46
N ALA C 444 -11.53 13.83 24.56
CA ALA C 444 -11.88 12.66 23.73
C ALA C 444 -12.03 13.02 22.28
N ARG C 445 -12.62 14.17 22.00
CA ARG C 445 -12.73 14.64 20.61
C ARG C 445 -11.39 14.95 19.93
N ASP C 446 -10.42 15.48 20.67
CA ASP C 446 -9.26 16.18 20.08
C ASP C 446 -7.94 15.51 20.32
N THR C 447 -7.98 14.29 20.83
CA THR C 447 -6.81 13.47 21.07
C THR C 447 -6.83 12.37 20.05
N VAL C 448 -5.74 12.21 19.34
CA VAL C 448 -5.59 11.15 18.36
C VAL C 448 -4.60 10.13 18.89
N LEU C 449 -5.00 8.86 18.91
CA LEU C 449 -4.17 7.76 19.37
C LEU C 449 -3.95 6.79 18.22
N VAL C 450 -2.70 6.42 17.97
CA VAL C 450 -2.41 5.44 17.00
C VAL C 450 -1.64 4.35 17.61
N GLU C 451 -2.11 3.13 17.48
CA GLU C 451 -1.48 1.95 18.05
C GLU C 451 -0.53 1.27 17.11
N ASN C 452 0.40 0.51 17.66
CA ASN C 452 1.27 -0.36 16.90
C ASN C 452 2.12 0.37 15.90
N THR C 453 2.84 1.36 16.40
CA THR C 453 3.75 2.15 15.61
C THR C 453 5.17 1.92 16.07
N PRO C 454 6.13 2.25 15.21
CA PRO C 454 7.49 2.05 15.61
C PRO C 454 7.88 2.85 16.81
N ILE C 455 8.64 2.23 17.71
CA ILE C 455 9.12 2.87 18.93
C ILE C 455 10.52 2.32 19.18
N ASP C 456 11.33 3.17 19.80
CA ASP C 456 12.68 2.85 20.21
C ASP C 456 12.64 1.56 21.04
N TYR C 457 13.47 0.58 20.71
CA TYR C 457 13.43 -0.68 21.44
C TYR C 457 13.85 -0.53 22.92
N LEU C 458 14.62 0.50 23.24
CA LEU C 458 14.98 0.79 24.62
C LEU C 458 13.93 1.50 25.42
N ASP C 459 12.86 1.94 24.78
CA ASP C 459 11.81 2.58 25.54
C ASP C 459 10.95 1.51 26.20
N PHE C 460 11.22 1.28 27.49
CA PHE C 460 10.63 0.21 28.26
C PHE C 460 9.18 0.47 28.63
N ALA C 461 8.67 1.65 28.30
CA ALA C 461 7.29 1.98 28.60
C ALA C 461 6.31 1.42 27.58
N SER C 462 6.78 1.09 26.39
CA SER C 462 5.89 0.56 25.37
C SER C 462 5.59 -0.87 25.72
N PRO C 463 4.44 -1.37 25.29
CA PRO C 463 4.01 -2.73 25.74
C PRO C 463 4.86 -3.85 25.20
N VAL C 464 5.46 -3.64 24.05
CA VAL C 464 6.33 -4.62 23.46
C VAL C 464 7.54 -3.92 22.89
N SER C 465 8.68 -4.57 22.97
CA SER C 465 9.86 -3.99 22.44
C SER C 465 9.71 -3.60 20.97
N GLY C 466 10.02 -2.36 20.66
CA GLY C 466 9.96 -1.86 19.29
C GLY C 466 8.60 -1.42 18.75
N LEU C 467 7.56 -1.54 19.55
CA LEU C 467 6.21 -1.30 19.09
C LEU C 467 5.35 -0.63 20.19
N GLY C 468 4.68 0.47 19.86
CA GLY C 468 3.91 1.18 20.84
C GLY C 468 3.04 2.25 20.23
N SER C 469 2.39 3.05 21.05
CA SER C 469 1.40 3.96 20.54
C SER C 469 1.91 5.36 20.60
N LYS C 470 1.17 6.22 19.91
CA LYS C 470 1.47 7.63 19.80
C LYS C 470 0.21 8.43 20.05
N MET C 471 0.39 9.64 20.54
CA MET C 471 -0.72 10.49 20.89
C MET C 471 -0.50 11.87 20.34
N GLY C 472 -1.50 12.41 19.65
CA GLY C 472 -1.46 13.80 19.20
C GLY C 472 -2.57 14.56 19.81
N LEU C 473 -2.28 15.73 20.33
CA LEU C 473 -3.26 16.59 20.98
C LEU C 473 -3.51 17.75 20.00
N ASP C 474 -4.72 17.81 19.49
CA ASP C 474 -5.12 18.93 18.66
C ASP C 474 -5.61 19.99 19.59
N ALA C 475 -4.77 20.97 19.86
CA ALA C 475 -5.15 22.07 20.74
C ALA C 475 -5.34 23.36 19.97
N THR C 476 -5.74 23.25 18.70
CA THR C 476 -6.00 24.43 17.91
C THR C 476 -7.39 24.94 18.18
N ASN C 477 -7.65 26.19 17.80
CA ASN C 477 -9.01 26.70 17.81
C ASN C 477 -9.86 25.93 16.84
N LYS C 478 -11.07 25.57 17.29
CA LYS C 478 -11.92 24.70 16.51
C LYS C 478 -12.87 25.50 15.66
N TRP C 479 -12.98 25.13 14.40
CA TRP C 479 -13.67 25.90 13.40
C TRP C 479 -15.04 25.31 13.25
N PRO C 480 -15.93 25.99 12.53
CA PRO C 480 -17.26 25.39 12.33
C PRO C 480 -17.08 24.04 11.66
N GLY C 481 -17.85 23.03 12.08
CA GLY C 481 -17.64 21.69 11.59
C GLY C 481 -16.94 20.86 12.61
N GLU C 482 -15.96 21.43 13.28
CA GLU C 482 -15.27 20.76 14.41
C GLU C 482 -16.05 20.94 15.71
N THR C 483 -16.83 22.01 15.78
CA THR C 483 -17.63 22.31 16.94
C THR C 483 -18.82 23.00 16.44
N GLN C 484 -19.90 22.88 17.19
CA GLN C 484 -21.14 23.63 16.96
C GLN C 484 -21.27 24.80 17.95
N ARG C 485 -20.33 24.98 18.86
CA ARG C 485 -20.40 26.08 19.82
C ARG C 485 -19.81 27.40 19.32
N GLU C 486 -20.03 28.42 20.12
CA GLU C 486 -19.55 29.73 19.87
C GLU C 486 -18.18 29.74 20.53
N TRP C 487 -17.14 29.82 19.71
CA TRP C 487 -15.78 29.71 20.19
C TRP C 487 -15.38 30.99 20.86
N GLY C 488 -14.44 30.93 21.81
CA GLY C 488 -14.09 32.08 22.58
C GLY C 488 -13.21 33.01 21.80
N ARG C 489 -13.46 34.30 22.02
CA ARG C 489 -12.62 35.39 21.52
C ARG C 489 -11.58 35.70 22.62
N PRO C 490 -10.31 35.60 22.29
CA PRO C 490 -9.32 35.81 23.32
C PRO C 490 -9.23 37.27 23.67
N ILE C 491 -8.78 37.55 24.89
CA ILE C 491 -8.60 38.90 25.37
C ILE C 491 -7.35 39.49 24.76
N LYS C 492 -7.47 40.54 23.94
CA LYS C 492 -6.30 41.29 23.42
C LYS C 492 -6.20 42.60 24.13
N LYS C 493 -4.98 42.94 24.54
CA LYS C 493 -4.67 44.25 25.08
C LYS C 493 -4.75 45.37 24.07
N ASP C 494 -5.04 46.59 24.55
CA ASP C 494 -4.99 47.79 23.73
C ASP C 494 -3.53 48.24 23.59
N PRO C 495 -2.99 48.22 22.35
CA PRO C 495 -1.57 48.63 22.17
C PRO C 495 -1.28 50.08 22.59
N ASP C 496 -2.27 50.98 22.50
CA ASP C 496 -2.08 52.35 23.05
C ASP C 496 -1.83 52.42 24.57
N VAL C 497 -2.55 51.60 25.33
CA VAL C 497 -2.40 51.52 26.76
C VAL C 497 -1.09 50.87 27.08
N VAL C 498 -0.76 49.82 26.34
CA VAL C 498 0.53 49.15 26.56
C VAL C 498 1.68 50.15 26.37
N ALA C 499 1.65 50.90 25.28
CA ALA C 499 2.70 51.83 24.99
C ALA C 499 2.75 52.97 26.01
N HIS C 500 1.58 53.48 26.42
CA HIS C 500 1.53 54.56 27.41
C HIS C 500 2.16 54.10 28.75
N ILE C 501 1.86 52.88 29.14
CA ILE C 501 2.45 52.38 30.36
C ILE C 501 3.95 52.11 30.19
N ASP C 502 4.39 51.62 29.02
CA ASP C 502 5.82 51.53 28.75
C ASP C 502 6.45 52.89 28.97
N ALA C 503 5.79 53.95 28.53
CA ALA C 503 6.38 55.28 28.64
C ALA C 503 6.55 55.78 30.07
N ILE C 504 5.61 55.49 30.97
CA ILE C 504 5.72 55.96 32.35
C ILE C 504 6.23 54.92 33.29
N TRP C 505 6.60 53.75 32.77
CA TRP C 505 7.03 52.69 33.64
C TRP C 505 8.12 53.09 34.64
N ASP C 506 9.21 53.68 34.16
CA ASP C 506 10.35 54.04 35.00
C ASP C 506 9.92 55.05 36.07
N GLU C 507 9.13 56.05 35.66
CA GLU C 507 8.66 57.09 36.58
C GLU C 507 7.75 56.51 37.66
N LEU C 508 6.91 55.54 37.32
CA LEU C 508 6.11 54.82 38.32
C LEU C 508 6.93 54.20 39.42
N ALA C 509 8.08 53.65 39.05
CA ALA C 509 9.11 53.25 40.02
C ALA C 509 8.64 52.19 40.98
N ILE C 510 8.05 51.13 40.45
CA ILE C 510 7.53 50.07 41.32
C ILE C 510 8.65 49.16 41.86
N PHE C 511 9.81 49.15 41.20
CA PHE C 511 10.91 48.27 41.59
C PHE C 511 12.21 49.09 41.72
#